data_8T5E
# 
_entry.id   8T5E 
# 
_audit_conform.dict_name       mmcif_pdbx.dic 
_audit_conform.dict_version    5.398 
_audit_conform.dict_location   http://mmcif.pdb.org/dictionaries/ascii/mmcif_pdbx.dic 
# 
loop_
_database_2.database_id 
_database_2.database_code 
_database_2.pdbx_database_accession 
_database_2.pdbx_DOI 
PDB   8T5E         pdb_00008t5e 10.2210/pdb8t5e/pdb 
WWPDB D_1000275258 ?            ?                   
# 
loop_
_pdbx_audit_revision_history.ordinal 
_pdbx_audit_revision_history.data_content_type 
_pdbx_audit_revision_history.major_revision 
_pdbx_audit_revision_history.minor_revision 
_pdbx_audit_revision_history.revision_date 
1 'Structure model' 1 0 2024-01-10 
2 'Structure model' 1 1 2024-02-14 
3 'Structure model' 1 2 2024-11-06 
# 
_pdbx_audit_revision_details.ordinal             1 
_pdbx_audit_revision_details.revision_ordinal    1 
_pdbx_audit_revision_details.data_content_type   'Structure model' 
_pdbx_audit_revision_details.provider            repository 
_pdbx_audit_revision_details.type                'Initial release' 
_pdbx_audit_revision_details.description         ? 
_pdbx_audit_revision_details.details             ? 
# 
loop_
_pdbx_audit_revision_group.ordinal 
_pdbx_audit_revision_group.revision_ordinal 
_pdbx_audit_revision_group.data_content_type 
_pdbx_audit_revision_group.group 
1 2 'Structure model' 'Database references' 
2 3 'Structure model' 'Structure summary'   
# 
loop_
_pdbx_audit_revision_category.ordinal 
_pdbx_audit_revision_category.revision_ordinal 
_pdbx_audit_revision_category.data_content_type 
_pdbx_audit_revision_category.category 
1 2 'Structure model' citation                  
2 2 'Structure model' citation_author           
3 3 'Structure model' pdbx_entry_details        
4 3 'Structure model' pdbx_modification_feature 
# 
loop_
_pdbx_audit_revision_item.ordinal 
_pdbx_audit_revision_item.revision_ordinal 
_pdbx_audit_revision_item.data_content_type 
_pdbx_audit_revision_item.item 
1 2 'Structure model' '_citation.journal_volume' 
2 2 'Structure model' '_citation.page_first'     
3 2 'Structure model' '_citation.page_last'      
4 2 'Structure model' '_citation.year'           
5 2 'Structure model' '_citation_author.name'    
# 
_pdbx_database_status.status_code                     REL 
_pdbx_database_status.status_code_sf                  REL 
_pdbx_database_status.status_code_mr                  ? 
_pdbx_database_status.entry_id                        8T5E 
_pdbx_database_status.recvd_initial_deposition_date   2023-06-13 
_pdbx_database_status.SG_entry                        N 
_pdbx_database_status.deposit_site                    RCSB 
_pdbx_database_status.process_site                    RCSB 
_pdbx_database_status.status_code_cs                  ? 
_pdbx_database_status.status_code_nmr_data            ? 
_pdbx_database_status.methods_development_category    ? 
_pdbx_database_status.pdb_format_compatible           Y 
# 
_pdbx_contact_author.id                 2 
_pdbx_contact_author.email              dabaker@uw.edu 
_pdbx_contact_author.name_first         David 
_pdbx_contact_author.name_last          Baker 
_pdbx_contact_author.name_mi            ? 
_pdbx_contact_author.role               'principal investigator/group leader' 
_pdbx_contact_author.identifier_ORCID   0000-0001-7896-6217 
# 
loop_
_audit_author.name 
_audit_author.pdbx_ordinal 
_audit_author.identifier_ORCID 
'Torres, S.V.'  1 ? 
'Leung, P.J.Y.' 2 ? 
'Bera, A.K.'    3 ? 
'Baker, D.'     4 ? 
'Kang, A.'      5 ? 
# 
_citation.abstract                  ? 
_citation.abstract_id_CAS           ? 
_citation.book_id_ISBN              ? 
_citation.book_publisher            ? 
_citation.book_publisher_city       ? 
_citation.book_title                ? 
_citation.coordinate_linkage        ? 
_citation.country                   UK 
_citation.database_id_Medline       ? 
_citation.details                   ? 
_citation.id                        primary 
_citation.journal_abbrev            Nature 
_citation.journal_id_ASTM           NATUAS 
_citation.journal_id_CSD            0006 
_citation.journal_id_ISSN           1476-4687 
_citation.journal_full              ? 
_citation.journal_issue             ? 
_citation.journal_volume            626 
_citation.language                  ? 
_citation.page_first                435 
_citation.page_last                 442 
_citation.title                     'De novo design of high-affinity binders of bioactive helical peptides.' 
_citation.year                      2024 
_citation.database_id_CSD           ? 
_citation.pdbx_database_id_DOI      10.1038/s41586-023-06953-1 
_citation.pdbx_database_id_PubMed   38109936 
_citation.pdbx_database_id_patent   ? 
_citation.unpublished_flag          ? 
# 
loop_
_citation_author.citation_id 
_citation_author.name 
_citation_author.ordinal 
_citation_author.identifier_ORCID 
primary 'Vazquez Torres, S.' 1  ?                   
primary 'Leung, P.J.Y.'      2  ?                   
primary 'Venkatesh, P.'      3  ?                   
primary 'Lutz, I.D.'         4  ?                   
primary 'Hink, F.'           5  0000-0003-3483-2596 
primary 'Huynh, H.H.'        6  ?                   
primary 'Becker, J.'         7  ?                   
primary 'Yeh, A.H.'          8  ?                   
primary 'Juergens, D.'       9  0000-0001-6425-8391 
primary 'Bennett, N.R.'      10 0000-0001-8590-1454 
primary 'Hoofnagle, A.N.'    11 0000-0002-6449-0243 
primary 'Huang, E.'          12 ?                   
primary 'MacCoss, M.J.'      13 0000-0003-1853-0256 
primary 'Exposit, M.'        14 ?                   
primary 'Lee, G.R.'          15 0000-0002-9119-5303 
primary 'Bera, A.K.'         16 0000-0001-9473-2912 
primary 'Kang, A.'           17 ?                   
primary 'De La Cruz, J.'     18 ?                   
primary 'Levine, P.M.'       19 ?                   
primary 'Li, X.'             20 ?                   
primary 'Lamb, M.'           21 ?                   
primary 'Gerben, S.R.'       22 ?                   
primary 'Murray, A.'         23 ?                   
primary 'Heine, P.'          24 ?                   
primary 'Korkmaz, E.N.'      25 ?                   
primary 'Nivala, J.'         26 0000-0002-8210-5417 
primary 'Stewart, L.'        27 ?                   
primary 'Watson, J.L.'       28 ?                   
primary 'Rogers, J.M.'       29 ?                   
primary 'Baker, D.'          30 0000-0001-7896-6217 
# 
loop_
_entity.id 
_entity.type 
_entity.src_method 
_entity.pdbx_description 
_entity.formula_weight 
_entity.pdbx_number_of_molecules 
_entity.pdbx_ec 
_entity.pdbx_mutation 
_entity.pdbx_fragment 
_entity.details 
1 polymer man Bim_fulldiff            16226.788 1 ? ? ? ? 
2 polymer syn 'Bcl-2-like protein 11' 3274.691  1 ? ? ? ? 
# 
_entity_name_com.entity_id   2 
_entity_name_com.name        'Bcl2-L-11,Bcl2-interacting mediator of cell death' 
# 
loop_
_entity_poly.entity_id 
_entity_poly.type 
_entity_poly.nstd_linkage 
_entity_poly.nstd_monomer 
_entity_poly.pdbx_seq_one_letter_code 
_entity_poly.pdbx_seq_one_letter_code_can 
_entity_poly.pdbx_strand_id 
_entity_poly.pdbx_target_identifier 
1 'polypeptide(L)' no no 
;MSGEEERKEKREKVRAGLKRAIAELPAEVAARCLALLDDASDEEFIEAVLEVLEAMREALVAMAREGRLDAVRRATSHIN
EVLVDAAELALEKGREYFRRLCLIVCDMMIELIRLEPEQTPELRRIRERLEEIRRRLEGSG
;
;MSGEEERKEKREKVRAGLKRAIAELPAEVAARCLALLDDASDEEFIEAVLEVLEAMREALVAMAREGRLDAVRRATSHIN
EVLVDAAELALEKGREYFRRLCLIVCDMMIELIRLEPEQTPELRRIRERLEEIRRRLEGSG
;
A ? 
2 'polypeptide(L)' no no DMRPEIWIAQELRRIGDEFNAYYARR DMRPEIWIAQELRRIGDEFNAYYARR B ? 
# 
loop_
_entity_poly_seq.entity_id 
_entity_poly_seq.num 
_entity_poly_seq.mon_id 
_entity_poly_seq.hetero 
1 1   MET n 
1 2   SER n 
1 3   GLY n 
1 4   GLU n 
1 5   GLU n 
1 6   GLU n 
1 7   ARG n 
1 8   LYS n 
1 9   GLU n 
1 10  LYS n 
1 11  ARG n 
1 12  GLU n 
1 13  LYS n 
1 14  VAL n 
1 15  ARG n 
1 16  ALA n 
1 17  GLY n 
1 18  LEU n 
1 19  LYS n 
1 20  ARG n 
1 21  ALA n 
1 22  ILE n 
1 23  ALA n 
1 24  GLU n 
1 25  LEU n 
1 26  PRO n 
1 27  ALA n 
1 28  GLU n 
1 29  VAL n 
1 30  ALA n 
1 31  ALA n 
1 32  ARG n 
1 33  CYS n 
1 34  LEU n 
1 35  ALA n 
1 36  LEU n 
1 37  LEU n 
1 38  ASP n 
1 39  ASP n 
1 40  ALA n 
1 41  SER n 
1 42  ASP n 
1 43  GLU n 
1 44  GLU n 
1 45  PHE n 
1 46  ILE n 
1 47  GLU n 
1 48  ALA n 
1 49  VAL n 
1 50  LEU n 
1 51  GLU n 
1 52  VAL n 
1 53  LEU n 
1 54  GLU n 
1 55  ALA n 
1 56  MET n 
1 57  ARG n 
1 58  GLU n 
1 59  ALA n 
1 60  LEU n 
1 61  VAL n 
1 62  ALA n 
1 63  MET n 
1 64  ALA n 
1 65  ARG n 
1 66  GLU n 
1 67  GLY n 
1 68  ARG n 
1 69  LEU n 
1 70  ASP n 
1 71  ALA n 
1 72  VAL n 
1 73  ARG n 
1 74  ARG n 
1 75  ALA n 
1 76  THR n 
1 77  SER n 
1 78  HIS n 
1 79  ILE n 
1 80  ASN n 
1 81  GLU n 
1 82  VAL n 
1 83  LEU n 
1 84  VAL n 
1 85  ASP n 
1 86  ALA n 
1 87  ALA n 
1 88  GLU n 
1 89  LEU n 
1 90  ALA n 
1 91  LEU n 
1 92  GLU n 
1 93  LYS n 
1 94  GLY n 
1 95  ARG n 
1 96  GLU n 
1 97  TYR n 
1 98  PHE n 
1 99  ARG n 
1 100 ARG n 
1 101 LEU n 
1 102 CYS n 
1 103 LEU n 
1 104 ILE n 
1 105 VAL n 
1 106 CYS n 
1 107 ASP n 
1 108 MET n 
1 109 MET n 
1 110 ILE n 
1 111 GLU n 
1 112 LEU n 
1 113 ILE n 
1 114 ARG n 
1 115 LEU n 
1 116 GLU n 
1 117 PRO n 
1 118 GLU n 
1 119 GLN n 
1 120 THR n 
1 121 PRO n 
1 122 GLU n 
1 123 LEU n 
1 124 ARG n 
1 125 ARG n 
1 126 ILE n 
1 127 ARG n 
1 128 GLU n 
1 129 ARG n 
1 130 LEU n 
1 131 GLU n 
1 132 GLU n 
1 133 ILE n 
1 134 ARG n 
1 135 ARG n 
1 136 ARG n 
1 137 LEU n 
1 138 GLU n 
1 139 GLY n 
1 140 SER n 
1 141 GLY n 
2 1   ASP n 
2 2   MET n 
2 3   ARG n 
2 4   PRO n 
2 5   GLU n 
2 6   ILE n 
2 7   TRP n 
2 8   ILE n 
2 9   ALA n 
2 10  GLN n 
2 11  GLU n 
2 12  LEU n 
2 13  ARG n 
2 14  ARG n 
2 15  ILE n 
2 16  GLY n 
2 17  ASP n 
2 18  GLU n 
2 19  PHE n 
2 20  ASN n 
2 21  ALA n 
2 22  TYR n 
2 23  TYR n 
2 24  ALA n 
2 25  ARG n 
2 26  ARG n 
# 
_entity_src_gen.entity_id                          1 
_entity_src_gen.pdbx_src_id                        1 
_entity_src_gen.pdbx_alt_source_flag               sample 
_entity_src_gen.pdbx_seq_type                      'Biological sequence' 
_entity_src_gen.pdbx_beg_seq_num                   1 
_entity_src_gen.pdbx_end_seq_num                   141 
_entity_src_gen.gene_src_common_name               ? 
_entity_src_gen.gene_src_genus                     ? 
_entity_src_gen.pdbx_gene_src_gene                 ? 
_entity_src_gen.gene_src_species                   ? 
_entity_src_gen.gene_src_strain                    ? 
_entity_src_gen.gene_src_tissue                    ? 
_entity_src_gen.gene_src_tissue_fraction           ? 
_entity_src_gen.gene_src_details                   ? 
_entity_src_gen.pdbx_gene_src_fragment             ? 
_entity_src_gen.pdbx_gene_src_scientific_name      'synthetic construct' 
_entity_src_gen.pdbx_gene_src_ncbi_taxonomy_id     32630 
_entity_src_gen.pdbx_gene_src_variant              ? 
_entity_src_gen.pdbx_gene_src_cell_line            ? 
_entity_src_gen.pdbx_gene_src_atcc                 ? 
_entity_src_gen.pdbx_gene_src_organ                ? 
_entity_src_gen.pdbx_gene_src_organelle            ? 
_entity_src_gen.pdbx_gene_src_cell                 ? 
_entity_src_gen.pdbx_gene_src_cellular_location    ? 
_entity_src_gen.host_org_common_name               ? 
_entity_src_gen.pdbx_host_org_scientific_name      'Escherichia coli' 
_entity_src_gen.pdbx_host_org_ncbi_taxonomy_id     562 
_entity_src_gen.host_org_genus                     ? 
_entity_src_gen.pdbx_host_org_gene                 ? 
_entity_src_gen.pdbx_host_org_organ                ? 
_entity_src_gen.host_org_species                   ? 
_entity_src_gen.pdbx_host_org_tissue               ? 
_entity_src_gen.pdbx_host_org_tissue_fraction      ? 
_entity_src_gen.pdbx_host_org_strain               ? 
_entity_src_gen.pdbx_host_org_variant              ? 
_entity_src_gen.pdbx_host_org_cell_line            ? 
_entity_src_gen.pdbx_host_org_atcc                 ? 
_entity_src_gen.pdbx_host_org_culture_collection   ? 
_entity_src_gen.pdbx_host_org_cell                 ? 
_entity_src_gen.pdbx_host_org_organelle            ? 
_entity_src_gen.pdbx_host_org_cellular_location    ? 
_entity_src_gen.pdbx_host_org_vector_type          ? 
_entity_src_gen.pdbx_host_org_vector               ? 
_entity_src_gen.host_org_details                   ? 
_entity_src_gen.expression_system_id               ? 
_entity_src_gen.plasmid_name                       ? 
_entity_src_gen.plasmid_details                    ? 
_entity_src_gen.pdbx_description                   ? 
# 
_pdbx_entity_src_syn.entity_id              2 
_pdbx_entity_src_syn.pdbx_src_id            1 
_pdbx_entity_src_syn.pdbx_alt_source_flag   sample 
_pdbx_entity_src_syn.pdbx_beg_seq_num       1 
_pdbx_entity_src_syn.pdbx_end_seq_num       26 
_pdbx_entity_src_syn.organism_scientific    'Homo sapiens' 
_pdbx_entity_src_syn.organism_common_name   human 
_pdbx_entity_src_syn.ncbi_taxonomy_id       9606 
_pdbx_entity_src_syn.details                ? 
# 
loop_
_chem_comp.id 
_chem_comp.type 
_chem_comp.mon_nstd_flag 
_chem_comp.name 
_chem_comp.pdbx_synonyms 
_chem_comp.formula 
_chem_comp.formula_weight 
ALA 'L-peptide linking' y ALANINE         ? 'C3 H7 N O2'     89.093  
ARG 'L-peptide linking' y ARGININE        ? 'C6 H15 N4 O2 1' 175.209 
ASN 'L-peptide linking' y ASPARAGINE      ? 'C4 H8 N2 O3'    132.118 
ASP 'L-peptide linking' y 'ASPARTIC ACID' ? 'C4 H7 N O4'     133.103 
CYS 'L-peptide linking' y CYSTEINE        ? 'C3 H7 N O2 S'   121.158 
GLN 'L-peptide linking' y GLUTAMINE       ? 'C5 H10 N2 O3'   146.144 
GLU 'L-peptide linking' y 'GLUTAMIC ACID' ? 'C5 H9 N O4'     147.129 
GLY 'peptide linking'   y GLYCINE         ? 'C2 H5 N O2'     75.067  
HIS 'L-peptide linking' y HISTIDINE       ? 'C6 H10 N3 O2 1' 156.162 
ILE 'L-peptide linking' y ISOLEUCINE      ? 'C6 H13 N O2'    131.173 
LEU 'L-peptide linking' y LEUCINE         ? 'C6 H13 N O2'    131.173 
LYS 'L-peptide linking' y LYSINE          ? 'C6 H15 N2 O2 1' 147.195 
MET 'L-peptide linking' y METHIONINE      ? 'C5 H11 N O2 S'  149.211 
PHE 'L-peptide linking' y PHENYLALANINE   ? 'C9 H11 N O2'    165.189 
PRO 'L-peptide linking' y PROLINE         ? 'C5 H9 N O2'     115.130 
SER 'L-peptide linking' y SERINE          ? 'C3 H7 N O3'     105.093 
THR 'L-peptide linking' y THREONINE       ? 'C4 H9 N O3'     119.119 
TRP 'L-peptide linking' y TRYPTOPHAN      ? 'C11 H12 N2 O2'  204.225 
TYR 'L-peptide linking' y TYROSINE        ? 'C9 H11 N O3'    181.189 
VAL 'L-peptide linking' y VALINE          ? 'C5 H11 N O2'    117.146 
# 
loop_
_pdbx_poly_seq_scheme.asym_id 
_pdbx_poly_seq_scheme.entity_id 
_pdbx_poly_seq_scheme.seq_id 
_pdbx_poly_seq_scheme.mon_id 
_pdbx_poly_seq_scheme.ndb_seq_num 
_pdbx_poly_seq_scheme.pdb_seq_num 
_pdbx_poly_seq_scheme.auth_seq_num 
_pdbx_poly_seq_scheme.pdb_mon_id 
_pdbx_poly_seq_scheme.auth_mon_id 
_pdbx_poly_seq_scheme.pdb_strand_id 
_pdbx_poly_seq_scheme.pdb_ins_code 
_pdbx_poly_seq_scheme.hetero 
A 1 1   MET 1   -2  ?   ?   ?   A . n 
A 1 2   SER 2   -1  ?   ?   ?   A . n 
A 1 3   GLY 3   0   ?   ?   ?   A . n 
A 1 4   GLU 4   1   ?   ?   ?   A . n 
A 1 5   GLU 5   2   2   GLU GLU A . n 
A 1 6   GLU 6   3   3   GLU GLU A . n 
A 1 7   ARG 7   4   4   ARG ARG A . n 
A 1 8   LYS 8   5   5   LYS LYS A . n 
A 1 9   GLU 9   6   6   GLU GLU A . n 
A 1 10  LYS 10  7   7   LYS LYS A . n 
A 1 11  ARG 11  8   8   ARG ARG A . n 
A 1 12  GLU 12  9   9   GLU GLU A . n 
A 1 13  LYS 13  10  10  LYS LYS A . n 
A 1 14  VAL 14  11  11  VAL VAL A . n 
A 1 15  ARG 15  12  12  ARG ARG A . n 
A 1 16  ALA 16  13  13  ALA ALA A . n 
A 1 17  GLY 17  14  14  GLY GLY A . n 
A 1 18  LEU 18  15  15  LEU LEU A . n 
A 1 19  LYS 19  16  16  LYS LYS A . n 
A 1 20  ARG 20  17  17  ARG ARG A . n 
A 1 21  ALA 21  18  18  ALA ALA A . n 
A 1 22  ILE 22  19  19  ILE ILE A . n 
A 1 23  ALA 23  20  20  ALA ALA A . n 
A 1 24  GLU 24  21  21  GLU GLU A . n 
A 1 25  LEU 25  22  22  LEU LEU A . n 
A 1 26  PRO 26  23  23  PRO PRO A . n 
A 1 27  ALA 27  24  24  ALA ALA A . n 
A 1 28  GLU 28  25  25  GLU GLU A . n 
A 1 29  VAL 29  26  26  VAL VAL A . n 
A 1 30  ALA 30  27  27  ALA ALA A . n 
A 1 31  ALA 31  28  28  ALA ALA A . n 
A 1 32  ARG 32  29  29  ARG ARG A . n 
A 1 33  CYS 33  30  30  CYS CYS A . n 
A 1 34  LEU 34  31  31  LEU LEU A . n 
A 1 35  ALA 35  32  32  ALA ALA A . n 
A 1 36  LEU 36  33  33  LEU LEU A . n 
A 1 37  LEU 37  34  34  LEU LEU A . n 
A 1 38  ASP 38  35  35  ASP ASP A . n 
A 1 39  ASP 39  36  36  ASP ASP A . n 
A 1 40  ALA 40  37  37  ALA ALA A . n 
A 1 41  SER 41  38  38  SER SER A . n 
A 1 42  ASP 42  39  39  ASP ASP A . n 
A 1 43  GLU 43  40  40  GLU GLU A . n 
A 1 44  GLU 44  41  41  GLU GLU A . n 
A 1 45  PHE 45  42  42  PHE PHE A . n 
A 1 46  ILE 46  43  43  ILE ILE A . n 
A 1 47  GLU 47  44  44  GLU GLU A . n 
A 1 48  ALA 48  45  45  ALA ALA A . n 
A 1 49  VAL 49  46  46  VAL VAL A . n 
A 1 50  LEU 50  47  47  LEU LEU A . n 
A 1 51  GLU 51  48  48  GLU GLU A . n 
A 1 52  VAL 52  49  49  VAL VAL A . n 
A 1 53  LEU 53  50  50  LEU LEU A . n 
A 1 54  GLU 54  51  51  GLU GLU A . n 
A 1 55  ALA 55  52  52  ALA ALA A . n 
A 1 56  MET 56  53  53  MET MET A . n 
A 1 57  ARG 57  54  54  ARG ARG A . n 
A 1 58  GLU 58  55  55  GLU GLU A . n 
A 1 59  ALA 59  56  56  ALA ALA A . n 
A 1 60  LEU 60  57  57  LEU LEU A . n 
A 1 61  VAL 61  58  58  VAL VAL A . n 
A 1 62  ALA 62  59  59  ALA ALA A . n 
A 1 63  MET 63  60  60  MET MET A . n 
A 1 64  ALA 64  61  61  ALA ALA A . n 
A 1 65  ARG 65  62  62  ARG ARG A . n 
A 1 66  GLU 66  63  63  GLU GLU A . n 
A 1 67  GLY 67  64  64  GLY GLY A . n 
A 1 68  ARG 68  65  65  ARG ARG A . n 
A 1 69  LEU 69  66  66  LEU LEU A . n 
A 1 70  ASP 70  67  67  ASP ASP A . n 
A 1 71  ALA 71  68  68  ALA ALA A . n 
A 1 72  VAL 72  69  69  VAL VAL A . n 
A 1 73  ARG 73  70  70  ARG ARG A . n 
A 1 74  ARG 74  71  71  ARG ARG A . n 
A 1 75  ALA 75  72  72  ALA ALA A . n 
A 1 76  THR 76  73  73  THR THR A . n 
A 1 77  SER 77  74  74  SER SER A . n 
A 1 78  HIS 78  75  75  HIS HIS A . n 
A 1 79  ILE 79  76  76  ILE ILE A . n 
A 1 80  ASN 80  77  77  ASN ASN A . n 
A 1 81  GLU 81  78  78  GLU GLU A . n 
A 1 82  VAL 82  79  79  VAL VAL A . n 
A 1 83  LEU 83  80  80  LEU LEU A . n 
A 1 84  VAL 84  81  81  VAL VAL A . n 
A 1 85  ASP 85  82  82  ASP ASP A . n 
A 1 86  ALA 86  83  83  ALA ALA A . n 
A 1 87  ALA 87  84  84  ALA ALA A . n 
A 1 88  GLU 88  85  85  GLU GLU A . n 
A 1 89  LEU 89  86  86  LEU LEU A . n 
A 1 90  ALA 90  87  87  ALA ALA A . n 
A 1 91  LEU 91  88  88  LEU LEU A . n 
A 1 92  GLU 92  89  89  GLU GLU A . n 
A 1 93  LYS 93  90  90  LYS LYS A . n 
A 1 94  GLY 94  91  91  GLY GLY A . n 
A 1 95  ARG 95  92  92  ARG ARG A . n 
A 1 96  GLU 96  93  93  GLU GLU A . n 
A 1 97  TYR 97  94  94  TYR TYR A . n 
A 1 98  PHE 98  95  95  PHE PHE A . n 
A 1 99  ARG 99  96  96  ARG ARG A . n 
A 1 100 ARG 100 97  97  ARG ARG A . n 
A 1 101 LEU 101 98  98  LEU LEU A . n 
A 1 102 CYS 102 99  99  CYS CYS A . n 
A 1 103 LEU 103 100 100 LEU LEU A . n 
A 1 104 ILE 104 101 101 ILE ILE A . n 
A 1 105 VAL 105 102 102 VAL VAL A . n 
A 1 106 CYS 106 103 103 CYS CYS A . n 
A 1 107 ASP 107 104 104 ASP ASP A . n 
A 1 108 MET 108 105 105 MET MET A . n 
A 1 109 MET 109 106 106 MET MET A . n 
A 1 110 ILE 110 107 107 ILE ILE A . n 
A 1 111 GLU 111 108 108 GLU GLU A . n 
A 1 112 LEU 112 109 109 LEU LEU A . n 
A 1 113 ILE 113 110 110 ILE ILE A . n 
A 1 114 ARG 114 111 111 ARG ARG A . n 
A 1 115 LEU 115 112 112 LEU LEU A . n 
A 1 116 GLU 116 113 113 GLU GLU A . n 
A 1 117 PRO 117 114 114 PRO PRO A . n 
A 1 118 GLU 118 115 115 GLU GLU A . n 
A 1 119 GLN 119 116 ?   ?   ?   A . n 
A 1 120 THR 120 117 ?   ?   ?   A . n 
A 1 121 PRO 121 118 ?   ?   ?   A . n 
A 1 122 GLU 122 119 ?   ?   ?   A . n 
A 1 123 LEU 123 120 120 LEU LEU A . n 
A 1 124 ARG 124 121 121 ARG ARG A . n 
A 1 125 ARG 125 122 122 ARG ARG A . n 
A 1 126 ILE 126 123 123 ILE ILE A . n 
A 1 127 ARG 127 124 124 ARG ARG A . n 
A 1 128 GLU 128 125 125 GLU GLU A . n 
A 1 129 ARG 129 126 126 ARG ARG A . n 
A 1 130 LEU 130 127 127 LEU LEU A . n 
A 1 131 GLU 131 128 128 GLU GLU A . n 
A 1 132 GLU 132 129 129 GLU GLU A . n 
A 1 133 ILE 133 130 130 ILE ILE A . n 
A 1 134 ARG 134 131 131 ARG ARG A . n 
A 1 135 ARG 135 132 132 ARG ARG A . n 
A 1 136 ARG 136 133 133 ARG ARG A . n 
A 1 137 LEU 137 134 134 LEU LEU A . n 
A 1 138 GLU 138 135 135 GLU GLU A . n 
A 1 139 GLY 139 136 ?   ?   ?   A . n 
A 1 140 SER 140 137 ?   ?   ?   A . n 
A 1 141 GLY 141 138 ?   ?   ?   A . n 
B 2 1   ASP 1   139 ?   ?   ?   B . n 
B 2 2   MET 2   140 ?   ?   ?   B . n 
B 2 3   ARG 3   141 ?   ?   ?   B . n 
B 2 4   PRO 4   142 142 PRO PRO B . n 
B 2 5   GLU 5   143 143 GLU GLU B . n 
B 2 6   ILE 6   144 144 ILE ILE B . n 
B 2 7   TRP 7   145 145 TRP TRP B . n 
B 2 8   ILE 8   146 146 ILE ILE B . n 
B 2 9   ALA 9   147 147 ALA ALA B . n 
B 2 10  GLN 10  148 148 GLN GLN B . n 
B 2 11  GLU 11  149 149 GLU GLU B . n 
B 2 12  LEU 12  150 150 LEU LEU B . n 
B 2 13  ARG 13  151 151 ARG ARG B . n 
B 2 14  ARG 14  152 152 ARG ARG B . n 
B 2 15  ILE 15  153 153 ILE ILE B . n 
B 2 16  GLY 16  154 154 GLY GLY B . n 
B 2 17  ASP 17  155 155 ASP ASP B . n 
B 2 18  GLU 18  156 156 GLU GLU B . n 
B 2 19  PHE 19  157 157 PHE PHE B . n 
B 2 20  ASN 20  158 158 ASN ASN B . n 
B 2 21  ALA 21  159 159 ALA ALA B . n 
B 2 22  TYR 22  160 160 TYR TYR B . n 
B 2 23  TYR 23  161 161 TYR TYR B . n 
B 2 24  ALA 24  162 162 ALA ALA B . n 
B 2 25  ARG 25  163 163 ARG ARG B . n 
B 2 26  ARG 26  164 ?   ?   ?   B . n 
# 
loop_
_pdbx_unobs_or_zero_occ_atoms.id 
_pdbx_unobs_or_zero_occ_atoms.PDB_model_num 
_pdbx_unobs_or_zero_occ_atoms.polymer_flag 
_pdbx_unobs_or_zero_occ_atoms.occupancy_flag 
_pdbx_unobs_or_zero_occ_atoms.auth_asym_id 
_pdbx_unobs_or_zero_occ_atoms.auth_comp_id 
_pdbx_unobs_or_zero_occ_atoms.auth_seq_id 
_pdbx_unobs_or_zero_occ_atoms.PDB_ins_code 
_pdbx_unobs_or_zero_occ_atoms.auth_atom_id 
_pdbx_unobs_or_zero_occ_atoms.label_alt_id 
_pdbx_unobs_or_zero_occ_atoms.label_asym_id 
_pdbx_unobs_or_zero_occ_atoms.label_comp_id 
_pdbx_unobs_or_zero_occ_atoms.label_seq_id 
_pdbx_unobs_or_zero_occ_atoms.label_atom_id 
1 1 Y 1 A GLU 115 ? CG  ? A GLU 118 CG  
2 1 Y 1 A GLU 115 ? CD  ? A GLU 118 CD  
3 1 Y 1 A GLU 115 ? OE1 ? A GLU 118 OE1 
4 1 Y 1 A GLU 115 ? OE2 ? A GLU 118 OE2 
# 
loop_
_software.citation_id 
_software.classification 
_software.compiler_name 
_software.compiler_version 
_software.contact_author 
_software.contact_author_email 
_software.date 
_software.description 
_software.dependencies 
_software.hardware 
_software.language 
_software.location 
_software.mods 
_software.name 
_software.os 
_software.os_version 
_software.type 
_software.version 
_software.pdbx_ordinal 
? refinement       ? ? ? ? ? ? ? ? ? ? ? PHENIX ? ? ? dev_4761 1 
? 'data reduction' ? ? ? ? ? ? ? ? ? ? ? XDS    ? ? ? .        2 
? 'data scaling'   ? ? ? ? ? ? ? ? ? ? ? XSCALE ? ? ? .        3 
? phasing          ? ? ? ? ? ? ? ? ? ? ? PHASER ? ? ? .        4 
# 
_cell.angle_alpha                  90.000 
_cell.angle_alpha_esd              ? 
_cell.angle_beta                   90.000 
_cell.angle_beta_esd               ? 
_cell.angle_gamma                  90.000 
_cell.angle_gamma_esd              ? 
_cell.entry_id                     8T5E 
_cell.details                      ? 
_cell.formula_units_Z              ? 
_cell.length_a                     25.790 
_cell.length_a_esd                 ? 
_cell.length_b                     66.667 
_cell.length_b_esd                 ? 
_cell.length_c                     74.300 
_cell.length_c_esd                 ? 
_cell.volume                       127747.105 
_cell.volume_esd                   ? 
_cell.Z_PDB                        4 
_cell.reciprocal_angle_alpha       ? 
_cell.reciprocal_angle_beta        ? 
_cell.reciprocal_angle_gamma       ? 
_cell.reciprocal_angle_alpha_esd   ? 
_cell.reciprocal_angle_beta_esd    ? 
_cell.reciprocal_angle_gamma_esd   ? 
_cell.reciprocal_length_a          ? 
_cell.reciprocal_length_b          ? 
_cell.reciprocal_length_c          ? 
_cell.reciprocal_length_a_esd      ? 
_cell.reciprocal_length_b_esd      ? 
_cell.reciprocal_length_c_esd      ? 
_cell.pdbx_unique_axis             ? 
_cell.pdbx_esd_method              ? 
# 
_symmetry.entry_id                         8T5E 
_symmetry.cell_setting                     ? 
_symmetry.Int_Tables_number                19 
_symmetry.space_group_name_Hall            'P 2ac 2ab' 
_symmetry.space_group_name_H-M             'P 21 21 21' 
_symmetry.pdbx_full_space_group_name_H-M   ? 
# 
_exptl.absorpt_coefficient_mu     ? 
_exptl.absorpt_correction_T_max   ? 
_exptl.absorpt_correction_T_min   ? 
_exptl.absorpt_correction_type    ? 
_exptl.absorpt_process_details    ? 
_exptl.entry_id                   8T5E 
_exptl.crystals_number            1 
_exptl.details                    ? 
_exptl.method                     'X-RAY DIFFRACTION' 
_exptl.method_details             ? 
# 
_exptl_crystal.colour                       ? 
_exptl_crystal.density_diffrn               ? 
_exptl_crystal.density_Matthews             1.7 
_exptl_crystal.density_method               ? 
_exptl_crystal.density_percent_sol          28 
_exptl_crystal.description                  ? 
_exptl_crystal.F_000                        ? 
_exptl_crystal.id                           1 
_exptl_crystal.preparation                  ? 
_exptl_crystal.size_max                     ? 
_exptl_crystal.size_mid                     ? 
_exptl_crystal.size_min                     ? 
_exptl_crystal.size_rad                     ? 
_exptl_crystal.colour_lustre                ? 
_exptl_crystal.colour_modifier              ? 
_exptl_crystal.colour_primary               ? 
_exptl_crystal.density_meas                 ? 
_exptl_crystal.density_meas_esd             ? 
_exptl_crystal.density_meas_gt              ? 
_exptl_crystal.density_meas_lt              ? 
_exptl_crystal.density_meas_temp            ? 
_exptl_crystal.density_meas_temp_esd        ? 
_exptl_crystal.density_meas_temp_gt         ? 
_exptl_crystal.density_meas_temp_lt         ? 
_exptl_crystal.pdbx_crystal_image_url       ? 
_exptl_crystal.pdbx_crystal_image_format    ? 
_exptl_crystal.pdbx_mosaicity               ? 
_exptl_crystal.pdbx_mosaicity_esd           ? 
_exptl_crystal.pdbx_mosaic_method           ? 
_exptl_crystal.pdbx_mosaic_block_size       ? 
_exptl_crystal.pdbx_mosaic_block_size_esd   ? 
# 
_exptl_crystal_grow.apparatus       ? 
_exptl_crystal_grow.atmosphere      ? 
_exptl_crystal_grow.crystal_id      1 
_exptl_crystal_grow.details         ? 
_exptl_crystal_grow.method          'VAPOR DIFFUSION, SITTING DROP' 
_exptl_crystal_grow.method_ref      ? 
_exptl_crystal_grow.pH              4 
_exptl_crystal_grow.pressure        ? 
_exptl_crystal_grow.pressure_esd    ? 
_exptl_crystal_grow.seeding         ? 
_exptl_crystal_grow.seeding_ref     ? 
_exptl_crystal_grow.temp_details    ? 
_exptl_crystal_grow.temp_esd        ? 
_exptl_crystal_grow.time            ? 
_exptl_crystal_grow.pdbx_details    '0.1 M Citric acid pH 2.5, 20% (w/v) PEG 6000' 
_exptl_crystal_grow.pdbx_pH_range   ? 
_exptl_crystal_grow.temp            293 
# 
_diffrn.ambient_environment              ? 
_diffrn.ambient_temp                     100 
_diffrn.ambient_temp_details             ? 
_diffrn.ambient_temp_esd                 ? 
_diffrn.crystal_id                       1 
_diffrn.crystal_support                  ? 
_diffrn.crystal_treatment                ? 
_diffrn.details                          ? 
_diffrn.id                               1 
_diffrn.ambient_pressure                 ? 
_diffrn.ambient_pressure_esd             ? 
_diffrn.ambient_pressure_gt              ? 
_diffrn.ambient_pressure_lt              ? 
_diffrn.ambient_temp_gt                  ? 
_diffrn.ambient_temp_lt                  ? 
_diffrn.pdbx_serial_crystal_experiment   N 
# 
_diffrn_detector.details                      ? 
_diffrn_detector.detector                     PIXEL 
_diffrn_detector.diffrn_id                    1 
_diffrn_detector.type                         'DECTRIS EIGER2 S 16M' 
_diffrn_detector.area_resol_mean              ? 
_diffrn_detector.dtime                        ? 
_diffrn_detector.pdbx_frames_total            ? 
_diffrn_detector.pdbx_collection_time_total   ? 
_diffrn_detector.pdbx_collection_date         2023-04-05 
_diffrn_detector.pdbx_frequency               ? 
_diffrn_detector.id                           ? 
_diffrn_detector.number_of_axes               ? 
# 
_diffrn_radiation.collimation                      ? 
_diffrn_radiation.diffrn_id                        1 
_diffrn_radiation.filter_edge                      ? 
_diffrn_radiation.inhomogeneity                    ? 
_diffrn_radiation.monochromator                    ? 
_diffrn_radiation.polarisn_norm                    ? 
_diffrn_radiation.polarisn_ratio                   ? 
_diffrn_radiation.probe                            ? 
_diffrn_radiation.type                             ? 
_diffrn_radiation.xray_symbol                      ? 
_diffrn_radiation.wavelength_id                    1 
_diffrn_radiation.pdbx_monochromatic_or_laue_m_l   M 
_diffrn_radiation.pdbx_wavelength_list             ? 
_diffrn_radiation.pdbx_wavelength                  ? 
_diffrn_radiation.pdbx_diffrn_protocol             'SINGLE WAVELENGTH' 
_diffrn_radiation.pdbx_analyzer                    ? 
_diffrn_radiation.pdbx_scattering_type             x-ray 
# 
_diffrn_radiation_wavelength.id           1 
_diffrn_radiation_wavelength.wavelength   0.97911 
_diffrn_radiation_wavelength.wt           1.0 
# 
_diffrn_source.current                     ? 
_diffrn_source.details                     ? 
_diffrn_source.diffrn_id                   1 
_diffrn_source.power                       ? 
_diffrn_source.size                        ? 
_diffrn_source.source                      SYNCHROTRON 
_diffrn_source.target                      ? 
_diffrn_source.type                        'APS BEAMLINE 24-ID-C' 
_diffrn_source.voltage                     ? 
_diffrn_source.take-off_angle              ? 
_diffrn_source.pdbx_wavelength_list        0.97911 
_diffrn_source.pdbx_wavelength             ? 
_diffrn_source.pdbx_synchrotron_beamline   24-ID-C 
_diffrn_source.pdbx_synchrotron_site       APS 
# 
_reflns.B_iso_Wilson_estimate                          75.16 
_reflns.entry_id                                       8T5E 
_reflns.data_reduction_details                         ? 
_reflns.data_reduction_method                          ? 
_reflns.d_resolution_high                              3.00 
_reflns.d_resolution_low                               74.30 
_reflns.details                                        ? 
_reflns.limit_h_max                                    ? 
_reflns.limit_h_min                                    ? 
_reflns.limit_k_max                                    ? 
_reflns.limit_k_min                                    ? 
_reflns.limit_l_max                                    ? 
_reflns.limit_l_min                                    ? 
_reflns.number_all                                     ? 
_reflns.number_obs                                     2861 
_reflns.observed_criterion                             ? 
_reflns.observed_criterion_F_max                       ? 
_reflns.observed_criterion_F_min                       ? 
_reflns.observed_criterion_I_max                       ? 
_reflns.observed_criterion_I_min                       ? 
_reflns.observed_criterion_sigma_F                     ? 
_reflns.observed_criterion_sigma_I                     ? 
_reflns.percent_possible_obs                           99.9 
_reflns.R_free_details                                 ? 
_reflns.Rmerge_F_all                                   ? 
_reflns.Rmerge_F_obs                                   ? 
_reflns.Friedel_coverage                               ? 
_reflns.number_gt                                      ? 
_reflns.threshold_expression                           ? 
_reflns.pdbx_redundancy                                7.2 
_reflns.pdbx_netI_over_av_sigmaI                       ? 
_reflns.pdbx_netI_over_sigmaI                          17.8 
_reflns.pdbx_res_netI_over_av_sigmaI_2                 ? 
_reflns.pdbx_res_netI_over_sigmaI_2                    ? 
_reflns.pdbx_chi_squared                               ? 
_reflns.pdbx_scaling_rejects                           ? 
_reflns.pdbx_d_res_high_opt                            ? 
_reflns.pdbx_d_res_low_opt                             ? 
_reflns.pdbx_d_res_opt_method                          ? 
_reflns.phase_calculation_details                      ? 
_reflns.pdbx_Rrim_I_all                                ? 
_reflns.pdbx_Rpim_I_all                                ? 
_reflns.pdbx_d_opt                                     ? 
_reflns.pdbx_number_measured_all                       ? 
_reflns.pdbx_diffrn_id                                 1 
_reflns.pdbx_ordinal                                   1 
_reflns.pdbx_CC_half                                   0.999 
_reflns.pdbx_CC_star                                   ? 
_reflns.pdbx_R_split                                   ? 
_reflns.pdbx_Rmerge_I_obs                              0.064 
_reflns.pdbx_Rmerge_I_all                              ? 
_reflns.pdbx_Rsym_value                                ? 
_reflns.pdbx_CC_split_method                           ? 
_reflns.pdbx_aniso_diffraction_limit_axis_1_ortho[1]   ? 
_reflns.pdbx_aniso_diffraction_limit_axis_1_ortho[2]   ? 
_reflns.pdbx_aniso_diffraction_limit_axis_1_ortho[3]   ? 
_reflns.pdbx_aniso_diffraction_limit_axis_2_ortho[1]   ? 
_reflns.pdbx_aniso_diffraction_limit_axis_2_ortho[2]   ? 
_reflns.pdbx_aniso_diffraction_limit_axis_2_ortho[3]   ? 
_reflns.pdbx_aniso_diffraction_limit_axis_3_ortho[1]   ? 
_reflns.pdbx_aniso_diffraction_limit_axis_3_ortho[2]   ? 
_reflns.pdbx_aniso_diffraction_limit_axis_3_ortho[3]   ? 
_reflns.pdbx_aniso_diffraction_limit_1                 ? 
_reflns.pdbx_aniso_diffraction_limit_2                 ? 
_reflns.pdbx_aniso_diffraction_limit_3                 ? 
_reflns.pdbx_aniso_B_tensor_eigenvector_1_ortho[1]     ? 
_reflns.pdbx_aniso_B_tensor_eigenvector_1_ortho[2]     ? 
_reflns.pdbx_aniso_B_tensor_eigenvector_1_ortho[3]     ? 
_reflns.pdbx_aniso_B_tensor_eigenvector_2_ortho[1]     ? 
_reflns.pdbx_aniso_B_tensor_eigenvector_2_ortho[2]     ? 
_reflns.pdbx_aniso_B_tensor_eigenvector_2_ortho[3]     ? 
_reflns.pdbx_aniso_B_tensor_eigenvector_3_ortho[1]     ? 
_reflns.pdbx_aniso_B_tensor_eigenvector_3_ortho[2]     ? 
_reflns.pdbx_aniso_B_tensor_eigenvector_3_ortho[3]     ? 
_reflns.pdbx_aniso_B_tensor_eigenvalue_1               ? 
_reflns.pdbx_aniso_B_tensor_eigenvalue_2               ? 
_reflns.pdbx_aniso_B_tensor_eigenvalue_3               ? 
_reflns.pdbx_orthogonalization_convention              ? 
_reflns.pdbx_percent_possible_ellipsoidal              ? 
_reflns.pdbx_percent_possible_spherical                ? 
_reflns.pdbx_percent_possible_ellipsoidal_anomalous    ? 
_reflns.pdbx_percent_possible_spherical_anomalous      ? 
_reflns.pdbx_redundancy_anomalous                      ? 
_reflns.pdbx_CC_half_anomalous                         ? 
_reflns.pdbx_absDiff_over_sigma_anomalous              ? 
_reflns.pdbx_percent_possible_anomalous                ? 
_reflns.pdbx_observed_signal_threshold                 ? 
_reflns.pdbx_signal_type                               ? 
_reflns.pdbx_signal_details                            ? 
_reflns.pdbx_signal_software_id                        ? 
# 
_reflns_shell.d_res_high                                    3.00 
_reflns_shell.d_res_low                                     3.18 
_reflns_shell.meanI_over_sigI_all                           ? 
_reflns_shell.meanI_over_sigI_obs                           8.8 
_reflns_shell.number_measured_all                           ? 
_reflns_shell.number_measured_obs                           ? 
_reflns_shell.number_possible                               ? 
_reflns_shell.number_unique_all                             ? 
_reflns_shell.number_unique_obs                             445 
_reflns_shell.percent_possible_obs                          ? 
_reflns_shell.Rmerge_F_all                                  ? 
_reflns_shell.Rmerge_F_obs                                  ? 
_reflns_shell.meanI_over_sigI_gt                            ? 
_reflns_shell.meanI_over_uI_all                             ? 
_reflns_shell.meanI_over_uI_gt                              ? 
_reflns_shell.number_measured_gt                            ? 
_reflns_shell.number_unique_gt                              ? 
_reflns_shell.percent_possible_gt                           ? 
_reflns_shell.Rmerge_F_gt                                   ? 
_reflns_shell.Rmerge_I_gt                                   ? 
_reflns_shell.pdbx_redundancy                               7.9 
_reflns_shell.pdbx_chi_squared                              ? 
_reflns_shell.pdbx_netI_over_sigmaI_all                     ? 
_reflns_shell.pdbx_netI_over_sigmaI_obs                     ? 
_reflns_shell.pdbx_Rrim_I_all                               ? 
_reflns_shell.pdbx_Rpim_I_all                               ? 
_reflns_shell.pdbx_rejects                                  ? 
_reflns_shell.pdbx_ordinal                                  1 
_reflns_shell.pdbx_diffrn_id                                1 
_reflns_shell.pdbx_CC_half                                  0.985 
_reflns_shell.pdbx_CC_star                                  ? 
_reflns_shell.pdbx_R_split                                  ? 
_reflns_shell.percent_possible_all                          100 
_reflns_shell.Rmerge_I_all                                  ? 
_reflns_shell.Rmerge_I_obs                                  0.173 
_reflns_shell.pdbx_Rsym_value                               ? 
_reflns_shell.pdbx_percent_possible_ellipsoidal             ? 
_reflns_shell.pdbx_percent_possible_spherical               ? 
_reflns_shell.pdbx_percent_possible_ellipsoidal_anomalous   ? 
_reflns_shell.pdbx_percent_possible_spherical_anomalous     ? 
_reflns_shell.pdbx_redundancy_anomalous                     ? 
_reflns_shell.pdbx_CC_half_anomalous                        ? 
_reflns_shell.pdbx_absDiff_over_sigma_anomalous             ? 
_reflns_shell.pdbx_percent_possible_anomalous               ? 
# 
_refine.aniso_B[1][1]                            ? 
_refine.aniso_B[1][2]                            ? 
_refine.aniso_B[1][3]                            ? 
_refine.aniso_B[2][2]                            ? 
_refine.aniso_B[2][3]                            ? 
_refine.aniso_B[3][3]                            ? 
_refine.B_iso_max                                ? 
_refine.B_iso_mean                               77.56 
_refine.B_iso_min                                ? 
_refine.correlation_coeff_Fo_to_Fc               ? 
_refine.correlation_coeff_Fo_to_Fc_free          ? 
_refine.details                                  ? 
_refine.diff_density_max                         ? 
_refine.diff_density_max_esd                     ? 
_refine.diff_density_min                         ? 
_refine.diff_density_min_esd                     ? 
_refine.diff_density_rms                         ? 
_refine.diff_density_rms_esd                     ? 
_refine.entry_id                                 8T5E 
_refine.pdbx_refine_id                           'X-RAY DIFFRACTION' 
_refine.ls_abs_structure_details                 ? 
_refine.ls_abs_structure_Flack                   ? 
_refine.ls_abs_structure_Flack_esd               ? 
_refine.ls_abs_structure_Rogers                  ? 
_refine.ls_abs_structure_Rogers_esd              ? 
_refine.ls_d_res_high                            3.00 
_refine.ls_d_res_low                             49.62 
_refine.ls_extinction_coef                       ? 
_refine.ls_extinction_coef_esd                   ? 
_refine.ls_extinction_expression                 ? 
_refine.ls_extinction_method                     ? 
_refine.ls_goodness_of_fit_all                   ? 
_refine.ls_goodness_of_fit_all_esd               ? 
_refine.ls_goodness_of_fit_obs                   ? 
_refine.ls_goodness_of_fit_obs_esd               ? 
_refine.ls_hydrogen_treatment                    ? 
_refine.ls_matrix_type                           ? 
_refine.ls_number_constraints                    ? 
_refine.ls_number_parameters                     ? 
_refine.ls_number_reflns_all                     ? 
_refine.ls_number_reflns_obs                     2820 
_refine.ls_number_reflns_R_free                  159 
_refine.ls_number_reflns_R_work                  2661 
_refine.ls_number_restraints                     ? 
_refine.ls_percent_reflns_obs                    99.30 
_refine.ls_percent_reflns_R_free                 5.64 
_refine.ls_R_factor_all                          ? 
_refine.ls_R_factor_obs                          0.2408 
_refine.ls_R_factor_R_free                       0.2644 
_refine.ls_R_factor_R_free_error                 ? 
_refine.ls_R_factor_R_free_error_details         ? 
_refine.ls_R_factor_R_work                       0.2392 
_refine.ls_R_Fsqd_factor_obs                     ? 
_refine.ls_R_I_factor_obs                        ? 
_refine.ls_redundancy_reflns_all                 ? 
_refine.ls_redundancy_reflns_obs                 ? 
_refine.ls_restrained_S_all                      ? 
_refine.ls_restrained_S_obs                      ? 
_refine.ls_shift_over_esd_max                    ? 
_refine.ls_shift_over_esd_mean                   ? 
_refine.ls_structure_factor_coef                 ? 
_refine.ls_weighting_details                     ? 
_refine.ls_weighting_scheme                      ? 
_refine.ls_wR_factor_all                         ? 
_refine.ls_wR_factor_obs                         ? 
_refine.ls_wR_factor_R_free                      ? 
_refine.ls_wR_factor_R_work                      ? 
_refine.occupancy_max                            ? 
_refine.occupancy_min                            ? 
_refine.solvent_model_details                    'FLAT BULK SOLVENT MODEL' 
_refine.solvent_model_param_bsol                 ? 
_refine.solvent_model_param_ksol                 ? 
_refine.pdbx_R_complete                          ? 
_refine.ls_R_factor_gt                           ? 
_refine.ls_goodness_of_fit_gt                    ? 
_refine.ls_goodness_of_fit_ref                   ? 
_refine.ls_shift_over_su_max                     ? 
_refine.ls_shift_over_su_max_lt                  ? 
_refine.ls_shift_over_su_mean                    ? 
_refine.ls_shift_over_su_mean_lt                 ? 
_refine.pdbx_ls_sigma_I                          ? 
_refine.pdbx_ls_sigma_F                          1.38 
_refine.pdbx_ls_sigma_Fsqd                       ? 
_refine.pdbx_data_cutoff_high_absF               ? 
_refine.pdbx_data_cutoff_high_rms_absF           ? 
_refine.pdbx_data_cutoff_low_absF                ? 
_refine.pdbx_isotropic_thermal_model             ? 
_refine.pdbx_ls_cross_valid_method               'FREE R-VALUE' 
_refine.pdbx_method_to_determine_struct          'MOLECULAR REPLACEMENT' 
_refine.pdbx_starting_model                      ? 
_refine.pdbx_stereochemistry_target_values       'GeoStd + Monomer Library + CDL v1.2' 
_refine.pdbx_R_Free_selection_details            ? 
_refine.pdbx_stereochem_target_val_spec_case     ? 
_refine.pdbx_overall_ESU_R                       ? 
_refine.pdbx_overall_ESU_R_Free                  ? 
_refine.pdbx_solvent_vdw_probe_radii             1.1000 
_refine.pdbx_solvent_ion_probe_radii             ? 
_refine.pdbx_solvent_shrinkage_radii             0.9000 
_refine.pdbx_real_space_R                        ? 
_refine.pdbx_density_correlation                 ? 
_refine.pdbx_pd_number_of_powder_patterns        ? 
_refine.pdbx_pd_number_of_points                 ? 
_refine.pdbx_pd_meas_number_of_points            ? 
_refine.pdbx_pd_proc_ls_prof_R_factor            ? 
_refine.pdbx_pd_proc_ls_prof_wR_factor           ? 
_refine.pdbx_pd_Marquardt_correlation_coeff      ? 
_refine.pdbx_pd_Fsqrd_R_factor                   ? 
_refine.pdbx_pd_ls_matrix_band_width             ? 
_refine.pdbx_overall_phase_error                 25.1774 
_refine.pdbx_overall_SU_R_free_Cruickshank_DPI   ? 
_refine.pdbx_overall_SU_R_free_Blow_DPI          ? 
_refine.pdbx_overall_SU_R_Blow_DPI               ? 
_refine.pdbx_TLS_residual_ADP_flag               ? 
_refine.pdbx_diffrn_id                           1 
_refine.overall_SU_B                             ? 
_refine.overall_SU_ML                            0.3211 
_refine.overall_SU_R_Cruickshank_DPI             ? 
_refine.overall_SU_R_free                        ? 
_refine.overall_FOM_free_R_set                   ? 
_refine.overall_FOM_work_R_set                   ? 
_refine.pdbx_average_fsc_overall                 ? 
_refine.pdbx_average_fsc_work                    ? 
_refine.pdbx_average_fsc_free                    ? 
# 
_refine_hist.pdbx_refine_id                   'X-RAY DIFFRACTION' 
_refine_hist.cycle_id                         LAST 
_refine_hist.details                          ? 
_refine_hist.d_res_high                       3.00 
_refine_hist.d_res_low                        49.62 
_refine_hist.number_atoms_solvent             0 
_refine_hist.number_atoms_total               1244 
_refine_hist.number_reflns_all                ? 
_refine_hist.number_reflns_obs                ? 
_refine_hist.number_reflns_R_free             ? 
_refine_hist.number_reflns_R_work             ? 
_refine_hist.R_factor_all                     ? 
_refine_hist.R_factor_obs                     ? 
_refine_hist.R_factor_R_free                  ? 
_refine_hist.R_factor_R_work                  ? 
_refine_hist.pdbx_number_residues_total       ? 
_refine_hist.pdbx_B_iso_mean_ligand           ? 
_refine_hist.pdbx_B_iso_mean_solvent          ? 
_refine_hist.pdbx_number_atoms_protein        1244 
_refine_hist.pdbx_number_atoms_nucleic_acid   0 
_refine_hist.pdbx_number_atoms_ligand         0 
_refine_hist.pdbx_number_atoms_lipid          ? 
_refine_hist.pdbx_number_atoms_carb           ? 
_refine_hist.pdbx_pseudo_atom_details         ? 
# 
loop_
_refine_ls_restr.pdbx_refine_id 
_refine_ls_restr.criterion 
_refine_ls_restr.dev_ideal 
_refine_ls_restr.dev_ideal_target 
_refine_ls_restr.number 
_refine_ls_restr.rejects 
_refine_ls_restr.type 
_refine_ls_restr.weight 
_refine_ls_restr.pdbx_restraint_function 
'X-RAY DIFFRACTION' ? 0.0029 ? 1253 ? f_bond_d           ? ? 
'X-RAY DIFFRACTION' ? 0.4958 ? 1675 ? f_angle_d          ? ? 
'X-RAY DIFFRACTION' ? 0.0319 ? 189  ? f_chiral_restr     ? ? 
'X-RAY DIFFRACTION' ? 0.0044 ? 219  ? f_plane_restr      ? ? 
'X-RAY DIFFRACTION' ? 4.0288 ? 176  ? f_dihedral_angle_d ? ? 
# 
_refine_ls_shell.pdbx_refine_id                   'X-RAY DIFFRACTION' 
_refine_ls_shell.d_res_high                       3.00 
_refine_ls_shell.d_res_low                        49.62 
_refine_ls_shell.number_reflns_all                ? 
_refine_ls_shell.number_reflns_obs                ? 
_refine_ls_shell.number_reflns_R_free             159 
_refine_ls_shell.number_reflns_R_work             2661 
_refine_ls_shell.percent_reflns_obs               99.30 
_refine_ls_shell.percent_reflns_R_free            ? 
_refine_ls_shell.R_factor_all                     ? 
_refine_ls_shell.R_factor_obs                     ? 
_refine_ls_shell.R_factor_R_free_error            ? 
_refine_ls_shell.R_factor_R_work                  0.2392 
_refine_ls_shell.redundancy_reflns_all            ? 
_refine_ls_shell.redundancy_reflns_obs            ? 
_refine_ls_shell.wR_factor_all                    ? 
_refine_ls_shell.wR_factor_obs                    ? 
_refine_ls_shell.wR_factor_R_free                 ? 
_refine_ls_shell.wR_factor_R_work                 ? 
_refine_ls_shell.pdbx_R_complete                  ? 
_refine_ls_shell.pdbx_total_number_of_bins_used   ? 
_refine_ls_shell.pdbx_phase_error                 ? 
_refine_ls_shell.pdbx_fsc_work                    ? 
_refine_ls_shell.pdbx_fsc_free                    ? 
_refine_ls_shell.R_factor_R_free                  0.2644 
# 
_struct.entry_id                     8T5E 
_struct.title                        'De novo design of high-affinity protein binders to bioactive helical peptides' 
_struct.pdbx_model_details           ? 
_struct.pdbx_formula_weight          ? 
_struct.pdbx_formula_weight_method   ? 
_struct.pdbx_model_type_details      ? 
_struct.pdbx_CASP_flag               N 
# 
_struct_keywords.entry_id        8T5E 
_struct_keywords.text            'Alpha-helical peptides, protein design, diffusion, deep learning, DE NOVO PROTEIN' 
_struct_keywords.pdbx_keywords   'DE NOVO PROTEIN' 
# 
loop_
_struct_asym.id 
_struct_asym.pdbx_blank_PDB_chainid_flag 
_struct_asym.pdbx_modified 
_struct_asym.entity_id 
_struct_asym.details 
A N N 1 ? 
B N N 2 ? 
# 
loop_
_struct_ref.id 
_struct_ref.db_name 
_struct_ref.db_code 
_struct_ref.pdbx_db_accession 
_struct_ref.pdbx_db_isoform 
_struct_ref.entity_id 
_struct_ref.pdbx_seq_one_letter_code 
_struct_ref.pdbx_align_begin 
1 PDB 8T5E        8T5E   ? 1 ?                          1   
2 UNP B2L11_HUMAN O43521 ? 2 DMRPEIWIAQELRRIGDEFNAYYARR 141 
# 
loop_
_struct_ref_seq.align_id 
_struct_ref_seq.ref_id 
_struct_ref_seq.pdbx_PDB_id_code 
_struct_ref_seq.pdbx_strand_id 
_struct_ref_seq.seq_align_beg 
_struct_ref_seq.pdbx_seq_align_beg_ins_code 
_struct_ref_seq.seq_align_end 
_struct_ref_seq.pdbx_seq_align_end_ins_code 
_struct_ref_seq.pdbx_db_accession 
_struct_ref_seq.db_align_beg 
_struct_ref_seq.pdbx_db_align_beg_ins_code 
_struct_ref_seq.db_align_end 
_struct_ref_seq.pdbx_db_align_end_ins_code 
_struct_ref_seq.pdbx_auth_seq_align_beg 
_struct_ref_seq.pdbx_auth_seq_align_end 
1 1 8T5E A 1 ? 141 ? 8T5E   -2  ? 138 ? -2  138 
2 2 8T5E B 1 ? 26  ? O43521 141 ? 166 ? 139 164 
# 
_pdbx_struct_assembly.id                   1 
_pdbx_struct_assembly.details              author_and_software_defined_assembly 
_pdbx_struct_assembly.method_details       PISA 
_pdbx_struct_assembly.oligomeric_details   dimeric 
_pdbx_struct_assembly.oligomeric_count     2 
# 
loop_
_pdbx_struct_assembly_prop.biol_id 
_pdbx_struct_assembly_prop.type 
_pdbx_struct_assembly_prop.value 
_pdbx_struct_assembly_prop.details 
1 'ABSA (A^2)' 2170 ? 
1 MORE         -17  ? 
1 'SSA (A^2)'  8080 ? 
# 
_pdbx_struct_assembly_gen.assembly_id       1 
_pdbx_struct_assembly_gen.oper_expression   1 
_pdbx_struct_assembly_gen.asym_id_list      A,B 
# 
_pdbx_struct_oper_list.id                   1 
_pdbx_struct_oper_list.type                 'identity operation' 
_pdbx_struct_oper_list.name                 1_555 
_pdbx_struct_oper_list.symmetry_operation   x,y,z 
_pdbx_struct_oper_list.matrix[1][1]         1.0000000000 
_pdbx_struct_oper_list.matrix[1][2]         0.0000000000 
_pdbx_struct_oper_list.matrix[1][3]         0.0000000000 
_pdbx_struct_oper_list.vector[1]            0.0000000000 
_pdbx_struct_oper_list.matrix[2][1]         0.0000000000 
_pdbx_struct_oper_list.matrix[2][2]         1.0000000000 
_pdbx_struct_oper_list.matrix[2][3]         0.0000000000 
_pdbx_struct_oper_list.vector[2]            0.0000000000 
_pdbx_struct_oper_list.matrix[3][1]         0.0000000000 
_pdbx_struct_oper_list.matrix[3][2]         0.0000000000 
_pdbx_struct_oper_list.matrix[3][3]         1.0000000000 
_pdbx_struct_oper_list.vector[3]            0.0000000000 
# 
loop_
_struct_conf.conf_type_id 
_struct_conf.id 
_struct_conf.pdbx_PDB_helix_id 
_struct_conf.beg_label_comp_id 
_struct_conf.beg_label_asym_id 
_struct_conf.beg_label_seq_id 
_struct_conf.pdbx_beg_PDB_ins_code 
_struct_conf.end_label_comp_id 
_struct_conf.end_label_asym_id 
_struct_conf.end_label_seq_id 
_struct_conf.pdbx_end_PDB_ins_code 
_struct_conf.beg_auth_comp_id 
_struct_conf.beg_auth_asym_id 
_struct_conf.beg_auth_seq_id 
_struct_conf.end_auth_comp_id 
_struct_conf.end_auth_asym_id 
_struct_conf.end_auth_seq_id 
_struct_conf.pdbx_PDB_helix_class 
_struct_conf.details 
_struct_conf.pdbx_PDB_helix_length 
HELX_P HELX_P1 AA1 GLU A 5   ? ALA A 23  ? GLU A 2   ALA A 20  1 ? 19 
HELX_P HELX_P2 AA2 PRO A 26  ? ASP A 39  ? PRO A 23  ASP A 36  1 ? 14 
HELX_P HELX_P3 AA3 GLU A 44  ? GLY A 67  ? GLU A 41  GLY A 64  1 ? 24 
HELX_P HELX_P4 AA4 ARG A 68  ? GLU A 81  ? ARG A 65  GLU A 78  1 ? 14 
HELX_P HELX_P5 AA5 VAL A 82  ? GLY A 94  ? VAL A 79  GLY A 91  1 ? 13 
HELX_P HELX_P6 AA6 GLY A 94  ? ARG A 114 ? GLY A 91  ARG A 111 1 ? 21 
HELX_P HELX_P7 AA7 ARG A 124 ? GLU A 138 ? ARG A 121 GLU A 135 1 ? 15 
HELX_P HELX_P8 AA8 GLU B 5   ? TYR B 22  ? GLU B 143 TYR B 160 1 ? 18 
# 
_struct_conf_type.id          HELX_P 
_struct_conf_type.criteria    ? 
_struct_conf_type.reference   ? 
# 
_struct_conn.id                            disulf1 
_struct_conn.conn_type_id                  disulf 
_struct_conn.pdbx_leaving_atom_flag        ? 
_struct_conn.pdbx_PDB_id                   ? 
_struct_conn.ptnr1_label_asym_id           A 
_struct_conn.ptnr1_label_comp_id           CYS 
_struct_conn.ptnr1_label_seq_id            102 
_struct_conn.ptnr1_label_atom_id           SG 
_struct_conn.pdbx_ptnr1_label_alt_id       ? 
_struct_conn.pdbx_ptnr1_PDB_ins_code       ? 
_struct_conn.pdbx_ptnr1_standard_comp_id   ? 
_struct_conn.ptnr1_symmetry                1_555 
_struct_conn.ptnr2_label_asym_id           A 
_struct_conn.ptnr2_label_comp_id           CYS 
_struct_conn.ptnr2_label_seq_id            106 
_struct_conn.ptnr2_label_atom_id           SG 
_struct_conn.pdbx_ptnr2_label_alt_id       ? 
_struct_conn.pdbx_ptnr2_PDB_ins_code       ? 
_struct_conn.ptnr1_auth_asym_id            A 
_struct_conn.ptnr1_auth_comp_id            CYS 
_struct_conn.ptnr1_auth_seq_id             99 
_struct_conn.ptnr2_auth_asym_id            A 
_struct_conn.ptnr2_auth_comp_id            CYS 
_struct_conn.ptnr2_auth_seq_id             103 
_struct_conn.ptnr2_symmetry                1_555 
_struct_conn.pdbx_ptnr3_label_atom_id      ? 
_struct_conn.pdbx_ptnr3_label_seq_id       ? 
_struct_conn.pdbx_ptnr3_label_comp_id      ? 
_struct_conn.pdbx_ptnr3_label_asym_id      ? 
_struct_conn.pdbx_ptnr3_label_alt_id       ? 
_struct_conn.pdbx_ptnr3_PDB_ins_code       ? 
_struct_conn.details                       ? 
_struct_conn.pdbx_dist_value               2.036 
_struct_conn.pdbx_value_order              ? 
_struct_conn.pdbx_role                     ? 
# 
_struct_conn_type.id          disulf 
_struct_conn_type.criteria    ? 
_struct_conn_type.reference   ? 
# 
_pdbx_modification_feature.ordinal                            1 
_pdbx_modification_feature.label_comp_id                      CYS 
_pdbx_modification_feature.label_asym_id                      A 
_pdbx_modification_feature.label_seq_id                       102 
_pdbx_modification_feature.label_alt_id                       ? 
_pdbx_modification_feature.modified_residue_label_comp_id     CYS 
_pdbx_modification_feature.modified_residue_label_asym_id     A 
_pdbx_modification_feature.modified_residue_label_seq_id      106 
_pdbx_modification_feature.modified_residue_label_alt_id      ? 
_pdbx_modification_feature.auth_comp_id                       CYS 
_pdbx_modification_feature.auth_asym_id                       A 
_pdbx_modification_feature.auth_seq_id                        99 
_pdbx_modification_feature.PDB_ins_code                       ? 
_pdbx_modification_feature.symmetry                           1_555 
_pdbx_modification_feature.modified_residue_auth_comp_id      CYS 
_pdbx_modification_feature.modified_residue_auth_asym_id      A 
_pdbx_modification_feature.modified_residue_auth_seq_id       103 
_pdbx_modification_feature.modified_residue_PDB_ins_code      ? 
_pdbx_modification_feature.modified_residue_symmetry          1_555 
_pdbx_modification_feature.comp_id_linking_atom               SG 
_pdbx_modification_feature.modified_residue_id_linking_atom   SG 
_pdbx_modification_feature.modified_residue_id                . 
_pdbx_modification_feature.ref_pcm_id                         . 
_pdbx_modification_feature.ref_comp_id                        . 
_pdbx_modification_feature.type                               None 
_pdbx_modification_feature.category                           'Disulfide bridge' 
# 
_pdbx_entry_details.entry_id                   8T5E 
_pdbx_entry_details.compound_details           ? 
_pdbx_entry_details.source_details             ? 
_pdbx_entry_details.nonpolymer_details         ? 
_pdbx_entry_details.sequence_details           ? 
_pdbx_entry_details.has_ligand_of_interest     ? 
_pdbx_entry_details.has_protein_modification   Y 
# 
loop_
_pdbx_validate_torsion.id 
_pdbx_validate_torsion.PDB_model_num 
_pdbx_validate_torsion.auth_comp_id 
_pdbx_validate_torsion.auth_asym_id 
_pdbx_validate_torsion.auth_seq_id 
_pdbx_validate_torsion.PDB_ins_code 
_pdbx_validate_torsion.label_alt_id 
_pdbx_validate_torsion.phi 
_pdbx_validate_torsion.psi 
1 1 GLU A 3   ? ? -56.50  -9.53   
2 1 SER A 38  ? ? 62.74   -135.02 
3 1 ILE A 101 ? ? -94.28  -60.46  
4 1 TYR B 160 ? ? -101.84 66.84   
5 1 TYR B 161 ? ? -96.87  -112.53 
# 
loop_
_space_group_symop.id 
_space_group_symop.operation_xyz 
1 x,y,z           
2 x+1/2,-y+1/2,-z 
3 -x,y+1/2,-z+1/2 
4 -x+1/2,-y,z+1/2 
# 
loop_
_pdbx_unobs_or_zero_occ_residues.id 
_pdbx_unobs_or_zero_occ_residues.PDB_model_num 
_pdbx_unobs_or_zero_occ_residues.polymer_flag 
_pdbx_unobs_or_zero_occ_residues.occupancy_flag 
_pdbx_unobs_or_zero_occ_residues.auth_asym_id 
_pdbx_unobs_or_zero_occ_residues.auth_comp_id 
_pdbx_unobs_or_zero_occ_residues.auth_seq_id 
_pdbx_unobs_or_zero_occ_residues.PDB_ins_code 
_pdbx_unobs_or_zero_occ_residues.label_asym_id 
_pdbx_unobs_or_zero_occ_residues.label_comp_id 
_pdbx_unobs_or_zero_occ_residues.label_seq_id 
1  1 Y 1 A MET -2  ? A MET 1   
2  1 Y 1 A SER -1  ? A SER 2   
3  1 Y 1 A GLY 0   ? A GLY 3   
4  1 Y 1 A GLU 1   ? A GLU 4   
5  1 Y 1 A GLN 116 ? A GLN 119 
6  1 Y 1 A THR 117 ? A THR 120 
7  1 Y 1 A PRO 118 ? A PRO 121 
8  1 Y 1 A GLU 119 ? A GLU 122 
9  1 Y 1 A GLY 136 ? A GLY 139 
10 1 Y 1 A SER 137 ? A SER 140 
11 1 Y 1 A GLY 138 ? A GLY 141 
12 1 Y 1 B ASP 139 ? B ASP 1   
13 1 Y 1 B MET 140 ? B MET 2   
14 1 Y 1 B ARG 141 ? B ARG 3   
15 1 Y 1 B ARG 164 ? B ARG 26  
# 
loop_
_chem_comp_atom.comp_id 
_chem_comp_atom.atom_id 
_chem_comp_atom.type_symbol 
_chem_comp_atom.pdbx_aromatic_flag 
_chem_comp_atom.pdbx_stereo_config 
_chem_comp_atom.pdbx_ordinal 
ALA N    N N N 1   
ALA CA   C N S 2   
ALA C    C N N 3   
ALA O    O N N 4   
ALA CB   C N N 5   
ALA OXT  O N N 6   
ALA H    H N N 7   
ALA H2   H N N 8   
ALA HA   H N N 9   
ALA HB1  H N N 10  
ALA HB2  H N N 11  
ALA HB3  H N N 12  
ALA HXT  H N N 13  
ARG N    N N N 14  
ARG CA   C N S 15  
ARG C    C N N 16  
ARG O    O N N 17  
ARG CB   C N N 18  
ARG CG   C N N 19  
ARG CD   C N N 20  
ARG NE   N N N 21  
ARG CZ   C N N 22  
ARG NH1  N N N 23  
ARG NH2  N N N 24  
ARG OXT  O N N 25  
ARG H    H N N 26  
ARG H2   H N N 27  
ARG HA   H N N 28  
ARG HB2  H N N 29  
ARG HB3  H N N 30  
ARG HG2  H N N 31  
ARG HG3  H N N 32  
ARG HD2  H N N 33  
ARG HD3  H N N 34  
ARG HE   H N N 35  
ARG HH11 H N N 36  
ARG HH12 H N N 37  
ARG HH21 H N N 38  
ARG HH22 H N N 39  
ARG HXT  H N N 40  
ASN N    N N N 41  
ASN CA   C N S 42  
ASN C    C N N 43  
ASN O    O N N 44  
ASN CB   C N N 45  
ASN CG   C N N 46  
ASN OD1  O N N 47  
ASN ND2  N N N 48  
ASN OXT  O N N 49  
ASN H    H N N 50  
ASN H2   H N N 51  
ASN HA   H N N 52  
ASN HB2  H N N 53  
ASN HB3  H N N 54  
ASN HD21 H N N 55  
ASN HD22 H N N 56  
ASN HXT  H N N 57  
ASP N    N N N 58  
ASP CA   C N S 59  
ASP C    C N N 60  
ASP O    O N N 61  
ASP CB   C N N 62  
ASP CG   C N N 63  
ASP OD1  O N N 64  
ASP OD2  O N N 65  
ASP OXT  O N N 66  
ASP H    H N N 67  
ASP H2   H N N 68  
ASP HA   H N N 69  
ASP HB2  H N N 70  
ASP HB3  H N N 71  
ASP HD2  H N N 72  
ASP HXT  H N N 73  
CYS N    N N N 74  
CYS CA   C N R 75  
CYS C    C N N 76  
CYS O    O N N 77  
CYS CB   C N N 78  
CYS SG   S N N 79  
CYS OXT  O N N 80  
CYS H    H N N 81  
CYS H2   H N N 82  
CYS HA   H N N 83  
CYS HB2  H N N 84  
CYS HB3  H N N 85  
CYS HG   H N N 86  
CYS HXT  H N N 87  
GLN N    N N N 88  
GLN CA   C N S 89  
GLN C    C N N 90  
GLN O    O N N 91  
GLN CB   C N N 92  
GLN CG   C N N 93  
GLN CD   C N N 94  
GLN OE1  O N N 95  
GLN NE2  N N N 96  
GLN OXT  O N N 97  
GLN H    H N N 98  
GLN H2   H N N 99  
GLN HA   H N N 100 
GLN HB2  H N N 101 
GLN HB3  H N N 102 
GLN HG2  H N N 103 
GLN HG3  H N N 104 
GLN HE21 H N N 105 
GLN HE22 H N N 106 
GLN HXT  H N N 107 
GLU N    N N N 108 
GLU CA   C N S 109 
GLU C    C N N 110 
GLU O    O N N 111 
GLU CB   C N N 112 
GLU CG   C N N 113 
GLU CD   C N N 114 
GLU OE1  O N N 115 
GLU OE2  O N N 116 
GLU OXT  O N N 117 
GLU H    H N N 118 
GLU H2   H N N 119 
GLU HA   H N N 120 
GLU HB2  H N N 121 
GLU HB3  H N N 122 
GLU HG2  H N N 123 
GLU HG3  H N N 124 
GLU HE2  H N N 125 
GLU HXT  H N N 126 
GLY N    N N N 127 
GLY CA   C N N 128 
GLY C    C N N 129 
GLY O    O N N 130 
GLY OXT  O N N 131 
GLY H    H N N 132 
GLY H2   H N N 133 
GLY HA2  H N N 134 
GLY HA3  H N N 135 
GLY HXT  H N N 136 
HIS N    N N N 137 
HIS CA   C N S 138 
HIS C    C N N 139 
HIS O    O N N 140 
HIS CB   C N N 141 
HIS CG   C Y N 142 
HIS ND1  N Y N 143 
HIS CD2  C Y N 144 
HIS CE1  C Y N 145 
HIS NE2  N Y N 146 
HIS OXT  O N N 147 
HIS H    H N N 148 
HIS H2   H N N 149 
HIS HA   H N N 150 
HIS HB2  H N N 151 
HIS HB3  H N N 152 
HIS HD1  H N N 153 
HIS HD2  H N N 154 
HIS HE1  H N N 155 
HIS HE2  H N N 156 
HIS HXT  H N N 157 
ILE N    N N N 158 
ILE CA   C N S 159 
ILE C    C N N 160 
ILE O    O N N 161 
ILE CB   C N S 162 
ILE CG1  C N N 163 
ILE CG2  C N N 164 
ILE CD1  C N N 165 
ILE OXT  O N N 166 
ILE H    H N N 167 
ILE H2   H N N 168 
ILE HA   H N N 169 
ILE HB   H N N 170 
ILE HG12 H N N 171 
ILE HG13 H N N 172 
ILE HG21 H N N 173 
ILE HG22 H N N 174 
ILE HG23 H N N 175 
ILE HD11 H N N 176 
ILE HD12 H N N 177 
ILE HD13 H N N 178 
ILE HXT  H N N 179 
LEU N    N N N 180 
LEU CA   C N S 181 
LEU C    C N N 182 
LEU O    O N N 183 
LEU CB   C N N 184 
LEU CG   C N N 185 
LEU CD1  C N N 186 
LEU CD2  C N N 187 
LEU OXT  O N N 188 
LEU H    H N N 189 
LEU H2   H N N 190 
LEU HA   H N N 191 
LEU HB2  H N N 192 
LEU HB3  H N N 193 
LEU HG   H N N 194 
LEU HD11 H N N 195 
LEU HD12 H N N 196 
LEU HD13 H N N 197 
LEU HD21 H N N 198 
LEU HD22 H N N 199 
LEU HD23 H N N 200 
LEU HXT  H N N 201 
LYS N    N N N 202 
LYS CA   C N S 203 
LYS C    C N N 204 
LYS O    O N N 205 
LYS CB   C N N 206 
LYS CG   C N N 207 
LYS CD   C N N 208 
LYS CE   C N N 209 
LYS NZ   N N N 210 
LYS OXT  O N N 211 
LYS H    H N N 212 
LYS H2   H N N 213 
LYS HA   H N N 214 
LYS HB2  H N N 215 
LYS HB3  H N N 216 
LYS HG2  H N N 217 
LYS HG3  H N N 218 
LYS HD2  H N N 219 
LYS HD3  H N N 220 
LYS HE2  H N N 221 
LYS HE3  H N N 222 
LYS HZ1  H N N 223 
LYS HZ2  H N N 224 
LYS HZ3  H N N 225 
LYS HXT  H N N 226 
MET N    N N N 227 
MET CA   C N S 228 
MET C    C N N 229 
MET O    O N N 230 
MET CB   C N N 231 
MET CG   C N N 232 
MET SD   S N N 233 
MET CE   C N N 234 
MET OXT  O N N 235 
MET H    H N N 236 
MET H2   H N N 237 
MET HA   H N N 238 
MET HB2  H N N 239 
MET HB3  H N N 240 
MET HG2  H N N 241 
MET HG3  H N N 242 
MET HE1  H N N 243 
MET HE2  H N N 244 
MET HE3  H N N 245 
MET HXT  H N N 246 
PHE N    N N N 247 
PHE CA   C N S 248 
PHE C    C N N 249 
PHE O    O N N 250 
PHE CB   C N N 251 
PHE CG   C Y N 252 
PHE CD1  C Y N 253 
PHE CD2  C Y N 254 
PHE CE1  C Y N 255 
PHE CE2  C Y N 256 
PHE CZ   C Y N 257 
PHE OXT  O N N 258 
PHE H    H N N 259 
PHE H2   H N N 260 
PHE HA   H N N 261 
PHE HB2  H N N 262 
PHE HB3  H N N 263 
PHE HD1  H N N 264 
PHE HD2  H N N 265 
PHE HE1  H N N 266 
PHE HE2  H N N 267 
PHE HZ   H N N 268 
PHE HXT  H N N 269 
PRO N    N N N 270 
PRO CA   C N S 271 
PRO C    C N N 272 
PRO O    O N N 273 
PRO CB   C N N 274 
PRO CG   C N N 275 
PRO CD   C N N 276 
PRO OXT  O N N 277 
PRO H    H N N 278 
PRO HA   H N N 279 
PRO HB2  H N N 280 
PRO HB3  H N N 281 
PRO HG2  H N N 282 
PRO HG3  H N N 283 
PRO HD2  H N N 284 
PRO HD3  H N N 285 
PRO HXT  H N N 286 
SER N    N N N 287 
SER CA   C N S 288 
SER C    C N N 289 
SER O    O N N 290 
SER CB   C N N 291 
SER OG   O N N 292 
SER OXT  O N N 293 
SER H    H N N 294 
SER H2   H N N 295 
SER HA   H N N 296 
SER HB2  H N N 297 
SER HB3  H N N 298 
SER HG   H N N 299 
SER HXT  H N N 300 
THR N    N N N 301 
THR CA   C N S 302 
THR C    C N N 303 
THR O    O N N 304 
THR CB   C N R 305 
THR OG1  O N N 306 
THR CG2  C N N 307 
THR OXT  O N N 308 
THR H    H N N 309 
THR H2   H N N 310 
THR HA   H N N 311 
THR HB   H N N 312 
THR HG1  H N N 313 
THR HG21 H N N 314 
THR HG22 H N N 315 
THR HG23 H N N 316 
THR HXT  H N N 317 
TRP N    N N N 318 
TRP CA   C N S 319 
TRP C    C N N 320 
TRP O    O N N 321 
TRP CB   C N N 322 
TRP CG   C Y N 323 
TRP CD1  C Y N 324 
TRP CD2  C Y N 325 
TRP NE1  N Y N 326 
TRP CE2  C Y N 327 
TRP CE3  C Y N 328 
TRP CZ2  C Y N 329 
TRP CZ3  C Y N 330 
TRP CH2  C Y N 331 
TRP OXT  O N N 332 
TRP H    H N N 333 
TRP H2   H N N 334 
TRP HA   H N N 335 
TRP HB2  H N N 336 
TRP HB3  H N N 337 
TRP HD1  H N N 338 
TRP HE1  H N N 339 
TRP HE3  H N N 340 
TRP HZ2  H N N 341 
TRP HZ3  H N N 342 
TRP HH2  H N N 343 
TRP HXT  H N N 344 
TYR N    N N N 345 
TYR CA   C N S 346 
TYR C    C N N 347 
TYR O    O N N 348 
TYR CB   C N N 349 
TYR CG   C Y N 350 
TYR CD1  C Y N 351 
TYR CD2  C Y N 352 
TYR CE1  C Y N 353 
TYR CE2  C Y N 354 
TYR CZ   C Y N 355 
TYR OH   O N N 356 
TYR OXT  O N N 357 
TYR H    H N N 358 
TYR H2   H N N 359 
TYR HA   H N N 360 
TYR HB2  H N N 361 
TYR HB3  H N N 362 
TYR HD1  H N N 363 
TYR HD2  H N N 364 
TYR HE1  H N N 365 
TYR HE2  H N N 366 
TYR HH   H N N 367 
TYR HXT  H N N 368 
VAL N    N N N 369 
VAL CA   C N S 370 
VAL C    C N N 371 
VAL O    O N N 372 
VAL CB   C N N 373 
VAL CG1  C N N 374 
VAL CG2  C N N 375 
VAL OXT  O N N 376 
VAL H    H N N 377 
VAL H2   H N N 378 
VAL HA   H N N 379 
VAL HB   H N N 380 
VAL HG11 H N N 381 
VAL HG12 H N N 382 
VAL HG13 H N N 383 
VAL HG21 H N N 384 
VAL HG22 H N N 385 
VAL HG23 H N N 386 
VAL HXT  H N N 387 
# 
loop_
_chem_comp_bond.comp_id 
_chem_comp_bond.atom_id_1 
_chem_comp_bond.atom_id_2 
_chem_comp_bond.value_order 
_chem_comp_bond.pdbx_aromatic_flag 
_chem_comp_bond.pdbx_stereo_config 
_chem_comp_bond.pdbx_ordinal 
ALA N   CA   sing N N 1   
ALA N   H    sing N N 2   
ALA N   H2   sing N N 3   
ALA CA  C    sing N N 4   
ALA CA  CB   sing N N 5   
ALA CA  HA   sing N N 6   
ALA C   O    doub N N 7   
ALA C   OXT  sing N N 8   
ALA CB  HB1  sing N N 9   
ALA CB  HB2  sing N N 10  
ALA CB  HB3  sing N N 11  
ALA OXT HXT  sing N N 12  
ARG N   CA   sing N N 13  
ARG N   H    sing N N 14  
ARG N   H2   sing N N 15  
ARG CA  C    sing N N 16  
ARG CA  CB   sing N N 17  
ARG CA  HA   sing N N 18  
ARG C   O    doub N N 19  
ARG C   OXT  sing N N 20  
ARG CB  CG   sing N N 21  
ARG CB  HB2  sing N N 22  
ARG CB  HB3  sing N N 23  
ARG CG  CD   sing N N 24  
ARG CG  HG2  sing N N 25  
ARG CG  HG3  sing N N 26  
ARG CD  NE   sing N N 27  
ARG CD  HD2  sing N N 28  
ARG CD  HD3  sing N N 29  
ARG NE  CZ   sing N N 30  
ARG NE  HE   sing N N 31  
ARG CZ  NH1  sing N N 32  
ARG CZ  NH2  doub N N 33  
ARG NH1 HH11 sing N N 34  
ARG NH1 HH12 sing N N 35  
ARG NH2 HH21 sing N N 36  
ARG NH2 HH22 sing N N 37  
ARG OXT HXT  sing N N 38  
ASN N   CA   sing N N 39  
ASN N   H    sing N N 40  
ASN N   H2   sing N N 41  
ASN CA  C    sing N N 42  
ASN CA  CB   sing N N 43  
ASN CA  HA   sing N N 44  
ASN C   O    doub N N 45  
ASN C   OXT  sing N N 46  
ASN CB  CG   sing N N 47  
ASN CB  HB2  sing N N 48  
ASN CB  HB3  sing N N 49  
ASN CG  OD1  doub N N 50  
ASN CG  ND2  sing N N 51  
ASN ND2 HD21 sing N N 52  
ASN ND2 HD22 sing N N 53  
ASN OXT HXT  sing N N 54  
ASP N   CA   sing N N 55  
ASP N   H    sing N N 56  
ASP N   H2   sing N N 57  
ASP CA  C    sing N N 58  
ASP CA  CB   sing N N 59  
ASP CA  HA   sing N N 60  
ASP C   O    doub N N 61  
ASP C   OXT  sing N N 62  
ASP CB  CG   sing N N 63  
ASP CB  HB2  sing N N 64  
ASP CB  HB3  sing N N 65  
ASP CG  OD1  doub N N 66  
ASP CG  OD2  sing N N 67  
ASP OD2 HD2  sing N N 68  
ASP OXT HXT  sing N N 69  
CYS N   CA   sing N N 70  
CYS N   H    sing N N 71  
CYS N   H2   sing N N 72  
CYS CA  C    sing N N 73  
CYS CA  CB   sing N N 74  
CYS CA  HA   sing N N 75  
CYS C   O    doub N N 76  
CYS C   OXT  sing N N 77  
CYS CB  SG   sing N N 78  
CYS CB  HB2  sing N N 79  
CYS CB  HB3  sing N N 80  
CYS SG  HG   sing N N 81  
CYS OXT HXT  sing N N 82  
GLN N   CA   sing N N 83  
GLN N   H    sing N N 84  
GLN N   H2   sing N N 85  
GLN CA  C    sing N N 86  
GLN CA  CB   sing N N 87  
GLN CA  HA   sing N N 88  
GLN C   O    doub N N 89  
GLN C   OXT  sing N N 90  
GLN CB  CG   sing N N 91  
GLN CB  HB2  sing N N 92  
GLN CB  HB3  sing N N 93  
GLN CG  CD   sing N N 94  
GLN CG  HG2  sing N N 95  
GLN CG  HG3  sing N N 96  
GLN CD  OE1  doub N N 97  
GLN CD  NE2  sing N N 98  
GLN NE2 HE21 sing N N 99  
GLN NE2 HE22 sing N N 100 
GLN OXT HXT  sing N N 101 
GLU N   CA   sing N N 102 
GLU N   H    sing N N 103 
GLU N   H2   sing N N 104 
GLU CA  C    sing N N 105 
GLU CA  CB   sing N N 106 
GLU CA  HA   sing N N 107 
GLU C   O    doub N N 108 
GLU C   OXT  sing N N 109 
GLU CB  CG   sing N N 110 
GLU CB  HB2  sing N N 111 
GLU CB  HB3  sing N N 112 
GLU CG  CD   sing N N 113 
GLU CG  HG2  sing N N 114 
GLU CG  HG3  sing N N 115 
GLU CD  OE1  doub N N 116 
GLU CD  OE2  sing N N 117 
GLU OE2 HE2  sing N N 118 
GLU OXT HXT  sing N N 119 
GLY N   CA   sing N N 120 
GLY N   H    sing N N 121 
GLY N   H2   sing N N 122 
GLY CA  C    sing N N 123 
GLY CA  HA2  sing N N 124 
GLY CA  HA3  sing N N 125 
GLY C   O    doub N N 126 
GLY C   OXT  sing N N 127 
GLY OXT HXT  sing N N 128 
HIS N   CA   sing N N 129 
HIS N   H    sing N N 130 
HIS N   H2   sing N N 131 
HIS CA  C    sing N N 132 
HIS CA  CB   sing N N 133 
HIS CA  HA   sing N N 134 
HIS C   O    doub N N 135 
HIS C   OXT  sing N N 136 
HIS CB  CG   sing N N 137 
HIS CB  HB2  sing N N 138 
HIS CB  HB3  sing N N 139 
HIS CG  ND1  sing Y N 140 
HIS CG  CD2  doub Y N 141 
HIS ND1 CE1  doub Y N 142 
HIS ND1 HD1  sing N N 143 
HIS CD2 NE2  sing Y N 144 
HIS CD2 HD2  sing N N 145 
HIS CE1 NE2  sing Y N 146 
HIS CE1 HE1  sing N N 147 
HIS NE2 HE2  sing N N 148 
HIS OXT HXT  sing N N 149 
ILE N   CA   sing N N 150 
ILE N   H    sing N N 151 
ILE N   H2   sing N N 152 
ILE CA  C    sing N N 153 
ILE CA  CB   sing N N 154 
ILE CA  HA   sing N N 155 
ILE C   O    doub N N 156 
ILE C   OXT  sing N N 157 
ILE CB  CG1  sing N N 158 
ILE CB  CG2  sing N N 159 
ILE CB  HB   sing N N 160 
ILE CG1 CD1  sing N N 161 
ILE CG1 HG12 sing N N 162 
ILE CG1 HG13 sing N N 163 
ILE CG2 HG21 sing N N 164 
ILE CG2 HG22 sing N N 165 
ILE CG2 HG23 sing N N 166 
ILE CD1 HD11 sing N N 167 
ILE CD1 HD12 sing N N 168 
ILE CD1 HD13 sing N N 169 
ILE OXT HXT  sing N N 170 
LEU N   CA   sing N N 171 
LEU N   H    sing N N 172 
LEU N   H2   sing N N 173 
LEU CA  C    sing N N 174 
LEU CA  CB   sing N N 175 
LEU CA  HA   sing N N 176 
LEU C   O    doub N N 177 
LEU C   OXT  sing N N 178 
LEU CB  CG   sing N N 179 
LEU CB  HB2  sing N N 180 
LEU CB  HB3  sing N N 181 
LEU CG  CD1  sing N N 182 
LEU CG  CD2  sing N N 183 
LEU CG  HG   sing N N 184 
LEU CD1 HD11 sing N N 185 
LEU CD1 HD12 sing N N 186 
LEU CD1 HD13 sing N N 187 
LEU CD2 HD21 sing N N 188 
LEU CD2 HD22 sing N N 189 
LEU CD2 HD23 sing N N 190 
LEU OXT HXT  sing N N 191 
LYS N   CA   sing N N 192 
LYS N   H    sing N N 193 
LYS N   H2   sing N N 194 
LYS CA  C    sing N N 195 
LYS CA  CB   sing N N 196 
LYS CA  HA   sing N N 197 
LYS C   O    doub N N 198 
LYS C   OXT  sing N N 199 
LYS CB  CG   sing N N 200 
LYS CB  HB2  sing N N 201 
LYS CB  HB3  sing N N 202 
LYS CG  CD   sing N N 203 
LYS CG  HG2  sing N N 204 
LYS CG  HG3  sing N N 205 
LYS CD  CE   sing N N 206 
LYS CD  HD2  sing N N 207 
LYS CD  HD3  sing N N 208 
LYS CE  NZ   sing N N 209 
LYS CE  HE2  sing N N 210 
LYS CE  HE3  sing N N 211 
LYS NZ  HZ1  sing N N 212 
LYS NZ  HZ2  sing N N 213 
LYS NZ  HZ3  sing N N 214 
LYS OXT HXT  sing N N 215 
MET N   CA   sing N N 216 
MET N   H    sing N N 217 
MET N   H2   sing N N 218 
MET CA  C    sing N N 219 
MET CA  CB   sing N N 220 
MET CA  HA   sing N N 221 
MET C   O    doub N N 222 
MET C   OXT  sing N N 223 
MET CB  CG   sing N N 224 
MET CB  HB2  sing N N 225 
MET CB  HB3  sing N N 226 
MET CG  SD   sing N N 227 
MET CG  HG2  sing N N 228 
MET CG  HG3  sing N N 229 
MET SD  CE   sing N N 230 
MET CE  HE1  sing N N 231 
MET CE  HE2  sing N N 232 
MET CE  HE3  sing N N 233 
MET OXT HXT  sing N N 234 
PHE N   CA   sing N N 235 
PHE N   H    sing N N 236 
PHE N   H2   sing N N 237 
PHE CA  C    sing N N 238 
PHE CA  CB   sing N N 239 
PHE CA  HA   sing N N 240 
PHE C   O    doub N N 241 
PHE C   OXT  sing N N 242 
PHE CB  CG   sing N N 243 
PHE CB  HB2  sing N N 244 
PHE CB  HB3  sing N N 245 
PHE CG  CD1  doub Y N 246 
PHE CG  CD2  sing Y N 247 
PHE CD1 CE1  sing Y N 248 
PHE CD1 HD1  sing N N 249 
PHE CD2 CE2  doub Y N 250 
PHE CD2 HD2  sing N N 251 
PHE CE1 CZ   doub Y N 252 
PHE CE1 HE1  sing N N 253 
PHE CE2 CZ   sing Y N 254 
PHE CE2 HE2  sing N N 255 
PHE CZ  HZ   sing N N 256 
PHE OXT HXT  sing N N 257 
PRO N   CA   sing N N 258 
PRO N   CD   sing N N 259 
PRO N   H    sing N N 260 
PRO CA  C    sing N N 261 
PRO CA  CB   sing N N 262 
PRO CA  HA   sing N N 263 
PRO C   O    doub N N 264 
PRO C   OXT  sing N N 265 
PRO CB  CG   sing N N 266 
PRO CB  HB2  sing N N 267 
PRO CB  HB3  sing N N 268 
PRO CG  CD   sing N N 269 
PRO CG  HG2  sing N N 270 
PRO CG  HG3  sing N N 271 
PRO CD  HD2  sing N N 272 
PRO CD  HD3  sing N N 273 
PRO OXT HXT  sing N N 274 
SER N   CA   sing N N 275 
SER N   H    sing N N 276 
SER N   H2   sing N N 277 
SER CA  C    sing N N 278 
SER CA  CB   sing N N 279 
SER CA  HA   sing N N 280 
SER C   O    doub N N 281 
SER C   OXT  sing N N 282 
SER CB  OG   sing N N 283 
SER CB  HB2  sing N N 284 
SER CB  HB3  sing N N 285 
SER OG  HG   sing N N 286 
SER OXT HXT  sing N N 287 
THR N   CA   sing N N 288 
THR N   H    sing N N 289 
THR N   H2   sing N N 290 
THR CA  C    sing N N 291 
THR CA  CB   sing N N 292 
THR CA  HA   sing N N 293 
THR C   O    doub N N 294 
THR C   OXT  sing N N 295 
THR CB  OG1  sing N N 296 
THR CB  CG2  sing N N 297 
THR CB  HB   sing N N 298 
THR OG1 HG1  sing N N 299 
THR CG2 HG21 sing N N 300 
THR CG2 HG22 sing N N 301 
THR CG2 HG23 sing N N 302 
THR OXT HXT  sing N N 303 
TRP N   CA   sing N N 304 
TRP N   H    sing N N 305 
TRP N   H2   sing N N 306 
TRP CA  C    sing N N 307 
TRP CA  CB   sing N N 308 
TRP CA  HA   sing N N 309 
TRP C   O    doub N N 310 
TRP C   OXT  sing N N 311 
TRP CB  CG   sing N N 312 
TRP CB  HB2  sing N N 313 
TRP CB  HB3  sing N N 314 
TRP CG  CD1  doub Y N 315 
TRP CG  CD2  sing Y N 316 
TRP CD1 NE1  sing Y N 317 
TRP CD1 HD1  sing N N 318 
TRP CD2 CE2  doub Y N 319 
TRP CD2 CE3  sing Y N 320 
TRP NE1 CE2  sing Y N 321 
TRP NE1 HE1  sing N N 322 
TRP CE2 CZ2  sing Y N 323 
TRP CE3 CZ3  doub Y N 324 
TRP CE3 HE3  sing N N 325 
TRP CZ2 CH2  doub Y N 326 
TRP CZ2 HZ2  sing N N 327 
TRP CZ3 CH2  sing Y N 328 
TRP CZ3 HZ3  sing N N 329 
TRP CH2 HH2  sing N N 330 
TRP OXT HXT  sing N N 331 
TYR N   CA   sing N N 332 
TYR N   H    sing N N 333 
TYR N   H2   sing N N 334 
TYR CA  C    sing N N 335 
TYR CA  CB   sing N N 336 
TYR CA  HA   sing N N 337 
TYR C   O    doub N N 338 
TYR C   OXT  sing N N 339 
TYR CB  CG   sing N N 340 
TYR CB  HB2  sing N N 341 
TYR CB  HB3  sing N N 342 
TYR CG  CD1  doub Y N 343 
TYR CG  CD2  sing Y N 344 
TYR CD1 CE1  sing Y N 345 
TYR CD1 HD1  sing N N 346 
TYR CD2 CE2  doub Y N 347 
TYR CD2 HD2  sing N N 348 
TYR CE1 CZ   doub Y N 349 
TYR CE1 HE1  sing N N 350 
TYR CE2 CZ   sing Y N 351 
TYR CE2 HE2  sing N N 352 
TYR CZ  OH   sing N N 353 
TYR OH  HH   sing N N 354 
TYR OXT HXT  sing N N 355 
VAL N   CA   sing N N 356 
VAL N   H    sing N N 357 
VAL N   H2   sing N N 358 
VAL CA  C    sing N N 359 
VAL CA  CB   sing N N 360 
VAL CA  HA   sing N N 361 
VAL C   O    doub N N 362 
VAL C   OXT  sing N N 363 
VAL CB  CG1  sing N N 364 
VAL CB  CG2  sing N N 365 
VAL CB  HB   sing N N 366 
VAL CG1 HG11 sing N N 367 
VAL CG1 HG12 sing N N 368 
VAL CG1 HG13 sing N N 369 
VAL CG2 HG21 sing N N 370 
VAL CG2 HG22 sing N N 371 
VAL CG2 HG23 sing N N 372 
VAL OXT HXT  sing N N 373 
# 
loop_
_pdbx_audit_support.funding_organization 
_pdbx_audit_support.country 
_pdbx_audit_support.grant_number 
_pdbx_audit_support.ordinal 
'National Science Foundation (NSF, United States)' 'United States' ? 1 
'Howard Hughes Medical Institute (HHMI)'           'United States' ? 2 
# 
_pdbx_initial_refinement_model.id               1 
_pdbx_initial_refinement_model.entity_id_list   ? 
_pdbx_initial_refinement_model.type             other 
_pdbx_initial_refinement_model.source_name      Other 
_pdbx_initial_refinement_model.accession_code   ? 
_pdbx_initial_refinement_model.details          'De novo Designed model' 
# 
_space_group.name_H-M_alt     'P 21 21 21' 
_space_group.name_Hall        'P 2ac 2ab' 
_space_group.IT_number        19 
_space_group.crystal_system   orthorhombic 
_space_group.id               1 
# 
_atom_sites.entry_id                    8T5E 
_atom_sites.Cartn_transf_matrix[1][1]   ? 
_atom_sites.Cartn_transf_matrix[1][2]   ? 
_atom_sites.Cartn_transf_matrix[1][3]   ? 
_atom_sites.Cartn_transf_matrix[2][1]   ? 
_atom_sites.Cartn_transf_matrix[2][2]   ? 
_atom_sites.Cartn_transf_matrix[2][3]   ? 
_atom_sites.Cartn_transf_matrix[3][1]   ? 
_atom_sites.Cartn_transf_matrix[3][2]   ? 
_atom_sites.Cartn_transf_matrix[3][3]   ? 
_atom_sites.Cartn_transf_vector[1]      ? 
_atom_sites.Cartn_transf_vector[2]      ? 
_atom_sites.Cartn_transf_vector[3]      ? 
_atom_sites.fract_transf_matrix[1][1]   -0.00858123 
_atom_sites.fract_transf_matrix[1][2]   0.00263304 
_atom_sites.fract_transf_matrix[1][3]   0.03772175 
_atom_sites.fract_transf_matrix[2][1]   -0.01086243 
_atom_sites.fract_transf_matrix[2][2]   -0.01019370 
_atom_sites.fract_transf_matrix[2][3]   -0.00175953 
_atom_sites.fract_transf_matrix[3][1]   0.00879082 
_atom_sites.fract_transf_matrix[3][2]   -0.00983115 
_atom_sites.fract_transf_matrix[3][3]   0.00268603 
_atom_sites.fract_transf_vector[1]      0.257597 
_atom_sites.fract_transf_vector[2]      -0.007976 
_atom_sites.fract_transf_vector[3]      0.131849 
_atom_sites.solution_primary            ? 
_atom_sites.solution_secondary          ? 
_atom_sites.solution_hydrogens          ? 
_atom_sites.special_details             ? 
# 
loop_
_atom_type.symbol 
_atom_type.scat_dispersion_real 
_atom_type.scat_dispersion_imag 
_atom_type.scat_Cromer_Mann_a1 
_atom_type.scat_Cromer_Mann_a2 
_atom_type.scat_Cromer_Mann_a3 
_atom_type.scat_Cromer_Mann_a4 
_atom_type.scat_Cromer_Mann_b1 
_atom_type.scat_Cromer_Mann_b2 
_atom_type.scat_Cromer_Mann_b3 
_atom_type.scat_Cromer_Mann_b4 
_atom_type.scat_Cromer_Mann_c 
_atom_type.scat_source 
_atom_type.scat_dispersion_source 
C ? ? 3.54356 2.42580 ? ? 25.62398 1.50364  ? ? 0.0 
;2-Gaussian fit: Grosse-Kunstleve RW, Sauter NK, Adams PD: Newsletter of the IUCr Commission on Crystallographic Computing 2004, 3, 22-31.
;
? 
N ? ? 6.96715 ?       ? ? 11.43723 ?        ? ? 0.0 
;1-Gaussian fit: Grosse-Kunstleve RW, Sauter NK, Adams PD: Newsletter of the IUCr Commission on Crystallographic Computing 2004, 3, 22-31.
;
? 
O ? ? 7.96527 ?       ? ? 9.05267  ?        ? ? 0.0 
;1-Gaussian fit: Grosse-Kunstleve RW, Sauter NK, Adams PD: Newsletter of the IUCr Commission on Crystallographic Computing 2004, 3, 22-31.
;
? 
S ? ? 9.55732 6.39887 ? ? 1.23737  29.19336 ? ? 0.0 
;2-Gaussian fit: Grosse-Kunstleve RW, Sauter NK, Adams PD: Newsletter of the IUCr Commission on Crystallographic Computing 2004, 3, 22-31.
;
? 
# 
loop_
_atom_site.group_PDB 
_atom_site.id 
_atom_site.type_symbol 
_atom_site.label_atom_id 
_atom_site.label_alt_id 
_atom_site.label_comp_id 
_atom_site.label_asym_id 
_atom_site.label_entity_id 
_atom_site.label_seq_id 
_atom_site.pdbx_PDB_ins_code 
_atom_site.Cartn_x 
_atom_site.Cartn_y 
_atom_site.Cartn_z 
_atom_site.occupancy 
_atom_site.B_iso_or_equiv 
_atom_site.pdbx_formal_charge 
_atom_site.auth_seq_id 
_atom_site.auth_comp_id 
_atom_site.auth_asym_id 
_atom_site.auth_atom_id 
_atom_site.pdbx_PDB_model_num 
ATOM 1    N N   . GLU A 1 5   ? 19.40009  14.43802  0.41582   1.000 96.49745  ? 2   GLU A N   1 
ATOM 2    C CA  . GLU A 1 5   ? 19.93703  13.38392  1.26723   1.000 93.93673  ? 2   GLU A CA  1 
ATOM 3    C C   . GLU A 1 5   ? 18.79584  12.57587  1.86277   1.000 96.82276  ? 2   GLU A C   1 
ATOM 4    O O   . GLU A 1 5   ? 18.83018  11.34466  1.85041   1.000 90.54269  ? 2   GLU A O   1 
ATOM 5    C CB  . GLU A 1 5   ? 20.82715  13.98337  2.36802   1.000 98.31487  ? 2   GLU A CB  1 
ATOM 6    C CG  . GLU A 1 5   ? 21.89643  13.04479  2.96639   1.000 103.92126 ? 2   GLU A CG  1 
ATOM 7    C CD  . GLU A 1 5   ? 21.36039  11.86419  3.77563   1.000 109.39207 ? 2   GLU A CD  1 
ATOM 8    O OE1 . GLU A 1 5   ? 20.17481  11.86191  4.15996   1.000 105.83752 ? 2   GLU A OE1 1 
ATOM 9    O OE2 . GLU A 1 5   ? 22.14528  10.92293  4.02826   1.000 93.77734  ? 2   GLU A OE2 1 
ATOM 10   N N   . GLU A 1 6   ? 17.77505  13.27655  2.36634   1.000 101.30387 ? 3   GLU A N   1 
ATOM 11   C CA  . GLU A 1 6   ? 16.65641  12.63134  3.04765   1.000 95.41438  ? 3   GLU A CA  1 
ATOM 12   C C   . GLU A 1 6   ? 15.95665  11.58253  2.19375   1.000 89.89162  ? 3   GLU A C   1 
ATOM 13   O O   . GLU A 1 6   ? 15.10467  10.85516  2.71762   1.000 85.75206  ? 3   GLU A O   1 
ATOM 14   C CB  . GLU A 1 6   ? 15.64329  13.68366  3.49774   1.000 96.45253  ? 3   GLU A CB  1 
ATOM 15   C CG  . GLU A 1 6   ? 15.00901  14.44999  2.35377   1.000 99.57178  ? 3   GLU A CG  1 
ATOM 16   C CD  . GLU A 1 6   ? 14.20861  15.63847  2.83322   1.000 91.96300  ? 3   GLU A CD  1 
ATOM 17   O OE1 . GLU A 1 6   ? 14.24106  15.92538  4.04889   1.000 82.33876  ? 3   GLU A OE1 1 
ATOM 18   O OE2 . GLU A 1 6   ? 13.54895  16.28800  1.99603   1.000 104.42704 ? 3   GLU A OE2 1 
ATOM 19   N N   . ARG A 1 7   ? 16.28028  11.49440  0.90166   1.000 73.15653  ? 4   ARG A N   1 
ATOM 20   C CA  . ARG A 1 7   ? 15.76512  10.40446  0.08275   1.000 76.12918  ? 4   ARG A CA  1 
ATOM 21   C C   . ARG A 1 7   ? 16.15744  9.05512   0.67073   1.000 85.71955  ? 4   ARG A C   1 
ATOM 22   O O   . ARG A 1 7   ? 15.32570  8.14712   0.77957   1.000 88.11972  ? 4   ARG A O   1 
ATOM 23   C CB  . ARG A 1 7   ? 16.28015  10.53497  -1.34988  1.000 79.93227  ? 4   ARG A CB  1 
ATOM 24   C CG  . ARG A 1 7   ? 15.33698  11.26712  -2.27842  1.000 79.50954  ? 4   ARG A CG  1 
ATOM 25   C CD  . ARG A 1 7   ? 15.44406  10.74696  -3.69943  1.000 82.51190  ? 4   ARG A CD  1 
ATOM 26   N NE  . ARG A 1 7   ? 14.86144  9.41786   -3.83811  1.000 81.47310  ? 4   ARG A NE  1 
ATOM 27   C CZ  . ARG A 1 7   ? 14.65244  8.81083   -4.99815  1.000 82.14552  ? 4   ARG A CZ  1 
ATOM 28   N NH1 . ARG A 1 7   ? 14.98319  9.38079   -6.14578  1.000 72.04531  ? 4   ARG A NH1 1 
ATOM 29   N NH2 . ARG A 1 7   ? 14.09649  7.60238   -5.00702  1.000 77.04064  ? 4   ARG A NH2 1 
ATOM 30   N N   . LYS A 1 8   ? 17.42575  8.91059   1.06869   1.000 82.17327  ? 5   LYS A N   1 
ATOM 31   C CA  . LYS A 1 8   ? 17.87768  7.64905   1.64724   1.000 79.14267  ? 5   LYS A CA  1 
ATOM 32   C C   . LYS A 1 8   ? 17.16473  7.35135   2.95992   1.000 76.91263  ? 5   LYS A C   1 
ATOM 33   O O   . LYS A 1 8   ? 16.85232  6.19151   3.25082   1.000 77.12135  ? 5   LYS A O   1 
ATOM 34   C CB  . LYS A 1 8   ? 19.39356  7.66353   1.85509   1.000 90.92735  ? 5   LYS A CB  1 
ATOM 35   C CG  . LYS A 1 8   ? 20.21769  8.03272   0.62887   1.000 103.37264 ? 5   LYS A CG  1 
ATOM 36   C CD  . LYS A 1 8   ? 21.70321  7.77438   0.87910   1.000 96.55602  ? 5   LYS A CD  1 
ATOM 37   C CE  . LYS A 1 8   ? 22.49600  7.71181   -0.42179  1.000 91.71079  ? 5   LYS A CE  1 
ATOM 38   N NZ  . LYS A 1 8   ? 23.66100  8.64171   -0.43377  1.000 90.05163  ? 5   LYS A NZ  1 
ATOM 39   N N   . GLU A 1 9   ? 16.90648  8.38068   3.77082   1.000 80.40030  ? 6   GLU A N   1 
ATOM 40   C CA  . GLU A 1 9   ? 16.14426  8.18119   5.00029   1.000 83.63870  ? 6   GLU A CA  1 
ATOM 41   C C   . GLU A 1 9   ? 14.76787  7.60193   4.69723   1.000 81.64888  ? 6   GLU A C   1 
ATOM 42   O O   . GLU A 1 9   ? 14.38368  6.55537   5.23178   1.000 81.30705  ? 6   GLU A O   1 
ATOM 43   C CB  . GLU A 1 9   ? 16.00320  9.50003   5.76420   1.000 97.89673  ? 6   GLU A CB  1 
ATOM 44   C CG  . GLU A 1 9   ? 17.29870  10.12445  6.24930   1.000 104.41721 ? 6   GLU A CG  1 
ATOM 45   C CD  . GLU A 1 9   ? 17.09582  11.55196  6.72833   1.000 115.29323 ? 6   GLU A CD  1 
ATOM 46   O OE1 . GLU A 1 9   ? 15.92946  11.99794  6.78817   1.000 98.13628  ? 6   GLU A OE1 1 
ATOM 47   O OE2 . GLU A 1 9   ? 18.09670  12.22573  7.05100   1.000 125.78519 ? 6   GLU A OE2 1 
ATOM 48   N N   . LYS A 1 10  ? 14.01138  8.27633   3.82731   1.000 81.60764  ? 7   LYS A N   1 
ATOM 49   C CA  . LYS A 1 10  ? 12.65705  7.83380   3.51462   1.000 83.90830  ? 7   LYS A CA  1 
ATOM 50   C C   . LYS A 1 10  ? 12.65046  6.46631   2.83981   1.000 75.84378  ? 7   LYS A C   1 
ATOM 51   O O   . LYS A 1 10  ? 11.67325  5.71972   2.96397   1.000 67.80934  ? 7   LYS A O   1 
ATOM 52   C CB  . LYS A 1 10  ? 11.96248  8.87836   2.63666   1.000 74.05868  ? 7   LYS A CB  1 
ATOM 53   C CG  . LYS A 1 10  ? 11.49676  10.12240  3.39448   1.000 83.10390  ? 7   LYS A CG  1 
ATOM 54   C CD  . LYS A 1 10  ? 11.61642  11.38133  2.53960   1.000 83.92068  ? 7   LYS A CD  1 
ATOM 55   C CE  . LYS A 1 10  ? 10.44477  12.33245  2.75017   1.000 78.78873  ? 7   LYS A CE  1 
ATOM 56   N NZ  . LYS A 1 10  ? 10.36086  12.82254  4.15234   1.000 83.37164  ? 7   LYS A NZ  1 
ATOM 57   N N   . ARG A 1 11  ? 13.73022  6.11219   2.13754   1.000 74.50306  ? 8   ARG A N   1 
ATOM 58   C CA  . ARG A 1 11  ? 13.78697  4.80714   1.48462   1.000 75.23156  ? 8   ARG A CA  1 
ATOM 59   C C   . ARG A 1 11  ? 13.93620  3.68036   2.49987   1.000 75.14665  ? 8   ARG A C   1 
ATOM 60   O O   . ARG A 1 11  ? 13.30629  2.62534   2.35954   1.000 72.11758  ? 8   ARG A O   1 
ATOM 61   C CB  . ARG A 1 11  ? 14.93160  4.76901   0.47182   1.000 75.70961  ? 8   ARG A CB  1 
ATOM 62   C CG  . ARG A 1 11  ? 14.62835  5.46548   -0.84578  1.000 73.02214  ? 8   ARG A CG  1 
ATOM 63   C CD  . ARG A 1 11  ? 15.55989  4.98228   -1.94626  1.000 74.44041  ? 8   ARG A CD  1 
ATOM 64   N NE  . ARG A 1 11  ? 16.86726  5.62288   -1.87685  1.000 90.23106  ? 8   ARG A NE  1 
ATOM 65   C CZ  . ARG A 1 11  ? 17.35649  6.42792   -2.80990  1.000 89.53168  ? 8   ARG A CZ  1 
ATOM 66   N NH1 . ARG A 1 11  ? 16.67882  6.70042   -3.91166  1.000 72.18755  ? 8   ARG A NH1 1 
ATOM 67   N NH2 . ARG A 1 11  ? 18.55913  6.96791   -2.63590  1.000 107.88715 ? 8   ARG A NH2 1 
ATOM 68   N N   . GLU A 1 12  ? 14.77041  3.87600   3.52346   1.000 78.90817  ? 9   GLU A N   1 
ATOM 69   C CA  . GLU A 1 12  ? 14.91313  2.84715   4.54814   1.000 73.70312  ? 9   GLU A CA  1 
ATOM 70   C C   . GLU A 1 12  ? 13.63023  2.69233   5.35507   1.000 72.27553  ? 9   GLU A C   1 
ATOM 71   O O   . GLU A 1 12  ? 13.27070  1.57710   5.74969   1.000 79.54495  ? 9   GLU A O   1 
ATOM 72   C CB  . GLU A 1 12  ? 16.09400  3.16823   5.46380   1.000 85.46510  ? 9   GLU A CB  1 
ATOM 73   C CG  . GLU A 1 12  ? 17.38230  3.49256   4.72726   1.000 84.69792  ? 9   GLU A CG  1 
ATOM 74   C CD  . GLU A 1 12  ? 18.38335  2.35668   4.77585   1.000 91.91790  ? 9   GLU A CD  1 
ATOM 75   O OE1 . GLU A 1 12  ? 18.01157  1.25724   5.23625   1.000 93.49129  ? 9   GLU A OE1 1 
ATOM 76   O OE2 . GLU A 1 12  ? 19.54018  2.56162   4.35129   1.000 103.53204 ? 9   GLU A OE2 1 
ATOM 77   N N   . LYS A 1 13  ? 12.92305  3.79739   5.60599   1.000 79.91232  ? 10  LYS A N   1 
ATOM 78   C CA  . LYS A 1 13  ? 11.64750  3.70784   6.30888   1.000 81.01290  ? 10  LYS A CA  1 
ATOM 79   C C   . LYS A 1 13  ? 10.60588  2.98705   5.45882   1.000 77.05640  ? 10  LYS A C   1 
ATOM 80   O O   . LYS A 1 13  ? 9.79379   2.22180   5.99066   1.000 74.07704  ? 10  LYS A O   1 
ATOM 81   C CB  . LYS A 1 13  ? 11.16993  5.11223   6.69955   1.000 80.91323  ? 10  LYS A CB  1 
ATOM 82   C CG  . LYS A 1 13  ? 9.81910   5.21388   7.42926   1.000 79.76684  ? 10  LYS A CG  1 
ATOM 83   C CD  . LYS A 1 13  ? 9.56381   4.08416   8.43162   1.000 85.05097  ? 10  LYS A CD  1 
ATOM 84   C CE  . LYS A 1 13  ? 10.56682  4.09464   9.58251   1.000 99.48958  ? 10  LYS A CE  1 
ATOM 85   N NZ  . LYS A 1 13  ? 10.51939  2.83531   10.38117  1.000 86.44564  ? 10  LYS A NZ  1 
ATOM 86   N N   . VAL A 1 14  ? 10.62544  3.20046   4.14078   1.000 77.17057  ? 11  VAL A N   1 
ATOM 87   C CA  . VAL A 1 14  ? 9.76643   2.42004   3.25792   1.000 77.07340  ? 11  VAL A CA  1 
ATOM 88   C C   . VAL A 1 14  ? 10.25749  0.98009   3.17368   1.000 65.82126  ? 11  VAL A C   1 
ATOM 89   O O   . VAL A 1 14  ? 9.44983   0.04656   3.09533   1.000 66.54530  ? 11  VAL A O   1 
ATOM 90   C CB  . VAL A 1 14  ? 9.68298   3.08074   1.86822   1.000 74.19823  ? 11  VAL A CB  1 
ATOM 91   C CG1 . VAL A 1 14  ? 8.95186   2.17608   0.88833   1.000 68.15757  ? 11  VAL A CG1 1 
ATOM 92   C CG2 . VAL A 1 14  ? 8.96796   4.41615   1.96254   1.000 67.51223  ? 11  VAL A CG2 1 
ATOM 93   N N   . ARG A 1 15  ? 11.57676  0.76762   3.20274   1.000 63.62221  ? 12  ARG A N   1 
ATOM 94   C CA  . ARG A 1 15  ? 12.09394  -0.59592  3.20862   1.000 68.57366  ? 12  ARG A CA  1 
ATOM 95   C C   . ARG A 1 15  ? 11.72037  -1.32393  4.49247   1.000 66.97925  ? 12  ARG A C   1 
ATOM 96   O O   . ARG A 1 15  ? 11.55551  -2.54585  4.48065   1.000 61.93982  ? 12  ARG A O   1 
ATOM 97   C CB  . ARG A 1 15  ? 13.61348  -0.59247  3.02358   1.000 74.89786  ? 12  ARG A CB  1 
ATOM 98   C CG  . ARG A 1 15  ? 14.17043  -1.89006  2.43634   1.000 78.98996  ? 12  ARG A CG  1 
ATOM 99   C CD  . ARG A 1 15  ? 15.47109  -2.34591  3.10348   1.000 97.57169  ? 12  ARG A CD  1 
ATOM 100  N NE  . ARG A 1 15  ? 15.24470  -3.02902  4.37349   1.000 105.47588 ? 12  ARG A NE  1 
ATOM 101  C CZ  . ARG A 1 15  ? 16.17252  -3.22999  5.30132   1.000 94.77134  ? 12  ARG A CZ  1 
ATOM 102  N NH1 . ARG A 1 15  ? 17.42000  -2.82147  5.13414   1.000 92.78003  ? 12  ARG A NH1 1 
ATOM 103  N NH2 . ARG A 1 15  ? 15.84283  -3.86845  6.42088   1.000 85.79565  ? 12  ARG A NH2 1 
ATOM 104  N N   . ALA A 1 16  ? 11.56280  -0.59504  5.59928   1.000 76.45537  ? 13  ALA A N   1 
ATOM 105  C CA  . ALA A 1 16  ? 11.26553  -1.23175  6.87809   1.000 70.67919  ? 13  ALA A CA  1 
ATOM 106  C C   . ALA A 1 16  ? 9.79411   -1.61381  6.98808   1.000 68.40384  ? 13  ALA A C   1 
ATOM 107  O O   . ALA A 1 16  ? 9.46798   -2.76632  7.29141   1.000 68.76074  ? 13  ALA A O   1 
ATOM 108  C CB  . ALA A 1 16  ? 11.67028  -0.30988  8.02882   1.000 69.83439  ? 13  ALA A CB  1 
ATOM 109  N N   . GLY A 1 17  ? 8.89208   -0.65894  6.75284   1.000 69.80416  ? 14  GLY A N   1 
ATOM 110  C CA  . GLY A 1 17  ? 7.47374   -0.95834  6.84953   1.000 69.01023  ? 14  GLY A CA  1 
ATOM 111  C C   . GLY A 1 17  ? 7.01508   -2.00754  5.85702   1.000 61.40866  ? 14  GLY A C   1 
ATOM 112  O O   . GLY A 1 17  ? 6.13184   -2.81382  6.16183   1.000 59.30886  ? 14  GLY A O   1 
ATOM 113  N N   . LEU A 1 18  ? 7.60654   -2.01983  4.66202   1.000 60.51189  ? 15  LEU A N   1 
ATOM 114  C CA  . LEU A 1 18  ? 7.23050   -3.02367  3.67391   1.000 60.10525  ? 15  LEU A CA  1 
ATOM 115  C C   . LEU A 1 18  ? 7.73142   -4.40548  4.07773   1.000 66.68764  ? 15  LEU A C   1 
ATOM 116  O O   . LEU A 1 18  ? 7.02969   -5.40496  3.88468   1.000 68.70753  ? 15  LEU A O   1 
ATOM 117  C CB  . LEU A 1 18  ? 7.76618   -2.63138  2.29817   1.000 61.99518  ? 15  LEU A CB  1 
ATOM 118  C CG  . LEU A 1 18  ? 7.00335   -1.51760  1.57488   1.000 58.08973  ? 15  LEU A CG  1 
ATOM 119  C CD1 . LEU A 1 18  ? 7.46644   -1.40441  0.12960   1.000 48.58327  ? 15  LEU A CD1 1 
ATOM 120  C CD2 . LEU A 1 18  ? 5.49718   -1.72847  1.66013   1.000 55.40826  ? 15  LEU A CD2 1 
ATOM 121  N N   . LYS A 1 19  ? 8.94237   -4.48209  4.63912   1.000 70.02585  ? 16  LYS A N   1 
ATOM 122  C CA  . LYS A 1 19  ? 9.43878   -5.74900  5.17110   1.000 60.05821  ? 16  LYS A CA  1 
ATOM 123  C C   . LYS A 1 19  ? 8.51081   -6.29021  6.25321   1.000 63.12160  ? 16  LYS A C   1 
ATOM 124  O O   . LYS A 1 19  ? 8.13278   -7.46715  6.23089   1.000 63.38589  ? 16  LYS A O   1 
ATOM 125  C CB  . LYS A 1 19  ? 10.85695  -5.57430  5.71918   1.000 61.07983  ? 16  LYS A CB  1 
ATOM 126  C CG  . LYS A 1 19  ? 11.96035  -5.53637  4.66964   1.000 66.80643  ? 16  LYS A CG  1 
ATOM 127  C CD  . LYS A 1 19  ? 12.80567  -6.80075  4.70708   1.000 88.67472  ? 16  LYS A CD  1 
ATOM 128  C CE  . LYS A 1 19  ? 13.78810  -6.86671  3.54109   1.000 89.56977  ? 16  LYS A CE  1 
ATOM 129  N NZ  . LYS A 1 19  ? 14.79968  -5.78035  3.56844   1.000 96.09968  ? 16  LYS A NZ  1 
ATOM 130  N N   . ARG A 1 20  ? 8.13488   -5.44080  7.21487   1.000 62.25317  ? 17  ARG A N   1 
ATOM 131  C CA  . ARG A 1 20  ? 7.19607   -5.86322  8.25087   1.000 64.01667  ? 17  ARG A CA  1 
ATOM 132  C C   . ARG A 1 20  ? 5.85947   -6.27519  7.64922   1.000 68.14418  ? 17  ARG A C   1 
ATOM 133  O O   . ARG A 1 20  ? 5.20294   -7.19763  8.14693   1.000 65.97291  ? 17  ARG A O   1 
ATOM 134  C CB  . ARG A 1 20  ? 6.99436   -4.74461  9.27357   1.000 68.01795  ? 17  ARG A CB  1 
ATOM 135  C CG  . ARG A 1 20  ? 8.27371   -4.22909  9.90802   1.000 74.71834  ? 17  ARG A CG  1 
ATOM 136  C CD  . ARG A 1 20  ? 8.00176   -3.00814  10.77610  1.000 81.36768  ? 17  ARG A CD  1 
ATOM 137  N NE  . ARG A 1 20  ? 8.33231   -3.23671  12.17804  1.000 89.17422  ? 17  ARG A NE  1 
ATOM 138  C CZ  . ARG A 1 20  ? 7.46186   -3.62356  13.10099  1.000 101.76936 ? 17  ARG A CZ  1 
ATOM 139  N NH1 . ARG A 1 20  ? 6.19087   -3.84066  12.80512  1.000 91.48767  ? 17  ARG A NH1 1 
ATOM 140  N NH2 . ARG A 1 20  ? 7.87632   -3.79309  14.35347  1.000 110.46736 ? 17  ARG A NH2 1 
ATOM 141  N N   . ALA A 1 21  ? 5.43536   -5.59537  6.58210   1.000 69.72057  ? 18  ALA A N   1 
ATOM 142  C CA  . ALA A 1 21  ? 4.20220   -5.98038  5.90618   1.000 63.49314  ? 18  ALA A CA  1 
ATOM 143  C C   . ALA A 1 21  ? 4.34855   -7.33455  5.22607   1.000 63.21904  ? 18  ALA A C   1 
ATOM 144  O O   . ALA A 1 21  ? 3.44887   -8.17854  5.31295   1.000 57.29887  ? 18  ALA A O   1 
ATOM 145  C CB  . ALA A 1 21  ? 3.80356   -4.91063  4.89002   1.000 66.23368  ? 18  ALA A CB  1 
ATOM 146  N N   . ILE A 1 22  ? 5.48179   -7.56007  4.55358   1.000 68.57499  ? 19  ILE A N   1 
ATOM 147  C CA  . ILE A 1 22  ? 5.70115   -8.80624  3.82491   1.000 61.11858  ? 19  ILE A CA  1 
ATOM 148  C C   . ILE A 1 22  ? 5.80995   -9.98847  4.78132   1.000 63.47483  ? 19  ILE A C   1 
ATOM 149  O O   . ILE A 1 22  ? 5.40697   -11.10837 4.44224   1.000 60.77248  ? 19  ILE A O   1 
ATOM 150  C CB  . ILE A 1 22  ? 6.94760   -8.67769  2.92668   1.000 63.27175  ? 19  ILE A CB  1 
ATOM 151  C CG1 . ILE A 1 22  ? 6.66607   -7.74311  1.74836   1.000 75.99157  ? 19  ILE A CG1 1 
ATOM 152  C CG2 . ILE A 1 22  ? 7.40070   -10.03470 2.41083   1.000 74.14924  ? 19  ILE A CG2 1 
ATOM 153  C CD1 . ILE A 1 22  ? 7.90844   -7.08838  1.18745   1.000 82.68183  ? 19  ILE A CD1 1 
ATOM 154  N N   . ALA A 1 23  ? 6.32586   -9.76475  5.99321   1.000 63.21018  ? 20  ALA A N   1 
ATOM 155  C CA  . ALA A 1 23  ? 6.42209   -10.84127 6.97343   1.000 60.79513  ? 20  ALA A CA  1 
ATOM 156  C C   . ALA A 1 23  ? 5.06200   -11.43225 7.32638   1.000 61.35666  ? 20  ALA A C   1 
ATOM 157  O O   . ALA A 1 23  ? 5.00458   -12.52883 7.89319   1.000 68.98388  ? 20  ALA A O   1 
ATOM 158  C CB  . ALA A 1 23  ? 7.11688   -10.33905 8.23972   1.000 57.81241  ? 20  ALA A CB  1 
ATOM 159  N N   . GLU A 1 24  ? 3.97074   -10.73527 7.00670   1.000 68.17646  ? 21  GLU A N   1 
ATOM 160  C CA  . GLU A 1 24  ? 2.61968   -11.23550 7.21607   1.000 72.08441  ? 21  GLU A CA  1 
ATOM 161  C C   . GLU A 1 24  ? 2.05370   -11.92697 5.97992   1.000 66.30798  ? 21  GLU A C   1 
ATOM 162  O O   . GLU A 1 24  ? 0.83075   -12.07332 5.86733   1.000 69.90834  ? 21  GLU A O   1 
ATOM 163  C CB  . GLU A 1 24  ? 1.69585   -10.09260 7.64228   1.000 71.83488  ? 21  GLU A CB  1 
ATOM 164  C CG  . GLU A 1 24  ? 2.39465   -8.98262  8.40467   1.000 70.92785  ? 21  GLU A CG  1 
ATOM 165  C CD  . GLU A 1 24  ? 2.26760   -9.15124  9.90049   1.000 76.07774  ? 21  GLU A CD  1 
ATOM 166  O OE1 . GLU A 1 24  ? 1.55366   -10.08283 10.32491  1.000 79.37922  ? 21  GLU A OE1 1 
ATOM 167  O OE2 . GLU A 1 24  ? 2.87452   -8.35630  10.64993  1.000 84.03321  ? 21  GLU A OE2 1 
ATOM 168  N N   . LEU A 1 25  ? 2.90944   -12.34693 5.05635   1.000 63.31656  ? 22  LEU A N   1 
ATOM 169  C CA  . LEU A 1 25  ? 2.51646   -12.99215 3.81612   1.000 67.66468  ? 22  LEU A CA  1 
ATOM 170  C C   . LEU A 1 25  ? 3.04281   -14.42225 3.77611   1.000 80.86006  ? 22  LEU A C   1 
ATOM 171  O O   . LEU A 1 25  ? 4.02432   -14.75046 4.45480   1.000 75.86212  ? 22  LEU A O   1 
ATOM 172  C CB  . LEU A 1 25  ? 3.04965   -12.21402 2.60247   1.000 68.11408  ? 22  LEU A CB  1 
ATOM 173  C CG  . LEU A 1 25  ? 2.13085   -11.18653 1.92947   1.000 70.22631  ? 22  LEU A CG  1 
ATOM 174  C CD1 . LEU A 1 25  ? 1.61341   -10.16027 2.92684   1.000 63.34569  ? 22  LEU A CD1 1 
ATOM 175  C CD2 . LEU A 1 25  ? 2.84042   -10.49699 0.76775   1.000 69.87611  ? 22  LEU A CD2 1 
ATOM 176  N N   . PRO A 1 26  ? 2.40486   -15.30416 3.00461   1.000 82.45215  ? 23  PRO A N   1 
ATOM 177  C CA  . PRO A 1 26  ? 2.95252   -16.65269 2.81923   1.000 79.40878  ? 23  PRO A CA  1 
ATOM 178  C C   . PRO A 1 26  ? 4.33124   -16.60718 2.17681   1.000 75.62729  ? 23  PRO A C   1 
ATOM 179  O O   . PRO A 1 26  ? 4.68404   -15.67128 1.45606   1.000 74.59048  ? 23  PRO A O   1 
ATOM 180  C CB  . PRO A 1 26  ? 1.92762   -17.33063 1.90135   1.000 78.03122  ? 23  PRO A CB  1 
ATOM 181  C CG  . PRO A 1 26  ? 0.65999   -16.57314 2.14275   1.000 84.51720  ? 23  PRO A CG  1 
ATOM 182  C CD  . PRO A 1 26  ? 1.09600   -15.15205 2.34576   1.000 74.59686  ? 23  PRO A CD  1 
ATOM 183  N N   . ALA A 1 27  ? 5.11423   -17.65433 2.44687   1.000 77.07996  ? 24  ALA A N   1 
ATOM 184  C CA  . ALA A 1 27  ? 6.52428   -17.66077 2.07661   1.000 75.48044  ? 24  ALA A CA  1 
ATOM 185  C C   . ALA A 1 27  ? 6.74291   -17.64259 0.56862   1.000 81.98124  ? 24  ALA A C   1 
ATOM 186  O O   . ALA A 1 27  ? 7.80944   -17.20790 0.12063   1.000 85.70077  ? 24  ALA A O   1 
ATOM 187  C CB  . ALA A 1 27  ? 7.21731   -18.87606 2.69502   1.000 69.96966  ? 24  ALA A CB  1 
ATOM 188  N N   . GLU A 1 28  ? 5.76698   -18.10010 -0.22149  1.000 84.06507  ? 25  GLU A N   1 
ATOM 189  C CA  . GLU A 1 28  ? 5.92417   -18.08901 -1.67371  1.000 85.36814  ? 25  GLU A CA  1 
ATOM 190  C C   . GLU A 1 28  ? 5.96417   -16.66121 -2.20716  1.000 91.38758  ? 25  GLU A C   1 
ATOM 191  O O   . GLU A 1 28  ? 6.83435   -16.31327 -3.01433  1.000 90.90681  ? 25  GLU A O   1 
ATOM 192  C CB  . GLU A 1 28  ? 4.79519   -18.88633 -2.33668  1.000 90.27838  ? 25  GLU A CB  1 
ATOM 193  C CG  . GLU A 1 28  ? 4.29367   -18.29496 -3.65885  1.000 87.90839  ? 25  GLU A CG  1 
ATOM 194  C CD  . GLU A 1 28  ? 2.94357   -18.84756 -4.09202  1.000 83.90978  ? 25  GLU A CD  1 
ATOM 195  O OE1 . GLU A 1 28  ? 2.85847   -20.05691 -4.39190  1.000 75.18949  ? 25  GLU A OE1 1 
ATOM 196  O OE2 . GLU A 1 28  ? 1.96615   -18.07134 -4.13785  1.000 94.99852  ? 25  GLU A OE2 1 
ATOM 197  N N   . VAL A 1 29  ? 5.02883   -15.81798 -1.76481  1.000 87.29903  ? 26  VAL A N   1 
ATOM 198  C CA  . VAL A 1 29  ? 5.02358   -14.42657 -2.20308  1.000 86.38377  ? 26  VAL A CA  1 
ATOM 199  C C   . VAL A 1 29  ? 5.99151   -13.59712 -1.36854  1.000 85.41944  ? 26  VAL A C   1 
ATOM 200  O O   . VAL A 1 29  ? 6.56684   -12.62068 -1.86475  1.000 80.28146  ? 26  VAL A O   1 
ATOM 201  C CB  . VAL A 1 29  ? 3.59426   -13.85444 -2.15649  1.000 87.68003  ? 26  VAL A CB  1 
ATOM 202  C CG1 . VAL A 1 29  ? 2.99158   -14.00998 -0.76763  1.000 89.45389  ? 26  VAL A CG1 1 
ATOM 203  C CG2 . VAL A 1 29  ? 3.57857   -12.39609 -2.59061  1.000 93.70263  ? 26  VAL A CG2 1 
ATOM 204  N N   . ALA A 1 30  ? 6.21077   -13.97849 -0.10761  1.000 84.62060  ? 27  ALA A N   1 
ATOM 205  C CA  . ALA A 1 30  ? 7.16802   -13.26276 0.72519   1.000 80.60537  ? 27  ALA A CA  1 
ATOM 206  C C   . ALA A 1 30  ? 8.58801   -13.36952 0.19069   1.000 86.57820  ? 27  ALA A C   1 
ATOM 207  O O   . ALA A 1 30  ? 9.45731   -12.61487 0.63137   1.000 91.80259  ? 27  ALA A O   1 
ATOM 208  C CB  . ALA A 1 30  ? 7.11683   -13.77973 2.16366   1.000 72.01883  ? 27  ALA A CB  1 
ATOM 209  N N   . ALA A 1 31  ? 8.84590   -14.28647 -0.74328  1.000 80.18886  ? 28  ALA A N   1 
ATOM 210  C CA  . ALA A 1 31  ? 10.18160  -14.40532 -1.31660  1.000 79.15247  ? 28  ALA A CA  1 
ATOM 211  C C   . ALA A 1 31  ? 10.37580  -13.43948 -2.47942  1.000 85.13396  ? 28  ALA A C   1 
ATOM 212  O O   . ALA A 1 31  ? 11.40681  -12.76280 -2.56836  1.000 78.73708  ? 28  ALA A O   1 
ATOM 213  C CB  . ALA A 1 31  ? 10.43392  -15.84298 -1.77003  1.000 82.53739  ? 28  ALA A CB  1 
ATOM 214  N N   . ARG A 1 32  ? 9.39237   -13.36264 -3.38087  1.000 84.87668  ? 29  ARG A N   1 
ATOM 215  C CA  . ARG A 1 32  ? 9.53268   -12.50489 -4.55367  1.000 82.03714  ? 29  ARG A CA  1 
ATOM 216  C C   . ARG A 1 32  ? 9.47220   -11.03015 -4.17415  1.000 85.27243  ? 29  ARG A C   1 
ATOM 217  O O   . ARG A 1 32  ? 10.27746  -10.22786 -4.66101  1.000 85.84203  ? 29  ARG A O   1 
ATOM 218  C CB  . ARG A 1 32  ? 8.45096   -12.82835 -5.58322  1.000 91.93556  ? 29  ARG A CB  1 
ATOM 219  C CG  . ARG A 1 32  ? 7.79814   -14.19000 -5.42423  1.000 95.96591  ? 29  ARG A CG  1 
ATOM 220  C CD  . ARG A 1 32  ? 6.72607   -14.38244 -6.48362  1.000 101.66652 ? 29  ARG A CD  1 
ATOM 221  N NE  . ARG A 1 32  ? 5.55633   -13.55813 -6.19971  1.000 102.96946 ? 29  ARG A NE  1 
ATOM 222  C CZ  . ARG A 1 32  ? 4.31460   -13.85740 -6.55512  1.000 98.12686  ? 29  ARG A CZ  1 
ATOM 223  N NH1 . ARG A 1 32  ? 4.02965   -14.97822 -7.19473  1.000 102.35393 ? 29  ARG A NH1 1 
ATOM 224  N NH2 . ARG A 1 32  ? 3.33322   -13.00993 -6.25942  1.000 104.24042 ? 29  ARG A NH2 1 
ATOM 225  N N   . CYS A 1 33  ? 8.51453   -10.65085 -3.32103  1.000 82.33711  ? 30  CYS A N   1 
ATOM 226  C CA  . CYS A 1 33  ? 8.44738   -9.27001  -2.85049  1.000 76.46237  ? 30  CYS A CA  1 
ATOM 227  C C   . CYS A 1 33  ? 9.73274   -8.87593  -2.14059  1.000 67.18943  ? 30  CYS A C   1 
ATOM 228  O O   . CYS A 1 33  ? 10.17308  -7.72291  -2.21921  1.000 65.27544  ? 30  CYS A O   1 
ATOM 229  C CB  . CYS A 1 33  ? 7.25576   -9.08728  -1.91026  1.000 81.61093  ? 30  CYS A CB  1 
ATOM 230  S SG  . CYS A 1 33  ? 5.63926   -9.37935  -2.64777  1.000 85.24226  ? 30  CYS A SG  1 
ATOM 231  N N   . LEU A 1 34  ? 10.35073  -9.82854  -1.44732  1.000 76.20044  ? 31  LEU A N   1 
ATOM 232  C CA  . LEU A 1 34  ? 11.54023  -9.53940  -0.66360  1.000 77.04111  ? 31  LEU A CA  1 
ATOM 233  C C   . LEU A 1 34  ? 12.77431  -9.43718  -1.54530  1.000 79.31180  ? 31  LEU A C   1 
ATOM 234  O O   . LEU A 1 34  ? 13.67374  -8.64051  -1.25860  1.000 83.69907  ? 31  LEU A O   1 
ATOM 235  C CB  . LEU A 1 34  ? 11.72226  -10.62981 0.38745   1.000 71.47485  ? 31  LEU A CB  1 
ATOM 236  C CG  . LEU A 1 34  ? 11.17939  -10.26402 1.76845   1.000 72.15374  ? 31  LEU A CG  1 
ATOM 237  C CD1 . LEU A 1 34  ? 11.82715  -11.10539 2.83987   1.000 81.87198  ? 31  LEU A CD1 1 
ATOM 238  C CD2 . LEU A 1 34  ? 11.34337  -8.78456  2.04578   1.000 66.47786  ? 31  LEU A CD2 1 
ATOM 239  N N   . ALA A 1 35  ? 12.82716  -10.23056 -2.61715  1.000 81.88921  ? 32  ALA A N   1 
ATOM 240  C CA  . ALA A 1 35  ? 13.93944  -10.14562 -3.55466  1.000 84.70712  ? 32  ALA A CA  1 
ATOM 241  C C   . ALA A 1 35  ? 13.81895  -8.91424  -4.44372  1.000 90.74244  ? 32  ALA A C   1 
ATOM 242  O O   . ALA A 1 35  ? 14.82708  -8.27205  -4.75814  1.000 97.86369  ? 32  ALA A O   1 
ATOM 243  C CB  . ALA A 1 35  ? 14.00974  -11.41824 -4.39758  1.000 97.71865  ? 32  ALA A CB  1 
ATOM 244  N N   . LEU A 1 36  ? 12.59640  -8.57277  -4.86627  1.000 91.10421  ? 33  LEU A N   1 
ATOM 245  C CA  . LEU A 1 36  ? 12.39668  -7.34720  -5.63548  1.000 84.61623  ? 33  LEU A CA  1 
ATOM 246  C C   . LEU A 1 36  ? 12.77451  -6.11368  -4.82721  1.000 82.10433  ? 33  LEU A C   1 
ATOM 247  O O   . LEU A 1 36  ? 13.25915  -5.12581  -5.39093  1.000 84.24121  ? 33  LEU A O   1 
ATOM 248  C CB  . LEU A 1 36  ? 10.94300  -7.24580  -6.10718  1.000 82.68053  ? 33  LEU A CB  1 
ATOM 249  C CG  . LEU A 1 36  ? 10.47851  -8.16150  -7.24412  1.000 84.47929  ? 33  LEU A CG  1 
ATOM 250  C CD1 . LEU A 1 36  ? 8.96142   -8.21432  -7.31398  1.000 82.87219  ? 33  LEU A CD1 1 
ATOM 251  C CD2 . LEU A 1 36  ? 11.04920  -7.69469  -8.57331  1.000 97.70217  ? 33  LEU A CD2 1 
ATOM 252  N N   . LEU A 1 37  ? 12.56885  -6.15457  -3.50907  1.000 82.93935  ? 34  LEU A N   1 
ATOM 253  C CA  . LEU A 1 37  ? 12.88132  -5.00120  -2.67196  1.000 85.29073  ? 34  LEU A CA  1 
ATOM 254  C C   . LEU A 1 37  ? 14.38425  -4.79011  -2.55130  1.000 88.26649  ? 34  LEU A C   1 
ATOM 255  O O   . LEU A 1 37  ? 14.85394  -3.64835  -2.47768  1.000 87.90101  ? 34  LEU A O   1 
ATOM 256  C CB  . LEU A 1 37  ? 12.26068  -5.17683  -1.28595  1.000 81.08820  ? 34  LEU A CB  1 
ATOM 257  C CG  . LEU A 1 37  ? 11.88688  -3.89429  -0.53923  1.000 78.43027  ? 34  LEU A CG  1 
ATOM 258  C CD1 . LEU A 1 37  ? 11.23230  -2.89746  -1.48076  1.000 74.26301  ? 34  LEU A CD1 1 
ATOM 259  C CD2 . LEU A 1 37  ? 10.97902  -4.19959  0.64197   1.000 60.74673  ? 34  LEU A CD2 1 
ATOM 260  N N   . ASP A 1 38  ? 15.15407  -5.87564  -2.53527  1.000 95.46556  ? 35  ASP A N   1 
ATOM 261  C CA  . ASP A 1 38  ? 16.57170  -5.82036  -2.20847  1.000 98.54143  ? 35  ASP A CA  1 
ATOM 262  C C   . ASP A 1 38  ? 17.47577  -6.04174  -3.41747  1.000 98.45106  ? 35  ASP A C   1 
ATOM 263  O O   . ASP A 1 38  ? 18.69270  -6.17035  -3.24955  1.000 94.04088  ? 35  ASP A O   1 
ATOM 264  C CB  . ASP A 1 38  ? 16.87922  -6.83876  -1.10841  1.000 93.50147  ? 35  ASP A CB  1 
ATOM 265  C CG  . ASP A 1 38  ? 15.95437  -6.69071  0.08950   1.000 103.00988 ? 35  ASP A CG  1 
ATOM 266  O OD1 . ASP A 1 38  ? 15.30795  -5.62869  0.21248   1.000 96.49756  ? 35  ASP A OD1 1 
ATOM 267  O OD2 . ASP A 1 38  ? 15.85513  -7.63426  0.89971   1.000 99.67908  ? 35  ASP A OD2 1 
ATOM 268  N N   . ASP A 1 39  ? 16.91755  -6.07532  -4.62787  1.000 101.45130 ? 36  ASP A N   1 
ATOM 269  C CA  . ASP A 1 39  ? 17.67759  -6.20190  -5.87090  1.000 105.33805 ? 36  ASP A CA  1 
ATOM 270  C C   . ASP A 1 39  ? 17.21608  -5.16545  -6.88858  1.000 103.34935 ? 36  ASP A C   1 
ATOM 271  O O   . ASP A 1 39  ? 16.97888  -5.47784  -8.06042  1.000 99.95479  ? 36  ASP A O   1 
ATOM 272  C CB  . ASP A 1 39  ? 17.55654  -7.60827  -6.45834  1.000 104.78511 ? 36  ASP A CB  1 
ATOM 273  C CG  . ASP A 1 39  ? 17.90398  -8.70099  -5.45994  1.000 106.01075 ? 36  ASP A CG  1 
ATOM 274  O OD1 . ASP A 1 39  ? 18.86128  -8.52548  -4.67870  1.000 107.81168 ? 36  ASP A OD1 1 
ATOM 275  O OD2 . ASP A 1 39  ? 17.21927  -9.74581  -5.46201  1.000 114.07926 ? 36  ASP A OD2 1 
ATOM 276  N N   . ALA A 1 40  ? 17.08566  -3.90771  -6.45802  1.000 95.69601  ? 37  ALA A N   1 
ATOM 277  C CA  . ALA A 1 40  ? 16.52205  -2.86408  -7.30537  1.000 94.47912  ? 37  ALA A CA  1 
ATOM 278  C C   . ALA A 1 40  ? 17.32781  -1.57026  -7.28258  1.000 97.99256  ? 37  ALA A C   1 
ATOM 279  O O   . ALA A 1 40  ? 16.87280  -0.56147  -7.84318  1.000 100.79591 ? 37  ALA A O   1 
ATOM 280  C CB  . ALA A 1 40  ? 15.07465  -2.58085  -6.89967  1.000 92.98550  ? 37  ALA A CB  1 
ATOM 281  N N   . SER A 1 41  ? 18.50129  -1.57572  -6.65265  1.000 98.47866  ? 38  SER A N   1 
ATOM 282  C CA  . SER A 1 41  ? 19.43233  -0.43576  -6.62123  1.000 104.69992 ? 38  SER A CA  1 
ATOM 283  C C   . SER A 1 41  ? 18.72376  0.71888   -5.90832  1.000 108.82046 ? 38  SER A C   1 
ATOM 284  O O   . SER A 1 41  ? 18.08854  0.49192   -4.86372  1.000 100.33352 ? 38  SER A O   1 
ATOM 285  C CB  . SER A 1 41  ? 19.93007  -0.16093  -8.04468  1.000 97.78927  ? 38  SER A CB  1 
ATOM 286  O OG  . SER A 1 41  ? 20.97097  0.80360   -8.08753  1.000 101.13943 ? 38  SER A OG  1 
ATOM 287  N N   . ASP A 1 42  ? 18.78162  1.95620   -6.41673  1.000 98.83732  ? 39  ASP A N   1 
ATOM 288  C CA  . ASP A 1 42  ? 18.22180  3.08913   -5.68841  1.000 103.53881 ? 39  ASP A CA  1 
ATOM 289  C C   . ASP A 1 42  ? 17.35156  4.03081   -6.51594  1.000 101.60785 ? 39  ASP A C   1 
ATOM 290  O O   . ASP A 1 42  ? 16.82949  5.00277   -5.95735  1.000 103.18297 ? 39  ASP A O   1 
ATOM 291  C CB  . ASP A 1 42  ? 19.34464  3.90723   -5.03335  1.000 99.57184  ? 39  ASP A CB  1 
ATOM 292  C CG  . ASP A 1 42  ? 19.83239  3.30642   -3.72979  1.000 107.88656 ? 39  ASP A CG  1 
ATOM 293  O OD1 . ASP A 1 42  ? 19.02595  2.69906   -2.99060  1.000 102.05870 ? 39  ASP A OD1 1 
ATOM 294  O OD2 . ASP A 1 42  ? 21.04377  3.43710   -3.45230  1.000 125.97697 ? 39  ASP A OD2 1 
ATOM 295  N N   . GLU A 1 43  ? 17.18191  3.78684   -7.81916  1.000 96.04138  ? 40  GLU A N   1 
ATOM 296  C CA  . GLU A 1 43  ? 16.26745  4.56956   -8.64560  1.000 99.15173  ? 40  GLU A CA  1 
ATOM 297  C C   . GLU A 1 43  ? 15.14437  3.73672   -9.25062  1.000 95.84550  ? 40  GLU A C   1 
ATOM 298  O O   . GLU A 1 43  ? 14.11338  4.30316   -9.63540  1.000 93.11481  ? 40  GLU A O   1 
ATOM 299  C CB  . GLU A 1 43  ? 17.03263  5.29198   -9.77201  1.000 97.60066  ? 40  GLU A CB  1 
ATOM 300  C CG  . GLU A 1 43  ? 17.99037  6.38473   -9.27070  1.000 111.50166 ? 40  GLU A CG  1 
ATOM 301  C CD  . GLU A 1 43  ? 18.78545  7.08141   -10.37954 1.000 117.78748 ? 40  GLU A CD  1 
ATOM 302  O OE1 . GLU A 1 43  ? 18.76591  6.61778   -11.54039 1.000 118.28646 ? 40  GLU A OE1 1 
ATOM 303  O OE2 . GLU A 1 43  ? 19.42392  8.11559   -10.08688 1.000 119.59011 ? 40  GLU A OE2 1 
ATOM 304  N N   . GLU A 1 44  ? 15.31061  2.41938   -9.34636  1.000 88.92432  ? 41  GLU A N   1 
ATOM 305  C CA  . GLU A 1 44  ? 14.17945  1.52957   -9.55891  1.000 86.55626  ? 41  GLU A CA  1 
ATOM 306  C C   . GLU A 1 44  ? 13.47434  1.20385   -8.24854  1.000 80.31757  ? 41  GLU A C   1 
ATOM 307  O O   . GLU A 1 44  ? 12.49546  0.45086   -8.25389  1.000 74.12851  ? 41  GLU A O   1 
ATOM 308  C CB  . GLU A 1 44  ? 14.64044  0.24163   -10.25794 1.000 88.43400  ? 41  GLU A CB  1 
ATOM 309  C CG  . GLU A 1 44  ? 13.50557  -0.61681  -10.83217 1.000 94.13838  ? 41  GLU A CG  1 
ATOM 310  C CD  . GLU A 1 44  ? 13.87742  -1.32015  -12.12363 1.000 96.57301  ? 41  GLU A CD  1 
ATOM 311  O OE1 . GLU A 1 44  ? 14.84024  -2.11316  -12.11049 1.000 95.80874  ? 41  GLU A OE1 1 
ATOM 312  O OE2 . GLU A 1 44  ? 13.20213  -1.08742  -13.14910 1.000 105.49872 ? 41  GLU A OE2 1 
ATOM 313  N N   . PHE A 1 45  ? 13.94895  1.76969   -7.13475  1.000 79.44095  ? 42  PHE A N   1 
ATOM 314  C CA  . PHE A 1 45  ? 13.33327  1.53441   -5.83318  1.000 72.69586  ? 42  PHE A CA  1 
ATOM 315  C C   . PHE A 1 45  ? 11.83446  1.79195   -5.86623  1.000 66.55898  ? 42  PHE A C   1 
ATOM 316  O O   . PHE A 1 45  ? 11.03537  0.93215   -5.47930  1.000 67.04936  ? 42  PHE A O   1 
ATOM 317  C CB  . PHE A 1 45  ? 13.99452  2.42131   -4.78085  1.000 82.55511  ? 42  PHE A CB  1 
ATOM 318  C CG  . PHE A 1 45  ? 13.58821  2.09165   -3.38097  1.000 81.68840  ? 42  PHE A CG  1 
ATOM 319  C CD1 . PHE A 1 45  ? 13.97070  0.89491   -2.80074  1.000 76.86529  ? 42  PHE A CD1 1 
ATOM 320  C CD2 . PHE A 1 45  ? 12.80140  2.96717   -2.65267  1.000 68.67085  ? 42  PHE A CD2 1 
ATOM 321  C CE1 . PHE A 1 45  ? 13.59232  0.58518   -1.51338  1.000 73.34026  ? 42  PHE A CE1 1 
ATOM 322  C CE2 . PHE A 1 45  ? 12.41915  2.66442   -1.36553  1.000 64.26622  ? 42  PHE A CE2 1 
ATOM 323  C CZ  . PHE A 1 45  ? 12.81391  1.47132   -0.79393  1.000 76.27554  ? 42  PHE A CZ  1 
ATOM 324  N N   . ILE A 1 46  ? 11.43668  2.98158   -6.32309  1.000 75.55764  ? 43  ILE A N   1 
ATOM 325  C CA  . ILE A 1 46  ? 10.01976  3.32487   -6.37411  1.000 76.35970  ? 43  ILE A CA  1 
ATOM 326  C C   . ILE A 1 46  ? 9.27298   2.37955   -7.30377  1.000 73.86971  ? 43  ILE A C   1 
ATOM 327  O O   . ILE A 1 46  ? 8.10880   2.04380   -7.05651  1.000 73.85767  ? 43  ILE A O   1 
ATOM 328  C CB  . ILE A 1 46  ? 9.85242   4.79666   -6.79338  1.000 72.17212  ? 43  ILE A CB  1 
ATOM 329  C CG1 . ILE A 1 46  ? 10.48030  5.70785   -5.74055  1.000 81.82571  ? 43  ILE A CG1 1 
ATOM 330  C CG2 . ILE A 1 46  ? 8.38318   5.14423   -6.95246  1.000 72.10977  ? 43  ILE A CG2 1 
ATOM 331  C CD1 . ILE A 1 46  ? 10.61835  7.13766   -6.18448  1.000 88.19363  ? 43  ILE A CD1 1 
ATOM 332  N N   . GLU A 1 47  ? 9.92685   1.91870   -8.37281  1.000 75.18157  ? 44  GLU A N   1 
ATOM 333  C CA  . GLU A 1 47  ? 9.31572   0.89853   -9.21806  1.000 76.34559  ? 44  GLU A CA  1 
ATOM 334  C C   . GLU A 1 47  ? 9.18039   -0.42185  -8.47034  1.000 72.75031  ? 44  GLU A C   1 
ATOM 335  O O   . GLU A 1 47  ? 8.13609   -1.07849  -8.54640  1.000 77.99939  ? 44  GLU A O   1 
ATOM 336  C CB  . GLU A 1 47  ? 10.12975  0.70882   -10.49795 1.000 80.59952  ? 44  GLU A CB  1 
ATOM 337  C CG  . GLU A 1 47  ? 9.67739   -0.47262  -11.34553 1.000 76.59173  ? 44  GLU A CG  1 
ATOM 338  C CD  . GLU A 1 47  ? 8.26249   -0.30340  -11.86734 1.000 85.44367  ? 44  GLU A CD  1 
ATOM 339  O OE1 . GLU A 1 47  ? 7.88211   0.84333   -12.18525 1.000 74.63415  ? 44  GLU A OE1 1 
ATOM 340  O OE2 . GLU A 1 47  ? 7.52822   -1.31144  -11.95640 1.000 82.92202  ? 44  GLU A OE2 1 
ATOM 341  N N   . ALA A 1 48  ? 10.22357  -0.82589  -7.73981  1.000 71.71983  ? 45  ALA A N   1 
ATOM 342  C CA  . ALA A 1 48  ? 10.13339  -2.04088  -6.93531  1.000 73.95972  ? 45  ALA A CA  1 
ATOM 343  C C   . ALA A 1 48  ? 9.07380   -1.90333  -5.85028  1.000 67.84650  ? 45  ALA A C   1 
ATOM 344  O O   . ALA A 1 48  ? 8.31793   -2.84602  -5.58622  1.000 62.23181  ? 45  ALA A O   1 
ATOM 345  C CB  . ALA A 1 48  ? 11.49207  -2.36701  -6.31733  1.000 72.24351  ? 45  ALA A CB  1 
ATOM 346  N N   . VAL A 1 49  ? 9.00759   -0.73433  -5.20897  1.000 65.53467  ? 46  VAL A N   1 
ATOM 347  C CA  . VAL A 1 49  ? 7.96132   -0.47711  -4.22276  1.000 57.92726  ? 46  VAL A CA  1 
ATOM 348  C C   . VAL A 1 49  ? 6.58666   -0.64830  -4.85636  1.000 65.50744  ? 46  VAL A C   1 
ATOM 349  O O   . VAL A 1 49  ? 5.70407   -1.31122  -4.29933  1.000 67.10306  ? 46  VAL A O   1 
ATOM 350  C CB  . VAL A 1 49  ? 8.13390   0.92617   -3.61453  1.000 52.19154  ? 46  VAL A CB  1 
ATOM 351  C CG1 . VAL A 1 49  ? 6.88038   1.34159   -2.86148  1.000 62.52843  ? 46  VAL A CG1 1 
ATOM 352  C CG2 . VAL A 1 49  ? 9.34669   0.95889   -2.70207  1.000 63.73522  ? 46  VAL A CG2 1 
ATOM 353  N N   . LEU A 1 50  ? 6.38975   -0.06089  -6.04019  1.000 60.65461  ? 47  LEU A N   1 
ATOM 354  C CA  . LEU A 1 50  ? 5.12868   -0.23951  -6.75119  1.000 51.45039  ? 47  LEU A CA  1 
ATOM 355  C C   . LEU A 1 50  ? 4.96663   -1.66860  -7.25597  1.000 58.60750  ? 47  LEU A C   1 
ATOM 356  O O   . LEU A 1 50  ? 3.83582   -2.14331  -7.41127  1.000 52.01066  ? 47  LEU A O   1 
ATOM 357  C CB  . LEU A 1 50  ? 5.03334   0.76059   -7.90369  1.000 56.87692  ? 47  LEU A CB  1 
ATOM 358  C CG  . LEU A 1 50  ? 4.99894   2.23474   -7.48676  1.000 52.95399  ? 47  LEU A CG  1 
ATOM 359  C CD1 . LEU A 1 50  ? 5.28818   3.15201   -8.66187  1.000 55.18160  ? 47  LEU A CD1 1 
ATOM 360  C CD2 . LEU A 1 50  ? 3.65795   2.57393   -6.86786  1.000 50.61048  ? 47  LEU A CD2 1 
ATOM 361  N N   . GLU A 1 51  ? 6.07558   -2.36918  -7.51282  1.000 75.02143  ? 48  GLU A N   1 
ATOM 362  C CA  . GLU A 1 51  ? 5.99367   -3.78952  -7.84493  1.000 67.45128  ? 48  GLU A CA  1 
ATOM 363  C C   . GLU A 1 51  ? 5.64064   -4.61728  -6.61653  1.000 64.78455  ? 48  GLU A C   1 
ATOM 364  O O   . GLU A 1 51  ? 4.74921   -5.47314  -6.66657  1.000 70.29216  ? 48  GLU A O   1 
ATOM 365  C CB  . GLU A 1 51  ? 7.31009   -4.27483  -8.45297  1.000 65.17853  ? 48  GLU A CB  1 
ATOM 366  C CG  . GLU A 1 51  ? 7.52486   -3.87073  -9.89964  1.000 71.83380  ? 48  GLU A CG  1 
ATOM 367  C CD  . GLU A 1 51  ? 8.82065   -4.41583  -10.46602 1.000 84.56730  ? 48  GLU A CD  1 
ATOM 368  O OE1 . GLU A 1 51  ? 8.89701   -5.63878  -10.70837 1.000 96.12379  ? 48  GLU A OE1 1 
ATOM 369  O OE2 . GLU A 1 51  ? 9.76312   -3.62191  -10.66985 1.000 89.00294  ? 48  GLU A OE2 1 
ATOM 370  N N   . VAL A 1 52  ? 6.33920   -4.38044  -5.50381  1.000 62.95199  ? 49  VAL A N   1 
ATOM 371  C CA  . VAL A 1 52  ? 6.02605   -5.08177  -4.26207  1.000 64.57732  ? 49  VAL A CA  1 
ATOM 372  C C   . VAL A 1 52  ? 4.60861   -4.75204  -3.81158  1.000 63.06805  ? 49  VAL A C   1 
ATOM 373  O O   . VAL A 1 52  ? 3.88805   -5.61458  -3.29401  1.000 66.58955  ? 49  VAL A O   1 
ATOM 374  C CB  . VAL A 1 52  ? 7.07068   -4.73847  -3.18181  1.000 68.64981  ? 49  VAL A CB  1 
ATOM 375  C CG1 . VAL A 1 52  ? 6.65235   -5.28308  -1.82550  1.000 68.31295  ? 49  VAL A CG1 1 
ATOM 376  C CG2 . VAL A 1 52  ? 8.43562   -5.29025  -3.57431  1.000 64.30013  ? 49  VAL A CG2 1 
ATOM 377  N N   . LEU A 1 53  ? 4.17855   -3.50476  -4.02071  1.000 69.14616  ? 50  LEU A N   1 
ATOM 378  C CA  . LEU A 1 53  ? 2.81569   -3.12159  -3.66928  1.000 62.39593  ? 50  LEU A CA  1 
ATOM 379  C C   . LEU A 1 53  ? 1.78971   -3.83847  -4.53636  1.000 62.74071  ? 50  LEU A C   1 
ATOM 380  O O   . LEU A 1 53  ? 0.72160   -4.21841  -4.04254  1.000 58.22651  ? 50  LEU A O   1 
ATOM 381  C CB  . LEU A 1 53  ? 2.64821   -1.60820  -3.79423  1.000 57.39112  ? 50  LEU A CB  1 
ATOM 382  C CG  . LEU A 1 53  ? 2.98054   -0.79578  -2.54229  1.000 59.66016  ? 50  LEU A CG  1 
ATOM 383  C CD1 . LEU A 1 53  ? 3.13341   0.67493   -2.88808  1.000 55.17151  ? 50  LEU A CD1 1 
ATOM 384  C CD2 . LEU A 1 53  ? 1.91915   -0.99494  -1.47377  1.000 59.33684  ? 50  LEU A CD2 1 
ATOM 385  N N   . GLU A 1 54  ? 2.09251   -4.03437  -5.82300  1.000 64.09622  ? 51  GLU A N   1 
ATOM 386  C CA  . GLU A 1 54  ? 1.15299   -4.72225  -6.70279  1.000 64.28909  ? 51  GLU A CA  1 
ATOM 387  C C   . GLU A 1 54  ? 1.08127   -6.20697  -6.37580  1.000 67.24021  ? 51  GLU A C   1 
ATOM 388  O O   . GLU A 1 54  ? 0.00592   -6.81287  -6.44743  1.000 71.57780  ? 51  GLU A O   1 
ATOM 389  C CB  . GLU A 1 54  ? 1.54443   -4.51427  -8.16499  1.000 58.18473  ? 51  GLU A CB  1 
ATOM 390  C CG  . GLU A 1 54  ? 0.35738   -4.41283  -9.11621  1.000 71.82390  ? 51  GLU A CG  1 
ATOM 391  C CD  . GLU A 1 54  ? -0.41127  -5.71670  -9.24686  1.000 77.31832  ? 51  GLU A CD  1 
ATOM 392  O OE1 . GLU A 1 54  ? 0.22130   -6.76010  -9.51403  1.000 73.94452  ? 51  GLU A OE1 1 
ATOM 393  O OE2 . GLU A 1 54  ? -1.65098  -5.69737  -9.08556  1.000 84.70589  ? 51  GLU A OE2 1 
ATOM 394  N N   . ALA A 1 55  ? 2.21566   -6.81494  -6.02635  1.000 64.84801  ? 52  ALA A N   1 
ATOM 395  C CA  . ALA A 1 55  ? 2.18335   -8.19942  -5.57221  1.000 70.63931  ? 52  ALA A CA  1 
ATOM 396  C C   . ALA A 1 55  ? 1.43955   -8.31802  -4.24984  1.000 73.14867  ? 52  ALA A C   1 
ATOM 397  O O   . ALA A 1 55  ? 0.68598   -9.27473  -4.03579  1.000 78.27194  ? 52  ALA A O   1 
ATOM 398  C CB  . ALA A 1 55  ? 3.60261   -8.74892  -5.44429  1.000 77.84277  ? 52  ALA A CB  1 
ATOM 399  N N   . MET A 1 56  ? 1.62788   -7.34591  -3.35432  1.000 73.93149  ? 53  MET A N   1 
ATOM 400  C CA  . MET A 1 56  ? 0.92934   -7.37550  -2.07423  1.000 64.68062  ? 53  MET A CA  1 
ATOM 401  C C   . MET A 1 56  ? -0.57124  -7.19987  -2.26783  1.000 68.03012  ? 53  MET A C   1 
ATOM 402  O O   . MET A 1 56  ? -1.37058  -7.92713  -1.66773  1.000 70.26708  ? 53  MET A O   1 
ATOM 403  C CB  . MET A 1 56  ? 1.48179   -6.29652  -1.14586  1.000 61.09143  ? 53  MET A CB  1 
ATOM 404  C CG  . MET A 1 56  ? 2.51009   -6.79901  -0.15426  1.000 52.79808  ? 53  MET A CG  1 
ATOM 405  S SD  . MET A 1 56  ? 2.98152   -5.50944  1.00605   1.000 68.97665  ? 53  MET A SD  1 
ATOM 406  C CE  . MET A 1 56  ? 3.65078   -4.28972  -0.11714  1.000 68.39149  ? 53  MET A CE  1 
ATOM 407  N N   . ARG A 1 57  ? -0.97366  -6.23043  -3.09754  1.000 61.65055  ? 54  ARG A N   1 
ATOM 408  C CA  . ARG A 1 57  ? -2.38760  -6.09094  -3.43697  1.000 65.95633  ? 54  ARG A CA  1 
ATOM 409  C C   . ARG A 1 57  ? -2.94043  -7.39313  -4.00001  1.000 69.43820  ? 54  ARG A C   1 
ATOM 410  O O   . ARG A 1 57  ? -4.05063  -7.80906  -3.65056  1.000 65.87967  ? 54  ARG A O   1 
ATOM 411  C CB  . ARG A 1 57  ? -2.58840  -4.95207  -4.44033  1.000 64.54119  ? 54  ARG A CB  1 
ATOM 412  C CG  . ARG A 1 57  ? -3.88314  -5.07443  -5.24450  1.000 71.80845  ? 54  ARG A CG  1 
ATOM 413  C CD  . ARG A 1 57  ? -4.27933  -3.77938  -5.94670  1.000 78.59304  ? 54  ARG A CD  1 
ATOM 414  N NE  . ARG A 1 57  ? -3.63464  -3.64808  -7.24897  1.000 77.58641  ? 54  ARG A NE  1 
ATOM 415  C CZ  . ARG A 1 57  ? -4.28048  -3.50832  -8.39940  1.000 75.20939  ? 54  ARG A CZ  1 
ATOM 416  N NH1 . ARG A 1 57  ? -5.60254  -3.48656  -8.45331  1.000 78.49933  ? 54  ARG A NH1 1 
ATOM 417  N NH2 . ARG A 1 57  ? -3.58178  -3.39468  -9.52540  1.000 73.74418  ? 54  ARG A NH2 1 
ATOM 418  N N   . GLU A 1 58  ? -2.16954  -8.05449  -4.86730  1.000 75.61459  ? 55  GLU A N   1 
ATOM 419  C CA  . GLU A 1 58  ? -2.56676  -9.36050  -5.38294  1.000 71.88519  ? 55  GLU A CA  1 
ATOM 420  C C   . GLU A 1 58  ? -2.68792  -10.38525 -4.26120  1.000 66.99982  ? 55  GLU A C   1 
ATOM 421  O O   . GLU A 1 58  ? -3.58727  -11.23411 -4.27783  1.000 66.43688  ? 55  GLU A O   1 
ATOM 422  C CB  . GLU A 1 58  ? -1.55552  -9.83101  -6.43002  1.000 68.01127  ? 55  GLU A CB  1 
ATOM 423  C CG  . GLU A 1 58  ? -1.95688  -9.55715  -7.86937  1.000 71.52241  ? 55  GLU A CG  1 
ATOM 424  C CD  . GLU A 1 58  ? -0.89154  -9.98623  -8.85879  1.000 75.98780  ? 55  GLU A CD  1 
ATOM 425  O OE1 . GLU A 1 58  ? 0.28866   -9.63493  -8.64831  1.000 81.34200  ? 55  GLU A OE1 1 
ATOM 426  O OE2 . GLU A 1 58  ? -1.22988  -10.67711 -9.84258  1.000 94.67513  ? 55  GLU A OE2 1 
ATOM 427  N N   . ALA A 1 59  ? -1.79714  -10.31557 -3.27117  1.000 60.41933  ? 56  ALA A N   1 
ATOM 428  C CA  . ALA A 1 59  ? -1.77005  -11.32656 -2.22050  1.000 60.97657  ? 56  ALA A CA  1 
ATOM 429  C C   . ALA A 1 59  ? -2.88110  -11.11030 -1.19952  1.000 74.84761  ? 56  ALA A C   1 
ATOM 430  O O   . ALA A 1 59  ? -3.64550  -12.03424 -0.90093  1.000 80.89778  ? 56  ALA A O   1 
ATOM 431  C CB  . ALA A 1 59  ? -0.40404  -11.33041 -1.53258  1.000 63.81153  ? 56  ALA A CB  1 
ATOM 432  N N   . LEU A 1 60  ? -2.99119  -9.89357  -0.66007  1.000 70.61321  ? 57  LEU A N   1 
ATOM 433  C CA  . LEU A 1 60  ? -3.91562  -9.64856  0.44129   1.000 63.21481  ? 57  LEU A CA  1 
ATOM 434  C C   . LEU A 1 60  ? -5.37429  -9.83410  0.04445   1.000 65.68457  ? 57  LEU A C   1 
ATOM 435  O O   . LEU A 1 60  ? -6.20689  -10.10812 0.91417   1.000 73.36236  ? 57  LEU A O   1 
ATOM 436  C CB  . LEU A 1 60  ? -3.70394  -8.24128  1.00067   1.000 66.63180  ? 57  LEU A CB  1 
ATOM 437  C CG  . LEU A 1 60  ? -2.27082  -7.91072  1.42055   1.000 65.56922  ? 57  LEU A CG  1 
ATOM 438  C CD1 . LEU A 1 60  ? -2.13885  -6.43561  1.77804   1.000 65.91025  ? 57  LEU A CD1 1 
ATOM 439  C CD2 . LEU A 1 60  ? -1.83825  -8.79779  2.57619   1.000 58.56669  ? 57  LEU A CD2 1 
ATOM 440  N N   . VAL A 1 61  ? -5.71181  -9.69354  -1.23667  1.000 68.13276  ? 58  VAL A N   1 
ATOM 441  C CA  . VAL A 1 61  ? -7.10644  -9.87107  -1.62727  1.000 74.64157  ? 58  VAL A CA  1 
ATOM 442  C C   . VAL A 1 61  ? -7.48614  -11.34716 -1.61860  1.000 66.40259  ? 58  VAL A C   1 
ATOM 443  O O   . VAL A 1 61  ? -8.59635  -11.70758 -1.21460  1.000 69.57514  ? 58  VAL A O   1 
ATOM 444  C CB  . VAL A 1 61  ? -7.38113  -9.21617  -2.99452  1.000 72.81528  ? 58  VAL A CB  1 
ATOM 445  C CG1 . VAL A 1 61  ? -7.26332  -7.70341  -2.88708  1.000 65.35687  ? 58  VAL A CG1 1 
ATOM 446  C CG2 . VAL A 1 61  ? -6.44668  -9.76161  -4.06125  1.000 74.85093  ? 58  VAL A CG2 1 
ATOM 447  N N   . ALA A 1 62  ? -6.57784  -12.22551 -2.04924  1.000 73.46947  ? 59  ALA A N   1 
ATOM 448  C CA  . ALA A 1 62  ? -6.86160  -13.65664 -2.00487  1.000 85.94557  ? 59  ALA A CA  1 
ATOM 449  C C   . ALA A 1 62  ? -7.06263  -14.12453 -0.56938  1.000 89.96140  ? 59  ALA A C   1 
ATOM 450  O O   . ALA A 1 62  ? -8.04474  -14.80774 -0.25710  1.000 90.60723  ? 59  ALA A O   1 
ATOM 451  C CB  . ALA A 1 62  ? -5.73422  -14.43941 -2.67826  1.000 67.55135  ? 59  ALA A CB  1 
ATOM 452  N N   . MET A 1 63  ? -6.14558  -13.74307 0.32433   1.000 86.81810  ? 60  MET A N   1 
ATOM 453  C CA  . MET A 1 63  ? -6.27522  -14.09752 1.73358   1.000 81.75821  ? 60  MET A CA  1 
ATOM 454  C C   . MET A 1 63  ? -7.49804  -13.44903 2.37084   1.000 79.67632  ? 60  MET A C   1 
ATOM 455  O O   . MET A 1 63  ? -8.01985  -13.96018 3.36766   1.000 81.64022  ? 60  MET A O   1 
ATOM 456  C CB  . MET A 1 63  ? -5.00967  -13.69186 2.48714   1.000 79.35346  ? 60  MET A CB  1 
ATOM 457  C CG  . MET A 1 63  ? -3.73225  -13.90523 1.70021   1.000 69.06697  ? 60  MET A CG  1 
ATOM 458  S SD  . MET A 1 63  ? -2.26658  -13.33231 2.57707   1.000 71.39202  ? 60  MET A SD  1 
ATOM 459  C CE  . MET A 1 63  ? -2.44081  -14.18864 4.14117   1.000 67.85051  ? 60  MET A CE  1 
ATOM 460  N N   . ALA A 1 64  ? -7.96602  -12.32504 1.82079   1.000 75.76894  ? 61  ALA A N   1 
ATOM 461  C CA  . ALA A 1 64  ? -9.16222  -11.68686 2.36126   1.000 69.11868  ? 61  ALA A CA  1 
ATOM 462  C C   . ALA A 1 64  ? -10.41011 -12.51008 2.06478   1.000 74.71085  ? 61  ALA A C   1 
ATOM 463  O O   . ALA A 1 64  ? -11.30601 -12.61254 2.91107   1.000 82.70396  ? 61  ALA A O   1 
ATOM 464  C CB  . ALA A 1 64  ? -9.30490  -10.27146 1.80438   1.000 77.27706  ? 61  ALA A CB  1 
ATOM 465  N N   . ARG A 1 65  ? -10.49233 -13.10141 0.86800   1.000 77.40325  ? 62  ARG A N   1 
ATOM 466  C CA  . ARG A 1 65  ? -11.60351 -13.99870 0.56677   1.000 88.40484  ? 62  ARG A CA  1 
ATOM 467  C C   . ARG A 1 65  ? -11.50508 -15.30741 1.33649   1.000 92.27330  ? 62  ARG A C   1 
ATOM 468  O O   . ARG A 1 65  ? -12.52387 -15.97885 1.53126   1.000 95.57064  ? 62  ARG A O   1 
ATOM 469  C CB  . ARG A 1 65  ? -11.67703 -14.30667 -0.93125  1.000 94.38662  ? 62  ARG A CB  1 
ATOM 470  C CG  . ARG A 1 65  ? -11.59978 -13.10057 -1.84687  1.000 91.40899  ? 62  ARG A CG  1 
ATOM 471  C CD  . ARG A 1 65  ? -10.69141 -13.38506 -3.02678  1.000 95.55465  ? 62  ARG A CD  1 
ATOM 472  N NE  . ARG A 1 65  ? -11.29521 -14.34561 -3.94267  1.000 86.19793  ? 62  ARG A NE  1 
ATOM 473  C CZ  . ARG A 1 65  ? -12.15694 -14.02366 -4.89716  1.000 85.72863  ? 62  ARG A CZ  1 
ATOM 474  N NH1 . ARG A 1 65  ? -12.52853 -12.76981 -5.09777  1.000 89.68151  ? 62  ARG A NH1 1 
ATOM 475  N NH2 . ARG A 1 65  ? -12.65609 -14.98231 -5.67182  1.000 95.22982  ? 62  ARG A NH2 1 
ATOM 476  N N   . GLU A 1 66  ? -10.30457 -15.67993 1.78016   1.000 86.22978  ? 63  GLU A N   1 
ATOM 477  C CA  . GLU A 1 66  ? -10.13871 -16.93065 2.50979   1.000 83.90621  ? 63  GLU A CA  1 
ATOM 478  C C   . GLU A 1 66  ? -10.66726 -16.81906 3.93230   1.000 90.92056  ? 63  GLU A C   1 
ATOM 479  O O   . GLU A 1 66  ? -11.28262 -17.75825 4.45054   1.000 91.44202  ? 63  GLU A O   1 
ATOM 480  C CB  . GLU A 1 66  ? -8.66694  -17.32267 2.52965   1.000 84.10601  ? 63  GLU A CB  1 
ATOM 481  C CG  . GLU A 1 66  ? -8.10023  -17.64955 1.17489   1.000 93.13722  ? 63  GLU A CG  1 
ATOM 482  C CD  . GLU A 1 66  ? -6.72348  -18.23784 1.28176   1.000 98.37176  ? 63  GLU A CD  1 
ATOM 483  O OE1 . GLU A 1 66  ? -6.65786  -19.44702 1.55937   1.000 105.51884 ? 63  GLU A OE1 1 
ATOM 484  O OE2 . GLU A 1 66  ? -5.72381  -17.50876 1.09578   1.000 88.59257  ? 63  GLU A OE2 1 
ATOM 485  N N   . GLY A 1 67  ? -10.43089 -15.68397 4.57869   1.000 86.20555  ? 64  GLY A N   1 
ATOM 486  C CA  . GLY A 1 67  ? -10.76697 -15.52667 5.97586   1.000 79.89211  ? 64  GLY A CA  1 
ATOM 487  C C   . GLY A 1 67  ? -9.62030  -14.92116 6.75451   1.000 79.16776  ? 64  GLY A C   1 
ATOM 488  O O   . GLY A 1 67  ? -9.77709  -14.56969 7.92749   1.000 91.50643  ? 64  GLY A O   1 
ATOM 489  N N   . ARG A 1 68  ? -8.46032  -14.78444 6.10788   1.000 67.23342  ? 65  ARG A N   1 
ATOM 490  C CA  . ARG A 1 68  ? -7.29310  -14.18225 6.74319   1.000 69.59314  ? 65  ARG A CA  1 
ATOM 491  C C   . ARG A 1 68  ? -7.48555  -12.67939 6.90123   1.000 77.54820  ? 65  ARG A C   1 
ATOM 492  O O   . ARG A 1 68  ? -6.67152  -11.88739 6.41549   1.000 72.31009  ? 65  ARG A O   1 
ATOM 493  C CB  . ARG A 1 68  ? -6.02248  -14.46266 5.93590   1.000 80.38550  ? 65  ARG A CB  1 
ATOM 494  C CG  . ARG A 1 68  ? -5.90671  -15.87506 5.38287   1.000 90.03190  ? 65  ARG A CG  1 
ATOM 495  C CD  . ARG A 1 68  ? -5.83743  -16.91687 6.48498   1.000 94.11800  ? 65  ARG A CD  1 
ATOM 496  N NE  . ARG A 1 68  ? -6.34431  -18.20685 6.03321   1.000 96.86570  ? 65  ARG A NE  1 
ATOM 497  C CZ  . ARG A 1 68  ? -5.60947  -19.13376 5.43399   1.000 108.41686 ? 65  ARG A CZ  1 
ATOM 498  N NH1 . ARG A 1 68  ? -4.31927  -18.95200 5.20418   1.000 115.30207 ? 65  ARG A NH1 1 
ATOM 499  N NH2 . ARG A 1 68  ? -6.18422  -20.27103 5.05344   1.000 112.26021 ? 65  ARG A NH2 1 
ATOM 500  N N   . LEU A 1 69  ? -8.56155  -12.27949 7.58161   1.000 80.21528  ? 66  LEU A N   1 
ATOM 501  C CA  . LEU A 1 69  ? -8.85212  -10.86491 7.76633   1.000 72.08299  ? 66  LEU A CA  1 
ATOM 502  C C   . LEU A 1 69  ? -7.89840  -10.20561 8.75383   1.000 76.21476  ? 66  LEU A C   1 
ATOM 503  O O   . LEU A 1 69  ? -7.78403  -8.97591  8.75938   1.000 82.75487  ? 66  LEU A O   1 
ATOM 504  C CB  . LEU A 1 69  ? -10.30165 -10.69341 8.22622   1.000 79.60694  ? 66  LEU A CB  1 
ATOM 505  C CG  . LEU A 1 69  ? -11.36318 -11.34774 7.33610   1.000 86.95070  ? 66  LEU A CG  1 
ATOM 506  C CD1 . LEU A 1 69  ? -12.74140 -11.26626 7.97493   1.000 95.66357  ? 66  LEU A CD1 1 
ATOM 507  C CD2 . LEU A 1 69  ? -11.37696 -10.70136 5.95782   1.000 85.12769  ? 66  LEU A CD2 1 
ATOM 508  N N   . ASP A 1 70  ? -7.21083  -10.99210 9.58076   1.000 71.21532  ? 67  ASP A N   1 
ATOM 509  C CA  . ASP A 1 70  ? -6.24516  -10.46647 10.53754  1.000 72.57853  ? 67  ASP A CA  1 
ATOM 510  C C   . ASP A 1 70  ? -4.88436  -10.19487 9.90645   1.000 74.76505  ? 67  ASP A C   1 
ATOM 511  O O   . ASP A 1 70  ? -4.23670  -9.19639  10.24076  1.000 73.33048  ? 67  ASP A O   1 
ATOM 512  C CB  . ASP A 1 70  ? -6.09510  -11.43674 11.71319  1.000 82.68058  ? 67  ASP A CB  1 
ATOM 513  C CG  . ASP A 1 70  ? -5.87556  -12.87412 11.26669  1.000 88.73202  ? 67  ASP A CG  1 
ATOM 514  O OD1 . ASP A 1 70  ? -5.54559  -13.09747 10.08438  1.000 88.38012  ? 67  ASP A OD1 1 
ATOM 515  O OD2 . ASP A 1 70  ? -6.02912  -13.78529 12.10560  1.000 86.88774  ? 67  ASP A OD2 1 
ATOM 516  N N   . ALA A 1 71  ? -4.43358  -11.06873 9.00270   1.000 73.83091  ? 68  ALA A N   1 
ATOM 517  C CA  . ALA A 1 71  ? -3.16437  -10.83321 8.32318   1.000 70.31042  ? 68  ALA A CA  1 
ATOM 518  C C   . ALA A 1 71  ? -3.25841  -9.63709  7.38643   1.000 70.11791  ? 68  ALA A C   1 
ATOM 519  O O   . ALA A 1 71  ? -2.32965  -8.82433  7.31426   1.000 68.25331  ? 68  ALA A O   1 
ATOM 520  C CB  . ALA A 1 71  ? -2.73523  -12.08351 7.55670   1.000 75.57437  ? 68  ALA A CB  1 
ATOM 521  N N   . VAL A 1 72  ? -4.37461  -9.51499  6.66285   1.000 69.91186  ? 69  VAL A N   1 
ATOM 522  C CA  . VAL A 1 72  ? -4.57987  -8.36859  5.78196   1.000 65.88690  ? 69  VAL A CA  1 
ATOM 523  C C   . VAL A 1 72  ? -4.56168  -7.07250  6.58245   1.000 71.35671  ? 69  VAL A C   1 
ATOM 524  O O   . VAL A 1 72  ? -4.00719  -6.05900  6.13979   1.000 73.19288  ? 69  VAL A O   1 
ATOM 525  C CB  . VAL A 1 72  ? -5.89352  -8.53353  4.99427   1.000 66.67703  ? 69  VAL A CB  1 
ATOM 526  C CG1 . VAL A 1 72  ? -6.14267  -7.32486  4.11462   1.000 62.24111  ? 69  VAL A CG1 1 
ATOM 527  C CG2 . VAL A 1 72  ? -5.85089  -9.79683  4.15049   1.000 72.39377  ? 69  VAL A CG2 1 
ATOM 528  N N   . ARG A 1 73  ? -5.15692  -7.08754  7.77758   1.000 68.14936  ? 70  ARG A N   1 
ATOM 529  C CA  . ARG A 1 73  ? -5.14378  -5.90526  8.63396   1.000 64.56272  ? 70  ARG A CA  1 
ATOM 530  C C   . ARG A 1 73  ? -3.73116  -5.56428  9.08865   1.000 69.25462  ? 70  ARG A C   1 
ATOM 531  O O   . ARG A 1 73  ? -3.29092  -4.41441  8.97088   1.000 71.56143  ? 70  ARG A O   1 
ATOM 532  C CB  . ARG A 1 73  ? -6.04967  -6.12350  9.84194   1.000 66.97627  ? 70  ARG A CB  1 
ATOM 533  C CG  . ARG A 1 73  ? -7.41971  -5.51174  9.70555   1.000 69.87481  ? 70  ARG A CG  1 
ATOM 534  C CD  . ARG A 1 73  ? -8.04249  -5.33500  11.07037  1.000 78.73789  ? 70  ARG A CD  1 
ATOM 535  N NE  . ARG A 1 73  ? -7.98832  -6.57039  11.83967  1.000 71.93238  ? 70  ARG A NE  1 
ATOM 536  C CZ  . ARG A 1 73  ? -9.05709  -7.25303  12.22289  1.000 80.52342  ? 70  ARG A CZ  1 
ATOM 537  N NH1 . ARG A 1 73  ? -10.27952 -6.82506  11.95857  1.000 87.94012  ? 70  ARG A NH1 1 
ATOM 538  N NH2 . ARG A 1 73  ? -8.89538  -8.39266  12.88772  1.000 80.84582  ? 70  ARG A NH2 1 
ATOM 539  N N   . ARG A 1 74  ? -3.00876  -6.55074  9.62466   1.000 65.03598  ? 71  ARG A N   1 
ATOM 540  C CA  . ARG A 1 74  ? -1.64906  -6.29764  10.08854  1.000 65.76869  ? 71  ARG A CA  1 
ATOM 541  C C   . ARG A 1 74  ? -0.74091  -5.88360  8.93825   1.000 74.17141  ? 71  ARG A C   1 
ATOM 542  O O   . ARG A 1 74  ? 0.14693   -5.04018  9.11075   1.000 76.59503  ? 71  ARG A O   1 
ATOM 543  C CB  . ARG A 1 74  ? -1.09049  -7.53544  10.78886  1.000 81.19857  ? 71  ARG A CB  1 
ATOM 544  C CG  . ARG A 1 74  ? -0.00934  -7.22381  11.81216  1.000 93.21695  ? 71  ARG A CG  1 
ATOM 545  C CD  . ARG A 1 74  ? 0.05167   -8.26848  12.91592  1.000 87.45670  ? 71  ARG A CD  1 
ATOM 546  N NE  . ARG A 1 74  ? -1.26948  -8.64684  13.40181  1.000 106.66376 ? 71  ARG A NE  1 
ATOM 547  C CZ  . ARG A 1 74  ? -1.75810  -9.87853  13.35578  1.000 99.81973  ? 71  ARG A CZ  1 
ATOM 548  N NH1 . ARG A 1 74  ? -1.06860  -10.87552 12.82775  1.000 84.74491  ? 71  ARG A NH1 1 
ATOM 549  N NH2 . ARG A 1 74  ? -2.96951  -10.11540 13.85085  1.000 109.28181 ? 71  ARG A NH2 1 
ATOM 550  N N   . ALA A 1 75  ? -0.94945  -6.46253  7.75463   1.000 73.79015  ? 72  ALA A N   1 
ATOM 551  C CA  . ALA A 1 75  ? -0.11696  -6.11472  6.60876   1.000 56.62206  ? 72  ALA A CA  1 
ATOM 552  C C   . ALA A 1 75  ? -0.40523  -4.69847  6.13114   1.000 59.74218  ? 72  ALA A C   1 
ATOM 553  O O   . ALA A 1 75  ? 0.51930   -3.90589  5.91494   1.000 62.86628  ? 72  ALA A O   1 
ATOM 554  C CB  . ALA A 1 75  ? -0.33208  -7.11879  5.47755   1.000 64.70227  ? 72  ALA A CB  1 
ATOM 555  N N   . THR A 1 76  ? -1.68716  -4.36142  5.96199   1.000 66.65047  ? 73  THR A N   1 
ATOM 556  C CA  . THR A 1 76  ? -2.04033  -3.03785  5.46031   1.000 65.75951  ? 73  THR A CA  1 
ATOM 557  C C   . THR A 1 76  ? -1.60201  -1.94040  6.42033   1.000 64.09284  ? 73  THR A C   1 
ATOM 558  O O   . THR A 1 76  ? -1.23845  -0.84447  5.98008   1.000 68.58659  ? 73  THR A O   1 
ATOM 559  C CB  . THR A 1 76  ? -3.54658  -2.94645  5.20401   1.000 55.56127  ? 73  THR A CB  1 
ATOM 560  O OG1 . THR A 1 76  ? -4.25706  -3.65514  6.22595   1.000 58.77736  ? 73  THR A OG1 1 
ATOM 561  C CG2 . THR A 1 76  ? -3.89527  -3.55019  3.84778   1.000 59.34727  ? 73  THR A CG2 1 
ATOM 562  N N   . SER A 1 77  ? -1.61683  -2.21456  7.72816   1.000 60.83517  ? 74  SER A N   1 
ATOM 563  C CA  . SER A 1 77  ? -1.15697  -1.21960  8.69276   1.000 74.49102  ? 74  SER A CA  1 
ATOM 564  C C   . SER A 1 77  ? 0.29550   -0.84391  8.43892   1.000 68.88016  ? 74  SER A C   1 
ATOM 565  O O   . SER A 1 77  ? 0.67441   0.32693   8.56147   1.000 71.46277  ? 74  SER A O   1 
ATOM 566  C CB  . SER A 1 77  ? -1.33360  -1.73961  10.12037  1.000 79.59082  ? 74  SER A CB  1 
ATOM 567  O OG  . SER A 1 77  ? -2.67163  -2.14061  10.36085  1.000 74.78721  ? 74  SER A OG  1 
ATOM 568  N N   . HIS A 1 78  ? 1.12292   -1.82339  8.07706   1.000 67.98777  ? 75  HIS A N   1 
ATOM 569  C CA  . HIS A 1 78  ? 2.50348   -1.52209  7.72650   1.000 71.32527  ? 75  HIS A CA  1 
ATOM 570  C C   . HIS A 1 78  ? 2.60413   -0.85979  6.36240   1.000 69.55206  ? 75  HIS A C   1 
ATOM 571  O O   . HIS A 1 78  ? 3.51875   -0.06173  6.13144   1.000 66.48570  ? 75  HIS A O   1 
ATOM 572  C CB  . HIS A 1 78  ? 3.34575   -2.79345  7.77740   1.000 66.84306  ? 75  HIS A CB  1 
ATOM 573  C CG  . HIS A 1 78  ? 3.29248   -3.48695  9.10122   1.000 76.04096  ? 75  HIS A CG  1 
ATOM 574  N ND1 . HIS A 1 78  ? 2.95965   -4.81814  9.23508   1.000 71.67936  ? 75  HIS A ND1 1 
ATOM 575  C CD2 . HIS A 1 78  ? 3.51189   -3.02594  10.35480  1.000 75.29771  ? 75  HIS A CD2 1 
ATOM 576  C CE1 . HIS A 1 78  ? 2.98650   -5.14846  10.51379  1.000 73.74838  ? 75  HIS A CE1 1 
ATOM 577  N NE2 . HIS A 1 78  ? 3.31831   -4.07895  11.21461  1.000 68.68977  ? 75  HIS A NE2 1 
ATOM 578  N N   . ILE A 1 79  ? 1.67859   -1.16679  5.45387   1.000 61.58347  ? 76  ILE A N   1 
ATOM 579  C CA  . ILE A 1 79  ? 1.59301   -0.39079  4.22486   1.000 60.82965  ? 76  ILE A CA  1 
ATOM 580  C C   . ILE A 1 79  ? 1.18663   1.03878   4.54672   1.000 71.43412  ? 76  ILE A C   1 
ATOM 581  O O   . ILE A 1 79  ? 1.63824   1.98722   3.89290   1.000 74.89488  ? 76  ILE A O   1 
ATOM 582  C CB  . ILE A 1 79  ? 0.61774   -1.06508  3.23899   1.000 69.76021  ? 76  ILE A CB  1 
ATOM 583  C CG1 . ILE A 1 79  ? 1.28677   -2.27309  2.58142   1.000 71.78736  ? 76  ILE A CG1 1 
ATOM 584  C CG2 . ILE A 1 79  ? 0.15436   -0.08627  2.16987   1.000 66.16203  ? 76  ILE A CG2 1 
ATOM 585  C CD1 . ILE A 1 79  ? 0.33448   -3.40241  2.25982   1.000 62.79686  ? 76  ILE A CD1 1 
ATOM 586  N N   . ASN A 1 80  ? 0.37426   1.22331   5.59065   1.000 79.34400  ? 77  ASN A N   1 
ATOM 587  C CA  . ASN A 1 80  ? -0.11954  2.55569   5.91875   1.000 69.45209  ? 77  ASN A CA  1 
ATOM 588  C C   . ASN A 1 80  ? 0.96356   3.40847   6.56770   1.000 66.28055  ? 77  ASN A C   1 
ATOM 589  O O   . ASN A 1 80  ? 1.04950   4.61299   6.30245   1.000 63.26979  ? 77  ASN A O   1 
ATOM 590  C CB  . ASN A 1 80  ? -1.34036  2.45367   6.83214   1.000 65.35146  ? 77  ASN A CB  1 
ATOM 591  C CG  . ASN A 1 80  ? -2.61030  2.14685   6.06949   1.000 64.54632  ? 77  ASN A CG  1 
ATOM 592  O OD1 . ASN A 1 80  ? -2.80375  2.61259   4.94435   1.000 70.37324  ? 77  ASN A OD1 1 
ATOM 593  N ND2 . ASN A 1 80  ? -3.49346  1.37129   6.68509   1.000 64.46646  ? 77  ASN A ND2 1 
ATOM 594  N N   . GLU A 1 81  ? 1.79851   2.80889   7.42439   1.000 67.16687  ? 78  GLU A N   1 
ATOM 595  C CA  . GLU A 1 81  ? 2.80508   3.59301   8.13650   1.000 72.17795  ? 78  GLU A CA  1 
ATOM 596  C C   . GLU A 1 81  ? 3.91227   4.10949   7.22490   1.000 69.43330  ? 78  GLU A C   1 
ATOM 597  O O   . GLU A 1 81  ? 4.79058   4.83823   7.70179   1.000 74.05651  ? 78  GLU A O   1 
ATOM 598  C CB  . GLU A 1 81  ? 3.42836   2.77747   9.27555   1.000 69.50133  ? 78  GLU A CB  1 
ATOM 599  C CG  . GLU A 1 81  ? 4.11928   1.49365   8.84389   1.000 83.68737  ? 78  GLU A CG  1 
ATOM 600  C CD  . GLU A 1 81  ? 4.21481   0.46729   9.96084   1.000 85.10521  ? 78  GLU A CD  1 
ATOM 601  O OE1 . GLU A 1 81  ? 3.17132   0.13405   10.56103  1.000 83.74059  ? 78  GLU A OE1 1 
ATOM 602  O OE2 . GLU A 1 81  ? 5.33796   -0.00172  10.24086  1.000 74.82496  ? 78  GLU A OE2 1 
ATOM 603  N N   . VAL A 1 82  ? 3.90237   3.74993   5.94175   1.000 73.15438  ? 79  VAL A N   1 
ATOM 604  C CA  . VAL A 1 82  ? 4.91834   4.20295   4.99843   1.000 71.00276  ? 79  VAL A CA  1 
ATOM 605  C C   . VAL A 1 82  ? 4.25458   4.75505   3.74294   1.000 65.66442  ? 79  VAL A C   1 
ATOM 606  O O   . VAL A 1 82  ? 4.93193   5.06433   2.75633   1.000 71.17852  ? 79  VAL A O   1 
ATOM 607  C CB  . VAL A 1 82  ? 5.89683   3.06581   4.64825   1.000 72.02144  ? 79  VAL A CB  1 
ATOM 608  C CG1 . VAL A 1 82  ? 6.43663   2.41442   5.91168   1.000 68.14575  ? 79  VAL A CG1 1 
ATOM 609  C CG2 . VAL A 1 82  ? 5.20941   2.02622   3.77034   1.000 66.30848  ? 79  VAL A CG2 1 
ATOM 610  N N   . LEU A 1 83  ? 2.92675   4.89699   3.77484   1.000 63.99128  ? 80  LEU A N   1 
ATOM 611  C CA  . LEU A 1 83  ? 2.19967   5.30806   2.57735   1.000 64.50250  ? 80  LEU A CA  1 
ATOM 612  C C   . LEU A 1 83  ? 2.51177   6.74721   2.18257   1.000 62.56314  ? 80  LEU A C   1 
ATOM 613  O O   . LEU A 1 83  ? 2.51435   7.07196   0.98937   1.000 59.98519  ? 80  LEU A O   1 
ATOM 614  C CB  . LEU A 1 83  ? 0.69633   5.13708   2.79166   1.000 66.84661  ? 80  LEU A CB  1 
ATOM 615  C CG  . LEU A 1 83  ? 0.03069   4.01871   1.98800   1.000 62.25026  ? 80  LEU A CG  1 
ATOM 616  C CD1 . LEU A 1 83  ? -1.47125  3.99848   2.22606   1.000 70.85701  ? 80  LEU A CD1 1 
ATOM 617  C CD2 . LEU A 1 83  ? 0.34950   4.14967   0.51487   1.000 50.89444  ? 80  LEU A CD2 1 
ATOM 618  N N   . VAL A 1 84  ? 2.77859   7.61846   3.15695   1.000 59.22415  ? 81  VAL A N   1 
ATOM 619  C CA  . VAL A 1 84  ? 3.01793   9.02427   2.84478   1.000 64.16470  ? 81  VAL A CA  1 
ATOM 620  C C   . VAL A 1 84  ? 4.42432   9.22703   2.29295   1.000 63.99495  ? 81  VAL A C   1 
ATOM 621  O O   . VAL A 1 84  ? 4.61698   9.95983   1.31625   1.000 63.03366  ? 81  VAL A O   1 
ATOM 622  C CB  . VAL A 1 84  ? 2.75881   9.89785   4.08700   1.000 71.71300  ? 81  VAL A CB  1 
ATOM 623  C CG1 . VAL A 1 84  ? 3.60378   11.16481  4.04130   1.000 71.57109  ? 81  VAL A CG1 1 
ATOM 624  C CG2 . VAL A 1 84  ? 1.27968   10.24825  4.19093   1.000 68.00599  ? 81  VAL A CG2 1 
ATOM 625  N N   . ASP A 1 85  ? 5.42669   8.58290   2.90015   1.000 70.43333  ? 82  ASP A N   1 
ATOM 626  C CA  . ASP A 1 85  ? 6.79810   8.73036   2.42006   1.000 67.97527  ? 82  ASP A CA  1 
ATOM 627  C C   . ASP A 1 85  ? 6.98662   8.09841   1.04850   1.000 65.20488  ? 82  ASP A C   1 
ATOM 628  O O   . ASP A 1 85  ? 7.79402   8.58606   0.24912   1.000 70.19577  ? 82  ASP A O   1 
ATOM 629  C CB  . ASP A 1 85  ? 7.78075   8.11626   3.41581   1.000 72.87609  ? 82  ASP A CB  1 
ATOM 630  C CG  . ASP A 1 85  ? 7.52330   8.56231   4.83796   1.000 81.50169  ? 82  ASP A CG  1 
ATOM 631  O OD1 . ASP A 1 85  ? 7.96254   9.67411   5.20078   1.000 93.01774  ? 82  ASP A OD1 1 
ATOM 632  O OD2 . ASP A 1 85  ? 6.88451   7.80012   5.59412   1.000 84.13959  ? 82  ASP A OD2 1 
ATOM 633  N N   . ALA A 1 86  ? 6.26244   7.01500   0.76085   1.000 59.02489  ? 83  ALA A N   1 
ATOM 634  C CA  . ALA A 1 86  ? 6.33666   6.41379   -0.56579  1.000 61.18953  ? 83  ALA A CA  1 
ATOM 635  C C   . ALA A 1 86  ? 5.75593   7.34261   -1.62536  1.000 65.03242  ? 83  ALA A C   1 
ATOM 636  O O   . ALA A 1 86  ? 6.29181   7.43673   -2.73470  1.000 63.94028  ? 83  ALA A O   1 
ATOM 637  C CB  . ALA A 1 86  ? 5.61568   5.06606   -0.57537  1.000 55.37655  ? 83  ALA A CB  1 
ATOM 638  N N   . ALA A 1 87  ? 4.66510   8.04218   -1.30226  1.000 62.19848  ? 84  ALA A N   1 
ATOM 639  C CA  . ALA A 1 87  ? 4.06636   8.96036   -2.26639  1.000 64.66572  ? 84  ALA A CA  1 
ATOM 640  C C   . ALA A 1 87  ? 4.94047   10.19010  -2.47379  1.000 63.07547  ? 84  ALA A C   1 
ATOM 641  O O   . ALA A 1 87  ? 5.06302   10.68885  -3.59875  1.000 66.42884  ? 84  ALA A O   1 
ATOM 642  C CB  . ALA A 1 87  ? 2.66754   9.36801   -1.80692  1.000 65.31387  ? 84  ALA A CB  1 
ATOM 643  N N   . GLU A 1 88  ? 5.55095   10.69505  -1.39948  1.000 60.83418  ? 85  GLU A N   1 
ATOM 644  C CA  . GLU A 1 88  ? 6.46954   11.82226  -1.52630  1.000 68.02373  ? 85  GLU A CA  1 
ATOM 645  C C   . GLU A 1 88  ? 7.64103   11.47342  -2.43640  1.000 71.40298  ? 85  GLU A C   1 
ATOM 646  O O   . GLU A 1 88  ? 7.98233   12.23664  -3.34712  1.000 73.29012  ? 85  GLU A O   1 
ATOM 647  C CB  . GLU A 1 88  ? 6.96513   12.25170  -0.14473  1.000 75.44796  ? 85  GLU A CB  1 
ATOM 648  C CG  . GLU A 1 88  ? 5.88582   12.85421  0.74412   1.000 56.89487  ? 85  GLU A CG  1 
ATOM 649  C CD  . GLU A 1 88  ? 6.45709   13.57885  1.94671   1.000 71.51909  ? 85  GLU A CD  1 
ATOM 650  O OE1 . GLU A 1 88  ? 7.37141   14.41067  1.76242   1.000 86.06882  ? 85  GLU A OE1 1 
ATOM 651  O OE2 . GLU A 1 88  ? 5.98804   13.32016  3.07615   1.000 69.78128  ? 85  GLU A OE2 1 
ATOM 652  N N   . LEU A 1 89  ? 8.26351   10.31294  -2.20968  1.000 65.11469  ? 86  LEU A N   1 
ATOM 653  C CA  . LEU A 1 89  ? 9.35903   9.87265   -3.07161  1.000 72.26730  ? 86  LEU A CA  1 
ATOM 654  C C   . LEU A 1 89  ? 8.87936   9.62431   -4.49586  1.000 71.75503  ? 86  LEU A C   1 
ATOM 655  O O   . LEU A 1 89  ? 9.52077   10.05493  -5.46143  1.000 69.07019  ? 86  LEU A O   1 
ATOM 656  C CB  . LEU A 1 89  ? 10.01628  8.61344   -2.50148  1.000 70.18851  ? 86  LEU A CB  1 
ATOM 657  C CG  . LEU A 1 89  ? 11.22366  8.79552   -1.57788  1.000 75.36068  ? 86  LEU A CG  1 
ATOM 658  C CD1 . LEU A 1 89  ? 11.01071  9.94573   -0.62065  1.000 89.02601  ? 86  LEU A CD1 1 
ATOM 659  C CD2 . LEU A 1 89  ? 11.51378  7.50818   -0.81835  1.000 67.00403  ? 86  LEU A CD2 1 
ATOM 660  N N   . ALA A 1 90  ? 7.75655   8.91523   -4.64793  1.000 69.34533  ? 87  ALA A N   1 
ATOM 661  C CA  . ALA A 1 90  ? 7.20136   8.69857   -5.97987  1.000 60.81557  ? 87  ALA A CA  1 
ATOM 662  C C   . ALA A 1 90  ? 6.88745   10.01824  -6.67197  1.000 68.25487  ? 87  ALA A C   1 
ATOM 663  O O   . ALA A 1 90  ? 7.05651   10.13601  -7.89007  1.000 63.91736  ? 87  ALA A O   1 
ATOM 664  C CB  . ALA A 1 90  ? 5.94867   7.82589   -5.89782  1.000 48.47156  ? 87  ALA A CB  1 
ATOM 665  N N   . LEU A 1 91  ? 6.44789   11.02545  -5.91460  1.000 66.12504  ? 88  LEU A N   1 
ATOM 666  C CA  . LEU A 1 91  ? 6.22756   12.34263  -6.50113  1.000 70.76162  ? 88  LEU A CA  1 
ATOM 667  C C   . LEU A 1 91  ? 7.53923   13.02938  -6.85964  1.000 68.69129  ? 88  LEU A C   1 
ATOM 668  O O   . LEU A 1 91  ? 7.57188   13.85649  -7.77790  1.000 73.25596  ? 88  LEU A O   1 
ATOM 669  C CB  . LEU A 1 91  ? 5.41598   13.21561  -5.54581  1.000 76.49490  ? 88  LEU A CB  1 
ATOM 670  C CG  . LEU A 1 91  ? 4.69243   14.40153  -6.18373  1.000 65.36069  ? 88  LEU A CG  1 
ATOM 671  C CD1 . LEU A 1 91  ? 3.50712   13.93266  -7.00656  1.000 74.63157  ? 88  LEU A CD1 1 
ATOM 672  C CD2 . LEU A 1 91  ? 4.25205   15.38717  -5.11120  1.000 69.10690  ? 88  LEU A CD2 1 
ATOM 673  N N   . GLU A 1 92  ? 8.62420   12.70902  -6.15042  1.000 71.92784  ? 89  GLU A N   1 
ATOM 674  C CA  . GLU A 1 92  ? 9.91893   13.30145  -6.47294  1.000 78.35534  ? 89  GLU A CA  1 
ATOM 675  C C   . GLU A 1 92  ? 10.44332  12.81787  -7.81982  1.000 81.06419  ? 89  GLU A C   1 
ATOM 676  O O   . GLU A 1 92  ? 11.10735  13.57809  -8.53507  1.000 80.17894  ? 89  GLU A O   1 
ATOM 677  C CB  . GLU A 1 92  ? 10.92919  12.98515  -5.36976  1.000 80.78218  ? 89  GLU A CB  1 
ATOM 678  C CG  . GLU A 1 92  ? 10.64465  13.66653  -4.04106  1.000 89.46811  ? 89  GLU A CG  1 
ATOM 679  C CD  . GLU A 1 92  ? 11.58082  13.20436  -2.93851  1.000 97.14959  ? 89  GLU A CD  1 
ATOM 680  O OE1 . GLU A 1 92  ? 12.56486  12.49994  -3.25098  1.000 80.76730  ? 89  GLU A OE1 1 
ATOM 681  O OE2 . GLU A 1 92  ? 11.33128  13.54247  -1.76067  1.000 92.07546  ? 89  GLU A OE2 1 
ATOM 682  N N   . LYS A 1 93  ? 10.15712  11.56802  -8.18375  1.000 73.41551  ? 90  LYS A N   1 
ATOM 683  C CA  . LYS A 1 93  ? 10.65313  11.00881  -9.43311  1.000 73.75548  ? 90  LYS A CA  1 
ATOM 684  C C   . LYS A 1 93  ? 9.68722   11.19332  -10.59704 1.000 72.31454  ? 90  LYS A C   1 
ATOM 685  O O   . LYS A 1 93  ? 10.12063  11.14291  -11.75346 1.000 76.57514  ? 90  LYS A O   1 
ATOM 686  C CB  . LYS A 1 93  ? 10.96723  9.51763   -9.25551  1.000 85.24545  ? 90  LYS A CB  1 
ATOM 687  C CG  . LYS A 1 93  ? 12.43211  9.22640   -8.94072  1.000 83.27957  ? 90  LYS A CG  1 
ATOM 688  C CD  . LYS A 1 93  ? 12.81404  7.79069   -9.27491  1.000 82.69214  ? 90  LYS A CD  1 
ATOM 689  C CE  . LYS A 1 93  ? 12.40541  7.41605   -10.69146 1.000 88.22036  ? 90  LYS A CE  1 
ATOM 690  N NZ  . LYS A 1 93  ? 12.92484  6.07144   -11.07221 1.000 94.63720  ? 90  LYS A NZ  1 
ATOM 691  N N   . GLY A 1 94  ? 8.40103   11.41162  -10.32682 1.000 65.59890  ? 91  GLY A N   1 
ATOM 692  C CA  . GLY A 1 94  ? 7.43400   11.63281  -11.38605 1.000 63.62101  ? 91  GLY A CA  1 
ATOM 693  C C   . GLY A 1 94  ? 5.99523   11.58732  -10.91223 1.000 68.64169  ? 91  GLY A C   1 
ATOM 694  O O   . GLY A 1 94  ? 5.63426   10.72538  -10.10619 1.000 70.03583  ? 91  GLY A O   1 
ATOM 695  N N   . ARG A 1 95  ? 5.16013   12.50605  -11.41200 1.000 65.17683  ? 92  ARG A N   1 
ATOM 696  C CA  . ARG A 1 95  ? 3.76022   12.54551  -10.99463 1.000 69.85746  ? 92  ARG A CA  1 
ATOM 697  C C   . ARG A 1 95  ? 3.04091   11.24029  -11.30343 1.000 68.79574  ? 92  ARG A C   1 
ATOM 698  O O   . ARG A 1 95  ? 2.07359   10.88685  -10.61934 1.000 70.58030  ? 92  ARG A O   1 
ATOM 699  C CB  . ARG A 1 95  ? 3.03454   13.70746  -11.67252 1.000 85.11908  ? 92  ARG A CB  1 
ATOM 700  C CG  . ARG A 1 95  ? 1.81103   14.19360  -10.91155 1.000 97.78102  ? 92  ARG A CG  1 
ATOM 701  C CD  . ARG A 1 95  ? 1.12030   15.34037  -11.63107 1.000 105.58274 ? 92  ARG A CD  1 
ATOM 702  N NE  . ARG A 1 95  ? 1.97691   16.51366  -11.75140 1.000 112.87751 ? 92  ARG A NE  1 
ATOM 703  C CZ  . ARG A 1 95  ? 1.53360   17.74246  -11.97788 1.000 114.01957 ? 92  ARG A CZ  1 
ATOM 704  N NH1 . ARG A 1 95  ? 0.24076   18.00253  -12.07729 1.000 114.45275 ? 92  ARG A NH1 1 
ATOM 705  N NH2 . ARG A 1 95  ? 2.40930   18.73509  -12.10778 1.000 101.03946 ? 92  ARG A NH2 1 
ATOM 706  N N   . GLU A 1 96  ? 3.48791   10.51992  -12.33248 1.000 69.01707  ? 93  GLU A N   1 
ATOM 707  C CA  . GLU A 1 96  ? 2.89506   9.22601   -12.64398 1.000 70.00549  ? 93  GLU A CA  1 
ATOM 708  C C   . GLU A 1 96  ? 3.23883   8.18319   -11.58580 1.000 65.38779  ? 93  GLU A C   1 
ATOM 709  O O   . GLU A 1 96  ? 2.44301   7.27068   -11.33387 1.000 63.57151  ? 93  GLU A O   1 
ATOM 710  C CB  . GLU A 1 96  ? 3.35282   8.77512   -14.03289 1.000 69.88332  ? 93  GLU A CB  1 
ATOM 711  C CG  . GLU A 1 96  ? 2.92831   7.37330   -14.41573 1.000 63.41367  ? 93  GLU A CG  1 
ATOM 712  C CD  . GLU A 1 96  ? 1.47857   7.31707   -14.83887 1.000 64.60843  ? 93  GLU A CD  1 
ATOM 713  O OE1 . GLU A 1 96  ? 0.86467   8.39306   -15.00423 1.000 51.54412  ? 93  GLU A OE1 1 
ATOM 714  O OE2 . GLU A 1 96  ? 0.95262   6.19923   -15.00334 1.000 60.38401  ? 93  GLU A OE2 1 
ATOM 715  N N   . TYR A 1 97  ? 4.40539   8.30757   -10.94833 1.000 57.87180  ? 94  TYR A N   1 
ATOM 716  C CA  . TYR A 1 97  ? 4.78090   7.35878   -9.90512  1.000 58.35428  ? 94  TYR A CA  1 
ATOM 717  C C   . TYR A 1 97  ? 3.88470   7.50992   -8.68048  1.000 70.25470  ? 94  TYR A C   1 
ATOM 718  O O   . TYR A 1 97  ? 3.55358   6.51764   -8.01883  1.000 60.65367  ? 94  TYR A O   1 
ATOM 719  C CB  . TYR A 1 97  ? 6.24902   7.55284   -9.53019  1.000 63.19861  ? 94  TYR A CB  1 
ATOM 720  C CG  . TYR A 1 97  ? 7.22292   6.86666   -10.46347 1.000 74.49762  ? 94  TYR A CG  1 
ATOM 721  C CD1 . TYR A 1 97  ? 7.48050   5.50758   -10.35375 1.000 77.60717  ? 94  TYR A CD1 1 
ATOM 722  C CD2 . TYR A 1 97  ? 7.89474   7.58270   -11.44616 1.000 74.10375  ? 94  TYR A CD2 1 
ATOM 723  C CE1 . TYR A 1 97  ? 8.37042   4.87832   -11.20151 1.000 79.36490  ? 94  TYR A CE1 1 
ATOM 724  C CE2 . TYR A 1 97  ? 8.78821   6.96168   -12.29795 1.000 70.97654  ? 94  TYR A CE2 1 
ATOM 725  C CZ  . TYR A 1 97  ? 9.02174   5.60953   -12.17075 1.000 79.11102  ? 94  TYR A CZ  1 
ATOM 726  O OH  . TYR A 1 97  ? 9.91106   4.98443   -13.01486 1.000 92.00444  ? 94  TYR A OH  1 
ATOM 727  N N   . PHE A 1 98  ? 3.49967   8.74744   -8.35610  1.000 62.04180  ? 95  PHE A N   1 
ATOM 728  C CA  . PHE A 1 98  ? 2.46289   8.98144   -7.35539  1.000 52.78188  ? 95  PHE A CA  1 
ATOM 729  C C   . PHE A 1 98  ? 1.17057   8.27461   -7.74031  1.000 56.36493  ? 95  PHE A C   1 
ATOM 730  O O   . PHE A 1 98  ? 0.61498   7.49086   -6.96240  1.000 65.88584  ? 95  PHE A O   1 
ATOM 731  C CB  . PHE A 1 98  ? 2.22686   10.48828  -7.19393  1.000 63.61305  ? 95  PHE A CB  1 
ATOM 732  C CG  . PHE A 1 98  ? 1.42607   10.86195  -5.96896  1.000 65.34158  ? 95  PHE A CG  1 
ATOM 733  C CD1 . PHE A 1 98  ? 0.09441   10.49115  -5.84941  1.000 55.89827  ? 95  PHE A CD1 1 
ATOM 734  C CD2 . PHE A 1 98  ? 2.00357   11.58639  -4.94060  1.000 66.29294  ? 95  PHE A CD2 1 
ATOM 735  C CE1 . PHE A 1 98  ? -0.63996  10.82889  -4.73265  1.000 58.63010  ? 95  PHE A CE1 1 
ATOM 736  C CE2 . PHE A 1 98  ? 1.27074   11.92961  -3.81982  1.000 67.48329  ? 95  PHE A CE2 1 
ATOM 737  C CZ  . PHE A 1 98  ? -0.05219  11.54757  -3.71652  1.000 64.27419  ? 95  PHE A CZ  1 
ATOM 738  N N   . ARG A 1 99  ? 0.67553   8.55093   -8.94741  1.000 63.84258  ? 96  ARG A N   1 
ATOM 739  C CA  . ARG A 1 99  ? -0.62220  8.03370   -9.36436  1.000 64.96494  ? 96  ARG A CA  1 
ATOM 740  C C   . ARG A 1 99  ? -0.65119  6.51328   -9.38548  1.000 70.68877  ? 96  ARG A C   1 
ATOM 741  O O   . ARG A 1 99  ? -1.71086  5.90910   -9.18268  1.000 71.10665  ? 96  ARG A O   1 
ATOM 742  C CB  . ARG A 1 99  ? -0.97305  8.58698   -10.74003 1.000 62.27867  ? 96  ARG A CB  1 
ATOM 743  C CG  . ARG A 1 99  ? -1.60471  9.95825   -10.70050 1.000 77.97330  ? 96  ARG A CG  1 
ATOM 744  C CD  . ARG A 1 99  ? -2.28185  10.22574  -12.01216 1.000 69.73411  ? 96  ARG A CD  1 
ATOM 745  N NE  . ARG A 1 99  ? -3.15220  9.10941   -12.35748 1.000 75.17740  ? 96  ARG A NE  1 
ATOM 746  C CZ  . ARG A 1 99  ? -3.59806  8.86435   -13.57971 1.000 82.60106  ? 96  ARG A CZ  1 
ATOM 747  N NH1 . ARG A 1 99  ? -3.32796  9.67709   -14.58371 1.000 81.62068  ? 96  ARG A NH1 1 
ATOM 748  N NH2 . ARG A 1 99  ? -4.34263  7.78391   -13.79571 1.000 82.57796  ? 96  ARG A NH2 1 
ATOM 749  N N   . ARG A 1 100 ? 0.49492   5.87925   -9.63049  1.000 66.11884  ? 97  ARG A N   1 
ATOM 750  C CA  . ARG A 1 100 ? 0.54151   4.42400   -9.64328  1.000 59.18470  ? 97  ARG A CA  1 
ATOM 751  C C   . ARG A 1 100 ? 0.29176   3.84312   -8.25990  1.000 62.67010  ? 97  ARG A C   1 
ATOM 752  O O   . ARG A 1 100 ? -0.26638  2.74652   -8.14050  1.000 68.54277  ? 97  ARG A O   1 
ATOM 753  C CB  . ARG A 1 100 ? 1.89171   3.95704   -10.17470 1.000 67.99384  ? 97  ARG A CB  1 
ATOM 754  C CG  . ARG A 1 100 ? 1.99910   3.99127   -11.68154 1.000 70.06120  ? 97  ARG A CG  1 
ATOM 755  C CD  . ARG A 1 100 ? 3.42895   3.77132   -12.09992 1.000 62.90036  ? 97  ARG A CD  1 
ATOM 756  N NE  . ARG A 1 100 ? 3.84126   2.39806   -11.84830 1.000 58.48145  ? 97  ARG A NE  1 
ATOM 757  C CZ  . ARG A 1 100 ? 5.05855   1.93179   -12.08257 1.000 73.03040  ? 97  ARG A CZ  1 
ATOM 758  N NH1 . ARG A 1 100 ? 6.01387   2.70787   -12.56698 1.000 80.57845  ? 97  ARG A NH1 1 
ATOM 759  N NH2 . ARG A 1 100 ? 5.32498   0.65602   -11.82225 1.000 69.06849  ? 97  ARG A NH2 1 
ATOM 760  N N   . LEU A 1 101 ? 0.69115   4.56118   -7.20962  1.000 61.83457  ? 98  LEU A N   1 
ATOM 761  C CA  . LEU A 1 101 ? 0.55976   4.03498   -5.85544  1.000 68.82014  ? 98  LEU A CA  1 
ATOM 762  C C   . LEU A 1 101 ? -0.90321  3.89910   -5.45149  1.000 65.94599  ? 98  LEU A C   1 
ATOM 763  O O   . LEU A 1 101 ? -1.32387  2.84181   -4.96598  1.000 65.50372  ? 98  LEU A O   1 
ATOM 764  C CB  . LEU A 1 101 ? 1.32283   4.92734   -4.87824  1.000 67.06998  ? 98  LEU A CB  1 
ATOM 765  C CG  . LEU A 1 101 ? 1.21558   4.55945   -3.40265  1.000 63.78593  ? 98  LEU A CG  1 
ATOM 766  C CD1 . LEU A 1 101 ? 2.57826   4.59096   -2.74350  1.000 48.59024  ? 98  LEU A CD1 1 
ATOM 767  C CD2 . LEU A 1 101 ? 0.27462   5.53744   -2.72722  1.000 72.80001  ? 98  LEU A CD2 1 
ATOM 768  N N   . CYS A 1 102 ? -1.69130  4.96270   -5.63565  1.000 63.42933  ? 99  CYS A N   1 
ATOM 769  C CA  . CYS A 1 102 ? -3.12553  4.89133   -5.37028  1.000 61.30256  ? 99  CYS A CA  1 
ATOM 770  C C   . CYS A 1 102 ? -3.76533  3.74773   -6.14645  1.000 61.90632  ? 99  CYS A C   1 
ATOM 771  O O   . CYS A 1 102 ? -4.37008  2.84473   -5.56085  1.000 62.96572  ? 99  CYS A O   1 
ATOM 772  C CB  . CYS A 1 102 ? -3.79614  6.22208   -5.72085  1.000 65.40561  ? 99  CYS A CB  1 
ATOM 773  S SG  . CYS A 1 102 ? -5.60493  6.28488   -5.45968  1.000 78.19880  ? 99  CYS A SG  1 
ATOM 774  N N   . LEU A 1 103 ? -3.60204  3.74999   -7.47391  1.000 64.83996  ? 100 LEU A N   1 
ATOM 775  C CA  . LEU A 1 103 ? -4.16404  2.69092   -8.30820  1.000 67.33217  ? 100 LEU A CA  1 
ATOM 776  C C   . LEU A 1 103 ? -3.78861  1.30031   -7.81605  1.000 68.70018  ? 100 LEU A C   1 
ATOM 777  O O   . LEU A 1 103 ? -4.44685  0.32194   -8.18379  1.000 75.20688  ? 100 LEU A O   1 
ATOM 778  C CB  . LEU A 1 103 ? -3.71464  2.87653   -9.76109  1.000 59.29766  ? 100 LEU A CB  1 
ATOM 779  C CG  . LEU A 1 103 ? -4.24075  4.14527   -10.43744 1.000 71.52807  ? 100 LEU A CG  1 
ATOM 780  C CD1 . LEU A 1 103 ? -3.61785  4.33149   -11.81249 1.000 75.73610  ? 100 LEU A CD1 1 
ATOM 781  C CD2 . LEU A 1 103 ? -5.76193  4.11955   -10.53017 1.000 62.68333  ? 100 LEU A CD2 1 
ATOM 782  N N   . ILE A 1 104 ? -2.75186  1.19168   -6.99017  1.000 62.31786  ? 101 ILE A N   1 
ATOM 783  C CA  . ILE A 1 104 ? -2.43585  -0.05233  -6.30443  1.000 59.68407  ? 101 ILE A CA  1 
ATOM 784  C C   . ILE A 1 104 ? -3.08293  -0.02342  -4.92726  1.000 58.30102  ? 101 ILE A C   1 
ATOM 785  O O   . ILE A 1 104 ? -3.93994  -0.85572  -4.61275  1.000 61.60852  ? 101 ILE A O   1 
ATOM 786  C CB  . ILE A 1 104 ? -0.91503  -0.25911  -6.19903  1.000 70.31645  ? 101 ILE A CB  1 
ATOM 787  C CG1 . ILE A 1 104 ? -0.31301  -0.46531  -7.59293  1.000 62.37087  ? 101 ILE A CG1 1 
ATOM 788  C CG2 . ILE A 1 104 ? -0.60542  -1.44004  -5.29383  1.000 52.93951  ? 101 ILE A CG2 1 
ATOM 789  C CD1 . ILE A 1 104 ? 1.19234   -0.32271  -7.64363  1.000 46.71032  ? 101 ILE A CD1 1 
ATOM 790  N N   . VAL A 1 105 ? -2.69567  0.95785   -4.11125  1.000 57.40106  ? 102 VAL A N   1 
ATOM 791  C CA  . VAL A 1 105 ? -3.13133  0.99692   -2.71817  1.000 58.40885  ? 102 VAL A CA  1 
ATOM 792  C C   . VAL A 1 105 ? -4.62942  1.26807   -2.62414  1.000 63.32015  ? 102 VAL A C   1 
ATOM 793  O O   . VAL A 1 105 ? -5.35039  0.58397   -1.88772  1.000 59.45100  ? 102 VAL A O   1 
ATOM 794  C CB  . VAL A 1 105 ? -2.31444  2.04049   -1.93765  1.000 57.40714  ? 102 VAL A CB  1 
ATOM 795  C CG1 . VAL A 1 105 ? -2.94852  2.30737   -0.59360  1.000 64.68262  ? 102 VAL A CG1 1 
ATOM 796  C CG2 . VAL A 1 105 ? -0.88741  1.55930   -1.76386  1.000 61.31563  ? 102 VAL A CG2 1 
ATOM 797  N N   . CYS A 1 106 ? -5.12003  2.27398   -3.35767  1.000 59.90494  ? 103 CYS A N   1 
ATOM 798  C CA  . CYS A 1 106 ? -6.54932  2.58041   -3.32287  1.000 62.15991  ? 103 CYS A CA  1 
ATOM 799  C C   . CYS A 1 106 ? -7.36875  1.40202   -3.83217  1.000 64.29526  ? 103 CYS A C   1 
ATOM 800  O O   . CYS A 1 106 ? -8.37302  1.01982   -3.22289  1.000 62.00066  ? 103 CYS A O   1 
ATOM 801  C CB  . CYS A 1 106 ? -6.85661  3.83532   -4.14678  1.000 71.08550  ? 103 CYS A CB  1 
ATOM 802  S SG  . CYS A 1 106 ? -5.93501  5.32744   -3.69395  1.000 87.36530  ? 103 CYS A SG  1 
ATOM 803  N N   . ASP A 1 107 ? -6.95026  0.80835   -4.95216  1.000 69.75069  ? 104 ASP A N   1 
ATOM 804  C CA  . ASP A 1 107 ? -7.66643  -0.34852  -5.48096  1.000 70.12587  ? 104 ASP A CA  1 
ATOM 805  C C   . ASP A 1 107 ? -7.55214  -1.54571  -4.54726  1.000 71.51210  ? 104 ASP A C   1 
ATOM 806  O O   . ASP A 1 107 ? -8.49557  -2.33626  -4.42732  1.000 71.68267  ? 104 ASP A O   1 
ATOM 807  C CB  . ASP A 1 107 ? -7.14407  -0.70420  -6.87038  1.000 66.78895  ? 104 ASP A CB  1 
ATOM 808  C CG  . ASP A 1 107 ? -7.84849  0.06362   -7.96740  1.000 79.73591  ? 104 ASP A CG  1 
ATOM 809  O OD1 . ASP A 1 107 ? -9.08704  -0.05858  -8.07311  1.000 88.76725  ? 104 ASP A OD1 1 
ATOM 810  O OD2 . ASP A 1 107 ? -7.16967  0.79425   -8.71924  1.000 72.50174  ? 104 ASP A OD2 1 
ATOM 811  N N   . MET A 1 108 ? -6.40165  -1.70138  -3.88800  1.000 65.35900  ? 105 MET A N   1 
ATOM 812  C CA  . MET A 1 108 ? -6.24238  -2.75528  -2.89154  1.000 69.74057  ? 105 MET A CA  1 
ATOM 813  C C   . MET A 1 108 ? -7.32971  -2.66991  -1.82985  1.000 64.84743  ? 105 MET A C   1 
ATOM 814  O O   . MET A 1 108 ? -8.13824  -3.59020  -1.66779  1.000 64.65182  ? 105 MET A O   1 
ATOM 815  C CB  . MET A 1 108 ? -4.85965  -2.66138  -2.24080  1.000 70.83787  ? 105 MET A CB  1 
ATOM 816  C CG  . MET A 1 108 ? -4.60949  -3.69682  -1.15545  1.000 60.50092  ? 105 MET A CG  1 
ATOM 817  S SD  . MET A 1 108 ? -3.10986  -3.36458  -0.21164  1.000 71.18806  ? 105 MET A SD  1 
ATOM 818  C CE  . MET A 1 108 ? -2.06610  -2.62275  -1.46489  1.000 61.99849  ? 105 MET A CE  1 
ATOM 819  N N   . MET A 1 109 ? -7.36622  -1.55110  -1.10400  1.000 63.70522  ? 106 MET A N   1 
ATOM 820  C CA  . MET A 1 109 ? -8.29193  -1.42194  0.01511   1.000 68.35186  ? 106 MET A CA  1 
ATOM 821  C C   . MET A 1 109 ? -9.73672  -1.51961  -0.45215  1.000 72.19354  ? 106 MET A C   1 
ATOM 822  O O   . MET A 1 109 ? -10.58003 -2.10348  0.23643   1.000 71.55877  ? 106 MET A O   1 
ATOM 823  C CB  . MET A 1 109 ? -8.04871  -0.09934  0.73742   1.000 54.54432  ? 106 MET A CB  1 
ATOM 824  C CG  . MET A 1 109 ? -7.18242  -0.22336  1.96924   1.000 51.86899  ? 106 MET A CG  1 
ATOM 825  S SD  . MET A 1 109 ? -6.83223  1.39662   2.66368   1.000 91.58129  ? 106 MET A SD  1 
ATOM 826  C CE  . MET A 1 109 ? -5.94985  2.15503   1.30653   1.000 68.29079  ? 106 MET A CE  1 
ATOM 827  N N   . ILE A 1 110 ? -10.03334 -0.97189  -1.63246  1.000 75.54221  ? 107 ILE A N   1 
ATOM 828  C CA  . ILE A 1 110 ? -11.40039 -0.98166  -2.14695  1.000 74.11576  ? 107 ILE A CA  1 
ATOM 829  C C   . ILE A 1 110 ? -11.91320 -2.41260  -2.27612  1.000 72.50760  ? 107 ILE A C   1 
ATOM 830  O O   . ILE A 1 110 ? -13.01057 -2.74030  -1.81026  1.000 73.26804  ? 107 ILE A O   1 
ATOM 831  C CB  . ILE A 1 110 ? -11.46899 -0.22586  -3.48575  1.000 75.71445  ? 107 ILE A CB  1 
ATOM 832  C CG1 . ILE A 1 110 ? -11.38185 1.28132   -3.24772  1.000 76.11429  ? 107 ILE A CG1 1 
ATOM 833  C CG2 . ILE A 1 110 ? -12.76204 -0.53012  -4.19634  1.000 82.03872  ? 107 ILE A CG2 1 
ATOM 834  C CD1 . ILE A 1 110 ? -11.70861 2.11946   -4.46275  1.000 59.55640  ? 107 ILE A CD1 1 
ATOM 835  N N   . GLU A 1 111 ? -11.12066 -3.29125  -2.89812  1.000 72.42418  ? 108 GLU A N   1 
ATOM 836  C CA  . GLU A 1 111 ? -11.51322 -4.69550  -2.98487  1.000 74.01261  ? 108 GLU A CA  1 
ATOM 837  C C   . GLU A 1 111 ? -11.52391 -5.36422  -1.61603  1.000 74.76676  ? 108 GLU A C   1 
ATOM 838  O O   . GLU A 1 111 ? -12.35854 -6.24090  -1.36476  1.000 73.95936  ? 108 GLU A O   1 
ATOM 839  C CB  . GLU A 1 111 ? -10.58495 -5.45342  -3.93457  1.000 68.30188  ? 108 GLU A CB  1 
ATOM 840  C CG  . GLU A 1 111 ? -10.35555 -4.76147  -5.26578  1.000 74.87189  ? 108 GLU A CG  1 
ATOM 841  C CD  . GLU A 1 111 ? -9.03533  -5.14285  -5.90404  1.000 85.04111  ? 108 GLU A CD  1 
ATOM 842  O OE1 . GLU A 1 111 ? -8.42477  -6.13499  -5.45629  1.000 80.45794  ? 108 GLU A OE1 1 
ATOM 843  O OE2 . GLU A 1 111 ? -8.60834  -4.45227  -6.85426  1.000 90.86275  ? 108 GLU A OE2 1 
ATOM 844  N N   . LEU A 1 112 ? -10.60992 -4.97334  -0.72403  1.000 71.13836  ? 109 LEU A N   1 
ATOM 845  C CA  . LEU A 1 112 ? -10.63069 -5.51495  0.63094   1.000 69.58309  ? 109 LEU A CA  1 
ATOM 846  C C   . LEU A 1 112 ? -11.89444 -5.09281  1.36780   1.000 71.03957  ? 109 LEU A C   1 
ATOM 847  O O   . LEU A 1 112 ? -12.44846 -5.86659  2.15719   1.000 73.87804  ? 109 LEU A O   1 
ATOM 848  C CB  . LEU A 1 112 ? -9.38450  -5.07218  1.39765   1.000 69.38173  ? 109 LEU A CB  1 
ATOM 849  C CG  . LEU A 1 112 ? -8.04847  -5.51172  0.79714   1.000 59.30349  ? 109 LEU A CG  1 
ATOM 850  C CD1 . LEU A 1 112 ? -6.88138  -4.89609  1.55100   1.000 55.01152  ? 109 LEU A CD1 1 
ATOM 851  C CD2 . LEU A 1 112 ? -7.94636  -7.02435  0.78272   1.000 62.97769  ? 109 LEU A CD2 1 
ATOM 852  N N   . ILE A 1 113 ? -12.36879 -3.86865  1.12007   1.000 79.06614  ? 110 ILE A N   1 
ATOM 853  C CA  . ILE A 1 113 ? -13.63247 -3.43311  1.70734   1.000 76.62840  ? 110 ILE A CA  1 
ATOM 854  C C   . ILE A 1 113 ? -14.80593 -4.12403  1.02530   1.000 73.20407  ? 110 ILE A C   1 
ATOM 855  O O   . ILE A 1 113 ? -15.79270 -4.48514  1.67763   1.000 78.96820  ? 110 ILE A O   1 
ATOM 856  C CB  . ILE A 1 113 ? -13.76685 -1.90017  1.64325   1.000 65.37870  ? 110 ILE A CB  1 
ATOM 857  C CG1 . ILE A 1 113 ? -12.57403 -1.21750  2.31235   1.000 75.50127  ? 110 ILE A CG1 1 
ATOM 858  C CG2 . ILE A 1 113 ? -15.04728 -1.45086  2.32044   1.000 79.70109  ? 110 ILE A CG2 1 
ATOM 859  C CD1 . ILE A 1 113 ? -12.41688 0.23915   1.93023   1.000 66.90225  ? 110 ILE A CD1 1 
ATOM 860  N N   . ARG A 1 114 ? -14.72107 -4.33141  -0.28918  1.000 74.55703  ? 111 ARG A N   1 
ATOM 861  C CA  . ARG A 1 114 ? -15.81694 -4.97372  -1.00419  1.000 77.62325  ? 111 ARG A CA  1 
ATOM 862  C C   . ARG A 1 114 ? -15.90060 -6.47432  -0.75136  1.000 87.88797  ? 111 ARG A C   1 
ATOM 863  O O   . ARG A 1 114 ? -16.74482 -7.13759  -1.36392  1.000 98.49975  ? 111 ARG A O   1 
ATOM 864  C CB  . ARG A 1 114 ? -15.71174 -4.71921  -2.51505  1.000 74.81999  ? 111 ARG A CB  1 
ATOM 865  C CG  . ARG A 1 114 ? -15.91317 -3.26405  -2.90197  1.000 82.89247  ? 111 ARG A CG  1 
ATOM 866  C CD  . ARG A 1 114 ? -15.71549 -2.96941  -4.39013  1.000 85.14544  ? 111 ARG A CD  1 
ATOM 867  N NE  . ARG A 1 114 ? -14.38925 -3.22106  -4.93975  1.000 93.66344  ? 111 ARG A NE  1 
ATOM 868  C CZ  . ARG A 1 114 ? -14.06598 -2.98198  -6.20479  1.000 86.32758  ? 111 ARG A CZ  1 
ATOM 869  N NH1 . ARG A 1 114 ? -14.93606 -2.46595  -7.05321  1.000 90.54260  ? 111 ARG A NH1 1 
ATOM 870  N NH2 . ARG A 1 114 ? -12.83757 -3.25559  -6.62738  1.000 69.80867  ? 111 ARG A NH2 1 
ATOM 871  N N   . LEU A 1 115 ? -15.05948 -7.02717  0.12006   1.000 75.94900  ? 112 LEU A N   1 
ATOM 872  C CA  . LEU A 1 115 ? -15.10053 -8.44969  0.43412   1.000 84.78805  ? 112 LEU A CA  1 
ATOM 873  C C   . LEU A 1 115 ? -15.58027 -8.74330  1.84515   1.000 90.14769  ? 112 LEU A C   1 
ATOM 874  O O   . LEU A 1 115 ? -16.35110 -9.68483  2.04303   1.000 95.88593  ? 112 LEU A O   1 
ATOM 875  C CB  . LEU A 1 115 ? -13.71634 -9.07895  0.23621   1.000 83.39367  ? 112 LEU A CB  1 
ATOM 876  C CG  . LEU A 1 115 ? -13.29755 -9.32458  -1.21454  1.000 85.86817  ? 112 LEU A CG  1 
ATOM 877  C CD1 . LEU A 1 115 ? -11.78521 -9.49476  -1.32803  1.000 74.26774  ? 112 LEU A CD1 1 
ATOM 878  C CD2 . LEU A 1 115 ? -14.03994 -10.51370 -1.80200  1.000 90.23350  ? 112 LEU A CD2 1 
ATOM 879  N N   . GLU A 1 116 ? -15.14076 -7.96502  2.82691   1.000 82.04000  ? 113 GLU A N   1 
ATOM 880  C CA  . GLU A 1 116 ? -15.50219 -8.22772  4.21251   1.000 91.28838  ? 113 GLU A CA  1 
ATOM 881  C C   . GLU A 1 116 ? -17.00434 -8.03580  4.40666   1.000 99.03263  ? 113 GLU A C   1 
ATOM 882  O O   . GLU A 1 116 ? -17.55744 -7.02262  3.95775   1.000 107.13529 ? 113 GLU A O   1 
ATOM 883  C CB  . GLU A 1 116 ? -14.72381 -7.29752  5.14141   1.000 84.92370  ? 113 GLU A CB  1 
ATOM 884  C CG  . GLU A 1 116 ? -14.44534 -7.86179  6.52444   1.000 91.57356  ? 113 GLU A CG  1 
ATOM 885  C CD  . GLU A 1 116 ? -15.58947 -7.63277  7.48854   1.000 102.01455 ? 113 GLU A CD  1 
ATOM 886  O OE1 . GLU A 1 116 ? -16.11541 -6.50114  7.52243   1.000 114.76316 ? 113 GLU A OE1 1 
ATOM 887  O OE2 . GLU A 1 116 ? -15.95866 -8.57912  8.21534   1.000 103.08062 ? 113 GLU A OE2 1 
ATOM 888  N N   . PRO A 1 117 ? -17.69606 -8.97272  5.05420   1.000 91.69427  ? 114 PRO A N   1 
ATOM 889  C CA  . PRO A 1 117 ? -19.13837 -8.80492  5.26371   1.000 96.36315  ? 114 PRO A CA  1 
ATOM 890  C C   . PRO A 1 117 ? -19.43393 -7.72991  6.29808   1.000 107.48041 ? 114 PRO A C   1 
ATOM 891  O O   . PRO A 1 117 ? -18.72289 -7.58452  7.29597   1.000 108.01156 ? 114 PRO A O   1 
ATOM 892  C CB  . PRO A 1 117 ? -19.58474 -10.18915 5.74934   1.000 107.08510 ? 114 PRO A CB  1 
ATOM 893  C CG  . PRO A 1 117 ? -18.37978 -10.74318 6.42496   1.000 105.87557 ? 114 PRO A CG  1 
ATOM 894  C CD  . PRO A 1 117 ? -17.19223 -10.22361 5.64835   1.000 102.30792 ? 114 PRO A CD  1 
ATOM 895  N N   . GLU A 1 118 ? -20.49902 -6.97354  6.03964   1.000 108.49659 ? 115 GLU A N   1 
ATOM 896  C CA  . GLU A 1 118 ? -20.91313 -5.85518  6.88633   1.000 97.72713  ? 115 GLU A CA  1 
ATOM 897  C C   . GLU A 1 118 ? -19.82980 -4.78754  6.98692   1.000 95.45332  ? 115 GLU A C   1 
ATOM 898  O O   . GLU A 1 118 ? -20.08990 -3.60670  6.75517   1.000 98.40355  ? 115 GLU A O   1 
ATOM 899  C CB  . GLU A 1 118 ? -21.29494 -6.34439  8.28533   1.000 92.69791  ? 115 GLU A CB  1 
ATOM 900  N N   . LEU A 1 123 ? -17.26269 0.05666   6.10740   1.000 83.54502  ? 120 LEU A N   1 
ATOM 901  C CA  . LEU A 1 123 ? -17.87926 1.35713   5.87844   1.000 70.72409  ? 120 LEU A CA  1 
ATOM 902  C C   . LEU A 1 123 ? -17.85337 1.72461   4.40068   1.000 84.67486  ? 120 LEU A C   1 
ATOM 903  O O   . LEU A 1 123 ? -16.79577 1.72224   3.76947   1.000 73.75354  ? 120 LEU A O   1 
ATOM 904  C CB  . LEU A 1 123 ? -17.17305 2.43788   6.70107   1.000 63.83324  ? 120 LEU A CB  1 
ATOM 905  C CG  . LEU A 1 123 ? -18.07579 3.41214   7.46144   1.000 91.58333  ? 120 LEU A CG  1 
ATOM 906  C CD1 . LEU A 1 123 ? -18.98877 2.66522   8.41865   1.000 92.99373  ? 120 LEU A CD1 1 
ATOM 907  C CD2 . LEU A 1 123 ? -17.24110 4.43493   8.21342   1.000 92.73716  ? 120 LEU A CD2 1 
ATOM 908  N N   . ARG A 1 124 ? -19.03043 2.03185   3.84952   1.000 92.61066  ? 121 ARG A N   1 
ATOM 909  C CA  . ARG A 1 124 ? -19.09939 2.52467   2.48010   1.000 79.59220  ? 121 ARG A CA  1 
ATOM 910  C C   . ARG A 1 124 ? -18.52884 3.92922   2.35493   1.000 74.10406  ? 121 ARG A C   1 
ATOM 911  O O   . ARG A 1 124 ? -18.16365 4.34015   1.24836   1.000 79.64465  ? 121 ARG A O   1 
ATOM 912  C CB  . ARG A 1 124 ? -20.54479 2.50414   1.97924   1.000 86.96759  ? 121 ARG A CB  1 
ATOM 913  C CG  . ARG A 1 124 ? -21.34892 3.73971   2.35907   1.000 97.00380  ? 121 ARG A CG  1 
ATOM 914  C CD  . ARG A 1 124 ? -22.69262 3.77447   1.65265   1.000 80.35649  ? 121 ARG A CD  1 
ATOM 915  N NE  . ARG A 1 124 ? -23.12679 5.14050   1.38712   1.000 91.54326  ? 121 ARG A NE  1 
ATOM 916  C CZ  . ARG A 1 124 ? -22.70751 5.87591   0.36583   1.000 106.10557 ? 121 ARG A CZ  1 
ATOM 917  N NH1 . ARG A 1 124 ? -21.83949 5.40573   -0.51570  1.000 79.69158  ? 121 ARG A NH1 1 
ATOM 918  N NH2 . ARG A 1 124 ? -23.17252 7.11409   0.22397   1.000 111.77524 ? 121 ARG A NH2 1 
ATOM 919  N N   . ARG A 1 125 ? -18.44730 4.66710   3.46600   1.000 68.30204  ? 122 ARG A N   1 
ATOM 920  C CA  . ARG A 1 125 ? -17.88491 6.01297   3.43789   1.000 82.03902  ? 122 ARG A CA  1 
ATOM 921  C C   . ARG A 1 125 ? -16.43361 5.99318   2.97914   1.000 87.63982  ? 122 ARG A C   1 
ATOM 922  O O   . ARG A 1 125 ? -16.01506 6.83230   2.17272   1.000 94.09532  ? 122 ARG A O   1 
ATOM 923  C CB  . ARG A 1 125 ? -17.99718 6.64678   4.82389   1.000 89.79815  ? 122 ARG A CB  1 
ATOM 924  C CG  . ARG A 1 125 ? -17.16603 7.90345   5.00892   1.000 105.18703 ? 122 ARG A CG  1 
ATOM 925  C CD  . ARG A 1 125 ? -17.51724 8.60149   6.31545   1.000 101.93124 ? 122 ARG A CD  1 
ATOM 926  N NE  . ARG A 1 125 ? -16.34410 9.16578   6.97361   1.000 98.77655  ? 122 ARG A NE  1 
ATOM 927  C CZ  . ARG A 1 125 ? -15.39530 8.45520   7.56966   1.000 96.82511  ? 122 ARG A CZ  1 
ATOM 928  N NH1 . ARG A 1 125 ? -15.44401 7.13319   7.61716   1.000 96.61989  ? 122 ARG A NH1 1 
ATOM 929  N NH2 . ARG A 1 125 ? -14.37017 9.08755   8.13268   1.000 96.62605  ? 122 ARG A NH2 1 
ATOM 930  N N   . ILE A 1 126 ? -15.65262 5.03639   3.48160   1.000 85.53512  ? 123 ILE A N   1 
ATOM 931  C CA  . ILE A 1 126 ? -14.24712 4.93735   3.10453   1.000 74.82482  ? 123 ILE A CA  1 
ATOM 932  C C   . ILE A 1 126 ? -14.10845 4.41528   1.68015   1.000 79.60017  ? 123 ILE A C   1 
ATOM 933  O O   . ILE A 1 126 ? -13.28955 4.91513   0.89801   1.000 77.55172  ? 123 ILE A O   1 
ATOM 934  C CB  . ILE A 1 126 ? -13.49949 4.05545   4.11915   1.000 68.89881  ? 123 ILE A CB  1 
ATOM 935  C CG1 . ILE A 1 126 ? -13.29624 4.82235   5.42780   1.000 82.55841  ? 123 ILE A CG1 1 
ATOM 936  C CG2 . ILE A 1 126 ? -12.18257 3.57613   3.55051   1.000 77.71278  ? 123 ILE A CG2 1 
ATOM 937  C CD1 . ILE A 1 126 ? -13.20683 3.93602   6.64445   1.000 87.83800  ? 123 ILE A CD1 1 
ATOM 938  N N   . ARG A 1 127 ? -14.89680 3.39749   1.32385   1.000 81.08080  ? 124 ARG A N   1 
ATOM 939  C CA  . ARG A 1 127 ? -14.95647 2.95235   -0.06517  1.000 78.71052  ? 124 ARG A CA  1 
ATOM 940  C C   . ARG A 1 127 ? -15.30293 4.10395   -0.99667  1.000 85.52753  ? 124 ARG A C   1 
ATOM 941  O O   . ARG A 1 127 ? -14.74362 4.21933   -2.09428  1.000 85.74327  ? 124 ARG A O   1 
ATOM 942  C CB  . ARG A 1 127 ? -15.99406 1.84630   -0.21581  1.000 78.42872  ? 124 ARG A CB  1 
ATOM 943  C CG  . ARG A 1 127 ? -15.67379 0.83499   -1.28337  1.000 75.53365  ? 124 ARG A CG  1 
ATOM 944  C CD  . ARG A 1 127 ? -16.35827 -0.47461  -0.96181  1.000 83.05384  ? 124 ARG A CD  1 
ATOM 945  N NE  . ARG A 1 127 ? -17.75410 -0.27878  -0.58599  1.000 83.50760  ? 124 ARG A NE  1 
ATOM 946  C CZ  . ARG A 1 127 ? -18.70065 0.16577   -1.40281  1.000 87.69681  ? 124 ARG A CZ  1 
ATOM 947  N NH1 . ARG A 1 127 ? -18.44233 0.46519   -2.66594  1.000 85.52997  ? 124 ARG A NH1 1 
ATOM 948  N NH2 . ARG A 1 127 ? -19.93767 0.31806   -0.93915  1.000 86.97896  ? 124 ARG A NH2 1 
ATOM 949  N N   . GLU A 1 128 ? -16.24127 4.95390   -0.57743  1.000 82.36076  ? 125 GLU A N   1 
ATOM 950  C CA  . GLU A 1 128 ? -16.64381 6.10172   -1.38040  1.000 80.38270  ? 125 GLU A CA  1 
ATOM 951  C C   . GLU A 1 128 ? -15.45771 7.01469   -1.66373  1.000 77.72141  ? 125 GLU A C   1 
ATOM 952  O O   . GLU A 1 128 ? -15.11267 7.26353   -2.82420  1.000 64.76668  ? 125 GLU A O   1 
ATOM 953  C CB  . GLU A 1 128 ? -17.76921 6.85018   -0.66128  1.000 88.10033  ? 125 GLU A CB  1 
ATOM 954  C CG  . GLU A 1 128 ? -18.13794 8.20205   -1.23800  1.000 100.49065 ? 125 GLU A CG  1 
ATOM 955  C CD  . GLU A 1 128 ? -17.47686 9.35742   -0.50395  1.000 97.73073  ? 125 GLU A CD  1 
ATOM 956  O OE1 . GLU A 1 128 ? -17.36911 9.28696   0.73907   1.000 99.44886  ? 125 GLU A OE1 1 
ATOM 957  O OE2 . GLU A 1 128 ? -17.08888 10.34564  -1.16146  1.000 85.81923  ? 125 GLU A OE2 1 
ATOM 958  N N   . ARG A 1 129 ? -14.80169 7.50096   -0.60601  1.000 75.46932  ? 126 ARG A N   1 
ATOM 959  C CA  . ARG A 1 129 ? -13.68657 8.42644   -0.78369  1.000 72.17000  ? 126 ARG A CA  1 
ATOM 960  C C   . ARG A 1 129 ? -12.55993 7.78883   -1.58643  1.000 73.35354  ? 126 ARG A C   1 
ATOM 961  O O   . ARG A 1 129 ? -11.90172 8.46049   -2.38870  1.000 75.49361  ? 126 ARG A O   1 
ATOM 962  C CB  . ARG A 1 129 ? -13.17150 8.89441   0.57644   1.000 68.36991  ? 126 ARG A CB  1 
ATOM 963  C CG  . ARG A 1 129 ? -13.97917 10.02783  1.18625   1.000 91.04984  ? 126 ARG A CG  1 
ATOM 964  C CD  . ARG A 1 129 ? -14.14096 11.20122  0.23031   1.000 81.42455  ? 126 ARG A CD  1 
ATOM 965  N NE  . ARG A 1 129 ? -12.88020 11.87713  -0.05379  1.000 86.89491  ? 126 ARG A NE  1 
ATOM 966  C CZ  . ARG A 1 129 ? -12.44151 12.17010  -1.27092  1.000 91.54893  ? 126 ARG A CZ  1 
ATOM 967  N NH1 . ARG A 1 129 ? -13.13240 11.84706  -2.35198  1.000 85.97250  ? 126 ARG A NH1 1 
ATOM 968  N NH2 . ARG A 1 129 ? -11.28488 12.81259  -1.40657  1.000 94.95881  ? 126 ARG A NH2 1 
ATOM 969  N N   . LEU A 1 130 ? -12.32805 6.48964   -1.38914  1.000 73.93595  ? 127 LEU A N   1 
ATOM 970  C CA  . LEU A 1 130 ? -11.26594 5.80933   -2.12207  1.000 65.64635  ? 127 LEU A CA  1 
ATOM 971  C C   . LEU A 1 130 ? -11.55288 5.78557   -3.61808  1.000 65.38863  ? 127 LEU A C   1 
ATOM 972  O O   . LEU A 1 130 ? -10.63399 5.90975   -4.43629  1.000 64.41820  ? 127 LEU A O   1 
ATOM 973  C CB  . LEU A 1 130 ? -11.08962 4.38973   -1.58625  1.000 62.96459  ? 127 LEU A CB  1 
ATOM 974  C CG  . LEU A 1 130 ? -10.25745 4.23735   -0.31394  1.000 70.59418  ? 127 LEU A CG  1 
ATOM 975  C CD1 . LEU A 1 130 ? -10.24686 2.78699   0.14539   1.000 73.81734  ? 127 LEU A CD1 1 
ATOM 976  C CD2 . LEU A 1 130 ? -8.84463  4.74152   -0.54202  1.000 59.43053  ? 127 LEU A CD2 1 
ATOM 977  N N   . GLU A 1 131 ? -12.82242 5.62861   -3.99607  1.000 70.26200  ? 128 GLU A N   1 
ATOM 978  C CA  . GLU A 1 131 ? -13.16945 5.60941   -5.41316  1.000 71.34810  ? 128 GLU A CA  1 
ATOM 979  C C   . GLU A 1 131 ? -12.93183 6.96775   -6.06121  1.000 73.04475  ? 128 GLU A C   1 
ATOM 980  O O   . GLU A 1 131 ? -12.33381 7.05111   -7.13966  1.000 81.77060  ? 128 GLU A O   1 
ATOM 981  C CB  . GLU A 1 131 ? -14.61993 5.16409   -5.59535  1.000 78.54684  ? 128 GLU A CB  1 
ATOM 982  C CG  . GLU A 1 131 ? -14.83020 3.67327   -5.40371  1.000 86.30145  ? 128 GLU A CG  1 
ATOM 983  C CD  . GLU A 1 131 ? -16.24853 3.32815   -5.00358  1.000 90.57335  ? 128 GLU A CD  1 
ATOM 984  O OE1 . GLU A 1 131 ? -16.94778 4.21297   -4.46641  1.000 83.68801  ? 128 GLU A OE1 1 
ATOM 985  O OE2 . GLU A 1 131 ? -16.66387 2.17095   -5.22581  1.000 97.95745  ? 128 GLU A OE2 1 
ATOM 986  N N   . GLU A 1 132 ? -13.38667 8.04880   -5.42093  1.000 75.24701  ? 129 GLU A N   1 
ATOM 987  C CA  . GLU A 1 132 ? -13.20300 9.36722   -6.02053  1.000 78.36059  ? 129 GLU A CA  1 
ATOM 988  C C   . GLU A 1 132 ? -11.73570 9.77463   -6.04658  1.000 74.98427  ? 129 GLU A C   1 
ATOM 989  O O   . GLU A 1 132 ? -11.27195 10.36579  -7.02842  1.000 72.98639  ? 129 GLU A O   1 
ATOM 990  C CB  . GLU A 1 132 ? -14.03248 10.42191  -5.29309  1.000 83.39687  ? 129 GLU A CB  1 
ATOM 991  C CG  . GLU A 1 132 ? -15.48205 10.45712  -5.73021  1.000 91.88971  ? 129 GLU A CG  1 
ATOM 992  C CD  . GLU A 1 132 ? -16.38783 9.65972   -4.82679  1.000 94.54450  ? 129 GLU A CD  1 
ATOM 993  O OE1 . GLU A 1 132 ? -16.09614 9.58909   -3.61667  1.000 83.56516  ? 129 GLU A OE1 1 
ATOM 994  O OE2 . GLU A 1 132 ? -17.38841 9.10429   -5.32677  1.000 101.85460 ? 129 GLU A OE2 1 
ATOM 995  N N   . ILE A 1 133 ? -10.98982 9.47668   -4.97896  1.000 73.44392  ? 130 ILE A N   1 
ATOM 996  C CA  . ILE A 1 133 ? -9.55466  9.75181   -4.98744  1.000 64.61886  ? 130 ILE A CA  1 
ATOM 997  C C   . ILE A 1 133 ? -8.89057  9.02089   -6.14630  1.000 69.48083  ? 130 ILE A C   1 
ATOM 998  O O   . ILE A 1 133 ? -7.95292  9.53135   -6.77332  1.000 69.93144  ? 130 ILE A O   1 
ATOM 999  C CB  . ILE A 1 133 ? -8.92853  9.37404   -3.63253  1.000 57.14008  ? 130 ILE A CB  1 
ATOM 1000 C CG1 . ILE A 1 133 ? -9.39535  10.34892  -2.55359  1.000 63.69941  ? 130 ILE A CG1 1 
ATOM 1001 C CG2 . ILE A 1 133 ? -7.41328  9.39619   -3.71321  1.000 62.63333  ? 130 ILE A CG2 1 
ATOM 1002 C CD1 . ILE A 1 133 ? -9.18259  9.84862   -1.14930  1.000 77.33454  ? 130 ILE A CD1 1 
ATOM 1003 N N   . ARG A 1 134 ? -9.38580  7.82526   -6.46683  1.000 73.00201  ? 131 ARG A N   1 
ATOM 1004 C CA  . ARG A 1 134 ? -8.95373  7.14695   -7.68209  1.000 64.77211  ? 131 ARG A CA  1 
ATOM 1005 C C   . ARG A 1 134 ? -9.41958  7.89971   -8.92281  1.000 74.40901  ? 131 ARG A C   1 
ATOM 1006 O O   . ARG A 1 134 ? -8.63102  8.14310   -9.84371  1.000 79.48745  ? 131 ARG A O   1 
ATOM 1007 C CB  . ARG A 1 134 ? -9.47953  5.71383   -7.69668  1.000 69.35867  ? 131 ARG A CB  1 
ATOM 1008 C CG  . ARG A 1 134 ? -9.40662  5.05734   -9.05774  1.000 75.69371  ? 131 ARG A CG  1 
ATOM 1009 C CD  . ARG A 1 134 ? -9.70644  3.57819   -8.97080  1.000 73.78426  ? 131 ARG A CD  1 
ATOM 1010 N NE  . ARG A 1 134 ? -11.14143 3.32952   -8.92130  1.000 83.64442  ? 131 ARG A NE  1 
ATOM 1011 C CZ  . ARG A 1 134 ? -11.71915 2.20855   -9.32957  1.000 89.31302  ? 131 ARG A CZ  1 
ATOM 1012 N NH1 . ARG A 1 134 ? -11.00970 1.20536   -9.81958  1.000 90.74832  ? 131 ARG A NH1 1 
ATOM 1013 N NH2 . ARG A 1 134 ? -13.04215 2.09374   -9.25077  1.000 87.34953  ? 131 ARG A NH2 1 
ATOM 1014 N N   . ARG A 1 135 ? -10.70394 8.27318   -8.96864  1.000 72.39693  ? 132 ARG A N   1 
ATOM 1015 C CA  . ARG A 1 135 ? -11.21441 9.00696   -10.12418 1.000 70.57404  ? 132 ARG A CA  1 
ATOM 1016 C C   . ARG A 1 135 ? -10.52118 10.35543  -10.27348 1.000 63.17663  ? 132 ARG A C   1 
ATOM 1017 O O   . ARG A 1 135 ? -10.12736 10.73883  -11.38094 1.000 60.49556  ? 132 ARG A O   1 
ATOM 1018 C CB  . ARG A 1 135 ? -12.73122 9.20120   -10.02069 1.000 86.28403  ? 132 ARG A CB  1 
ATOM 1019 C CG  . ARG A 1 135 ? -13.54259 7.92219   -9.84663  1.000 90.28217  ? 132 ARG A CG  1 
ATOM 1020 C CD  . ARG A 1 135 ? -15.03291 8.15303   -10.11789 1.000 95.01723  ? 132 ARG A CD  1 
ATOM 1021 N NE  . ARG A 1 135 ? -15.83625 8.38870   -8.92214  1.000 85.72847  ? 132 ARG A NE  1 
ATOM 1022 C CZ  . ARG A 1 135 ? -16.90161 9.18002   -8.88258  1.000 94.26019  ? 132 ARG A CZ  1 
ATOM 1023 N NH1 . ARG A 1 135 ? -17.28897 9.87330   -9.94122  1.000 94.74181  ? 132 ARG A NH1 1 
ATOM 1024 N NH2 . ARG A 1 135 ? -17.60375 9.26955   -7.75685  1.000 87.99033  ? 132 ARG A NH2 1 
ATOM 1025 N N   . ARG A 1 136 ? -10.35831 11.08681  -9.16714  1.000 71.37891  ? 133 ARG A N   1 
ATOM 1026 C CA  . ARG A 1 136 ? -9.73644  12.40537  -9.23339  1.000 67.19778  ? 133 ARG A CA  1 
ATOM 1027 C C   . ARG A 1 136 ? -8.30600  12.31854  -9.74472  1.000 63.21450  ? 133 ARG A C   1 
ATOM 1028 O O   . ARG A 1 136 ? -7.82847  13.23697  -10.42073 1.000 64.68161  ? 133 ARG A O   1 
ATOM 1029 C CB  . ARG A 1 136 ? -9.77370  13.06822  -7.85584  1.000 72.91875  ? 133 ARG A CB  1 
ATOM 1030 C CG  . ARG A 1 136 ? -9.35784  14.52708  -7.84243  1.000 75.19428  ? 133 ARG A CG  1 
ATOM 1031 C CD  . ARG A 1 136 ? -9.80735  15.20158  -6.55372  1.000 91.46772  ? 133 ARG A CD  1 
ATOM 1032 N NE  . ARG A 1 136 ? -8.86761  16.22502  -6.11238  1.000 92.63644  ? 133 ARG A NE  1 
ATOM 1033 C CZ  . ARG A 1 136 ? -8.67205  17.38059  -6.73284  1.000 90.10409  ? 133 ARG A CZ  1 
ATOM 1034 N NH1 . ARG A 1 136 ? -9.38332  17.72520  -7.79433  1.000 93.39530  ? 133 ARG A NH1 1 
ATOM 1035 N NH2 . ARG A 1 136 ? -7.74530  18.21558  -6.27191  1.000 91.63011  ? 133 ARG A NH2 1 
ATOM 1036 N N   . LEU A 1 137 ? -7.61103  11.22432  -9.43883  1.000 74.66143  ? 134 LEU A N   1 
ATOM 1037 C CA  . LEU A 1 137 ? -6.27328  11.01338  -9.96981  1.000 78.54014  ? 134 LEU A CA  1 
ATOM 1038 C C   . LEU A 1 137 ? -6.29373  10.50558  -11.40443 1.000 69.85184  ? 134 LEU A C   1 
ATOM 1039 O O   . LEU A 1 137 ? -5.34194  10.75593  -12.14847 1.000 68.75327  ? 134 LEU A O   1 
ATOM 1040 C CB  . LEU A 1 137 ? -5.50606  10.03512  -9.07619  1.000 76.71270  ? 134 LEU A CB  1 
ATOM 1041 C CG  . LEU A 1 137 ? -5.00675  10.61151  -7.74980  1.000 70.90709  ? 134 LEU A CG  1 
ATOM 1042 C CD1 . LEU A 1 137 ? -4.34815  9.53731   -6.90119  1.000 68.93970  ? 134 LEU A CD1 1 
ATOM 1043 C CD2 . LEU A 1 137 ? -4.04728  11.75719  -8.01186  1.000 84.07365  ? 134 LEU A CD2 1 
ATOM 1044 N N   . GLU A 1 138 ? -7.35452  9.81633   -11.80978 1.000 71.33176  ? 135 GLU A N   1 
ATOM 1045 C CA  . GLU A 1 138 ? -7.46245  9.29727   -13.16666 1.000 68.41784  ? 135 GLU A CA  1 
ATOM 1046 C C   . GLU A 1 138 ? -7.87944  10.37943  -14.15944 1.000 65.74412  ? 135 GLU A C   1 
ATOM 1047 O O   . GLU A 1 138 ? -8.59999  11.31463  -13.81215 1.000 63.47337  ? 135 GLU A O   1 
ATOM 1048 C CB  . GLU A 1 138 ? -8.45551  8.13788   -13.20992 1.000 73.60202  ? 135 GLU A CB  1 
ATOM 1049 C CG  . GLU A 1 138 ? -7.80174  6.78357   -13.39037 1.000 81.87439  ? 135 GLU A CG  1 
ATOM 1050 C CD  . GLU A 1 138 ? -8.80798  5.68900   -13.67133 1.000 93.94228  ? 135 GLU A CD  1 
ATOM 1051 O OE1 . GLU A 1 138 ? -10.01268 5.91489   -13.43037 1.000 89.51614  ? 135 GLU A OE1 1 
ATOM 1052 O OE2 . GLU A 1 138 ? -8.39609  4.60669   -14.14077 1.000 90.29109  ? 135 GLU A OE2 1 
ATOM 1053 N N   . PRO B 2 4   ? 0.46235   20.10688  -2.20850  1.000 84.59669  ? 142 PRO B N   1 
ATOM 1054 C CA  . PRO B 2 4   ? -0.51561  19.86692  -3.27577  1.000 70.48257  ? 142 PRO B CA  1 
ATOM 1055 C C   . PRO B 2 4   ? -0.97587  18.41095  -3.31529  1.000 72.17763  ? 142 PRO B C   1 
ATOM 1056 O O   . PRO B 2 4   ? -1.99117  18.06940  -2.70657  1.000 70.40450  ? 142 PRO B O   1 
ATOM 1057 C CB  . PRO B 2 4   ? 0.25773   20.23296  -4.54430  1.000 81.03517  ? 142 PRO B CB  1 
ATOM 1058 C CG  . PRO B 2 4   ? 1.27022   21.22870  -4.08724  1.000 83.16908  ? 142 PRO B CG  1 
ATOM 1059 C CD  . PRO B 2 4   ? 1.66874   20.79263  -2.70499  1.000 82.42545  ? 142 PRO B CD  1 
ATOM 1060 N N   . GLU B 2 5   ? -0.22839  17.56428  -4.02857  1.000 76.62504  ? 143 GLU B N   1 
ATOM 1061 C CA  . GLU B 2 5   ? -0.53726  16.13910  -4.05393  1.000 79.08485  ? 143 GLU B CA  1 
ATOM 1062 C C   . GLU B 2 5   ? -0.20946  15.45128  -2.73640  1.000 80.91721  ? 143 GLU B C   1 
ATOM 1063 O O   . GLU B 2 5   ? -0.73692  14.36579  -2.46921  1.000 77.04154  ? 143 GLU B O   1 
ATOM 1064 C CB  . GLU B 2 5   ? 0.21438   15.45003  -5.19407  1.000 77.74967  ? 143 GLU B CB  1 
ATOM 1065 C CG  . GLU B 2 5   ? -0.27090  15.83337  -6.57586  1.000 89.47078  ? 143 GLU B CG  1 
ATOM 1066 C CD  . GLU B 2 5   ? 0.64279   16.82873  -7.25684  1.000 101.64090 ? 143 GLU B CD  1 
ATOM 1067 O OE1 . GLU B 2 5   ? 1.04696   17.81164  -6.59963  1.000 99.78029  ? 143 GLU B OE1 1 
ATOM 1068 O OE2 . GLU B 2 5   ? 0.95796   16.62826  -8.44915  1.000 103.54130 ? 143 GLU B OE2 1 
ATOM 1069 N N   . ILE B 2 6   ? 0.64631   16.05572  -1.90936  1.000 83.10400  ? 144 ILE B N   1 
ATOM 1070 C CA  . ILE B 2 6   ? 1.00985   15.43998  -0.63694  1.000 79.25085  ? 144 ILE B CA  1 
ATOM 1071 C C   . ILE B 2 6   ? -0.19360  15.36422  0.29253   1.000 78.00587  ? 144 ILE B C   1 
ATOM 1072 O O   . ILE B 2 6   ? -0.24179  14.51489  1.19179   1.000 81.07747  ? 144 ILE B O   1 
ATOM 1073 C CB  . ILE B 2 6   ? 2.18087   16.20530  0.00841   1.000 74.02559  ? 144 ILE B CB  1 
ATOM 1074 C CG1 . ILE B 2 6   ? 3.21929   16.56351  -1.05645  1.000 80.51929  ? 144 ILE B CG1 1 
ATOM 1075 C CG2 . ILE B 2 6   ? 2.81699   15.36940  1.10061   1.000 74.21900  ? 144 ILE B CG2 1 
ATOM 1076 C CD1 . ILE B 2 6   ? 4.46004   17.21562  -0.50684  1.000 66.75254  ? 144 ILE B CD1 1 
ATOM 1077 N N   . TRP B 2 7   ? -1.18482  16.23675  0.09616   1.000 66.77230  ? 145 TRP B N   1 
ATOM 1078 C CA  . TRP B 2 7   ? -2.39522  16.14648  0.90471   1.000 70.58645  ? 145 TRP B CA  1 
ATOM 1079 C C   . TRP B 2 7   ? -3.14642  14.85053  0.62742   1.000 67.29103  ? 145 TRP B C   1 
ATOM 1080 O O   . TRP B 2 7   ? -3.65953  14.21361  1.55571   1.000 69.56372  ? 145 TRP B O   1 
ATOM 1081 C CB  . TRP B 2 7   ? -3.30552  17.34508  0.64906   1.000 67.92974  ? 145 TRP B CB  1 
ATOM 1082 C CG  . TRP B 2 7   ? -4.56173  17.25910  1.44617   1.000 64.89490  ? 145 TRP B CG  1 
ATOM 1083 C CD1 . TRP B 2 7   ? -4.76344  17.73970  2.70557   1.000 70.47357  ? 145 TRP B CD1 1 
ATOM 1084 C CD2 . TRP B 2 7   ? -5.78488  16.62096  1.05938   1.000 73.84719  ? 145 TRP B CD2 1 
ATOM 1085 N NE1 . TRP B 2 7   ? -6.03997  17.45566  3.12219   1.000 80.13263  ? 145 TRP B NE1 1 
ATOM 1086 C CE2 . TRP B 2 7   ? -6.68730  16.76766  2.13030   1.000 75.17927  ? 145 TRP B CE2 1 
ATOM 1087 C CE3 . TRP B 2 7   ? -6.20605  15.94484  -0.08961  1.000 69.34538  ? 145 TRP B CE3 1 
ATOM 1088 C CZ2 . TRP B 2 7   ? -7.98563  16.26601  2.08575   1.000 76.95347  ? 145 TRP B CZ2 1 
ATOM 1089 C CZ3 . TRP B 2 7   ? -7.49512  15.44726  -0.13114  1.000 71.03074  ? 145 TRP B CZ3 1 
ATOM 1090 C CH2 . TRP B 2 7   ? -8.36850  15.60955  0.94930   1.000 78.47653  ? 145 TRP B CH2 1 
ATOM 1091 N N   . ILE B 2 8   ? -3.23055  14.45232  -0.64525  1.000 60.02808  ? 146 ILE B N   1 
ATOM 1092 C CA  . ILE B 2 8   ? -3.90084  13.20339  -0.99624  1.000 59.35714  ? 146 ILE B CA  1 
ATOM 1093 C C   . ILE B 2 8   ? -3.21729  12.02695  -0.31221  1.000 68.01188  ? 146 ILE B C   1 
ATOM 1094 O O   . ILE B 2 8   ? -3.87625  11.08840  0.15334   1.000 61.06259  ? 146 ILE B O   1 
ATOM 1095 C CB  . ILE B 2 8   ? -3.93570  13.03106  -2.52611  1.000 46.71600  ? 146 ILE B CB  1 
ATOM 1096 C CG1 . ILE B 2 8   ? -4.85755  14.07320  -3.16104  1.000 55.86612  ? 146 ILE B CG1 1 
ATOM 1097 C CG2 . ILE B 2 8   ? -4.38747  11.62804  -2.90319  1.000 61.56961  ? 146 ILE B CG2 1 
ATOM 1098 C CD1 . ILE B 2 8   ? -4.12719  15.27095  -3.73304  1.000 57.23894  ? 146 ILE B CD1 1 
ATOM 1099 N N   . ALA B 2 9   ? -1.88473  12.06687  -0.22850  1.000 64.28988  ? 147 ALA B N   1 
ATOM 1100 C CA  . ALA B 2 9   ? -1.14645  11.02407  0.47433   1.000 58.93229  ? 147 ALA B CA  1 
ATOM 1101 C C   . ALA B 2 9   ? -1.53479  10.97786  1.94544   1.000 65.89418  ? 147 ALA B C   1 
ATOM 1102 O O   . ALA B 2 9   ? -1.80561  9.90399   2.49507   1.000 69.22730  ? 147 ALA B O   1 
ATOM 1103 C CB  . ALA B 2 9   ? 0.35653   11.25484  0.32060   1.000 66.34591  ? 147 ALA B CB  1 
ATOM 1104 N N   . GLN B 2 10  ? -1.56454  12.14076  2.60255   1.000 68.93027  ? 148 GLN B N   1 
ATOM 1105 C CA  . GLN B 2 10  ? -1.98453  12.18507  3.99905   1.000 65.88378  ? 148 GLN B CA  1 
ATOM 1106 C C   . GLN B 2 10  ? -3.44660  11.79269  4.15202   1.000 60.68880  ? 148 GLN B C   1 
ATOM 1107 O O   . GLN B 2 10  ? -3.82509  11.18658  5.16083   1.000 72.68963  ? 148 GLN B O   1 
ATOM 1108 C CB  . GLN B 2 10  ? -1.74129  13.57710  4.58093   1.000 61.63175  ? 148 GLN B CB  1 
ATOM 1109 C CG  . GLN B 2 10  ? -0.32258  13.79003  5.07774   1.000 71.48192  ? 148 GLN B CG  1 
ATOM 1110 C CD  . GLN B 2 10  ? 0.11349   15.23602  4.98731   1.000 76.37630  ? 148 GLN B CD  1 
ATOM 1111 O OE1 . GLN B 2 10  ? -0.65411  16.14630  5.29581   1.000 76.51147  ? 148 GLN B OE1 1 
ATOM 1112 N NE2 . GLN B 2 10  ? 1.34851   15.45672  4.55261   1.000 79.24621  ? 148 GLN B NE2 1 
ATOM 1113 N N   . GLU B 2 11  ? -4.28050  12.12696  3.16572   1.000 63.27908  ? 149 GLU B N   1 
ATOM 1114 C CA  . GLU B 2 11  ? -5.66413  11.66779  3.17892   1.000 66.38117  ? 149 GLU B CA  1 
ATOM 1115 C C   . GLU B 2 11  ? -5.74893  10.15511  3.01675   1.000 67.30256  ? 149 GLU B C   1 
ATOM 1116 O O   . GLU B 2 11  ? -6.65321  9.52165   3.57321   1.000 66.88730  ? 149 GLU B O   1 
ATOM 1117 C CB  . GLU B 2 11  ? -6.45436  12.37851  2.07779   1.000 67.96489  ? 149 GLU B CB  1 
ATOM 1118 C CG  . GLU B 2 11  ? -7.73642  11.68314  1.65722   1.000 70.43143  ? 149 GLU B CG  1 
ATOM 1119 C CD  . GLU B 2 11  ? -8.95519  12.22958  2.36910   1.000 81.26204  ? 149 GLU B CD  1 
ATOM 1120 O OE1 . GLU B 2 11  ? -8.82769  12.63389  3.54439   1.000 81.56767  ? 149 GLU B OE1 1 
ATOM 1121 O OE2 . GLU B 2 11  ? -10.04185 12.24844  1.75421   1.000 86.83341  ? 149 GLU B OE2 1 
ATOM 1122 N N   . LEU B 2 12  ? -4.80467  9.55792   2.28671   1.000 65.80318  ? 150 LEU B N   1 
ATOM 1123 C CA  . LEU B 2 12  ? -4.84260  8.11962   2.05050   1.000 62.72729  ? 150 LEU B CA  1 
ATOM 1124 C C   . LEU B 2 12  ? -4.44532  7.33254   3.29407   1.000 61.75437  ? 150 LEU B C   1 
ATOM 1125 O O   . LEU B 2 12  ? -5.03966  6.28777   3.58345   1.000 60.78409  ? 150 LEU B O   1 
ATOM 1126 C CB  . LEU B 2 12  ? -3.93556  7.75924   0.87673   1.000 61.82295  ? 150 LEU B CB  1 
ATOM 1127 C CG  . LEU B 2 12  ? -4.67639  7.59641   -0.44915  1.000 67.73004  ? 150 LEU B CG  1 
ATOM 1128 C CD1 . LEU B 2 12  ? -3.72830  7.13457   -1.54427  1.000 72.34340  ? 150 LEU B CD1 1 
ATOM 1129 C CD2 . LEU B 2 12  ? -5.84370  6.63638   -0.29378  1.000 67.96129  ? 150 LEU B CD2 1 
ATOM 1130 N N   . ARG B 2 13  ? -3.44161  7.80708   4.03624   1.000 54.72784  ? 151 ARG B N   1 
ATOM 1131 C CA  . ARG B 2 13  ? -3.12478  7.18366   5.31744   1.000 61.75839  ? 151 ARG B CA  1 
ATOM 1132 C C   . ARG B 2 13  ? -4.28899  7.32807   6.28740   1.000 60.93718  ? 151 ARG B C   1 
ATOM 1133 O O   . ARG B 2 13  ? -4.66110  6.37137   6.97612   1.000 62.79052  ? 151 ARG B O   1 
ATOM 1134 C CB  . ARG B 2 13  ? -1.85732  7.79610   5.91343   1.000 61.07179  ? 151 ARG B CB  1 
ATOM 1135 C CG  . ARG B 2 13  ? -1.23868  6.95494   7.01848   1.000 63.81488  ? 151 ARG B CG  1 
ATOM 1136 C CD  . ARG B 2 13  ? 0.13543   7.46738   7.40584   1.000 68.97216  ? 151 ARG B CD  1 
ATOM 1137 N NE  . ARG B 2 13  ? 0.16486   8.92300   7.45907   1.000 72.57987  ? 151 ARG B NE  1 
ATOM 1138 C CZ  . ARG B 2 13  ? 1.03206   9.62868   8.17095   1.000 78.91429  ? 151 ARG B CZ  1 
ATOM 1139 N NH1 . ARG B 2 13  ? 1.96677   9.04163   8.90086   1.000 82.68730  ? 151 ARG B NH1 1 
ATOM 1140 N NH2 . ARG B 2 13  ? 0.95903   10.95664  8.15064   1.000 73.19948  ? 151 ARG B NH2 1 
ATOM 1141 N N   . ARG B 2 14  ? -4.86926  8.52792   6.35505   1.000 62.21343  ? 152 ARG B N   1 
ATOM 1142 C CA  . ARG B 2 14  ? -6.04923  8.75436   7.18207   1.000 56.71760  ? 152 ARG B CA  1 
ATOM 1143 C C   . ARG B 2 14  ? -7.16589  7.78299   6.82211   1.000 63.79206  ? 152 ARG B C   1 
ATOM 1144 O O   . ARG B 2 14  ? -7.72264  7.10460   7.69300   1.000 67.65058  ? 152 ARG B O   1 
ATOM 1145 C CB  . ARG B 2 14  ? -6.51498  10.20039  7.01915   1.000 62.26322  ? 152 ARG B CB  1 
ATOM 1146 C CG  . ARG B 2 14  ? -7.72857  10.56270  7.84573   1.000 74.63756  ? 152 ARG B CG  1 
ATOM 1147 C CD  . ARG B 2 14  ? -8.59279  11.59909  7.13949   1.000 84.28445  ? 152 ARG B CD  1 
ATOM 1148 N NE  . ARG B 2 14  ? -9.87037  11.81099  7.81079   1.000 85.45926  ? 152 ARG B NE  1 
ATOM 1149 C CZ  . ARG B 2 14  ? -11.02655 11.30346  7.40582   1.000 88.64820  ? 152 ARG B CZ  1 
ATOM 1150 N NH1 . ARG B 2 14  ? -11.10762 10.54547  6.32512   1.000 87.59408  ? 152 ARG B NH1 1 
ATOM 1151 N NH2 . ARG B 2 14  ? -12.12999 11.56568  8.10132   1.000 79.80781  ? 152 ARG B NH2 1 
ATOM 1152 N N   . ILE B 2 15  ? -7.50389  7.70490   5.53454   1.000 68.52601  ? 153 ILE B N   1 
ATOM 1153 C CA  . ILE B 2 15  ? -8.51440  6.75899   5.07480   1.000 68.07754  ? 153 ILE B CA  1 
ATOM 1154 C C   . ILE B 2 15  ? -8.02349  5.32554   5.25088   1.000 66.24455  ? 153 ILE B C   1 
ATOM 1155 O O   . ILE B 2 15  ? -8.79886  4.42553   5.59784   1.000 65.27217  ? 153 ILE B O   1 
ATOM 1156 C CB  . ILE B 2 15  ? -8.88327  7.06952   3.61109   1.000 67.40378  ? 153 ILE B CB  1 
ATOM 1157 C CG1 . ILE B 2 15  ? -9.70460  8.35753   3.52741   1.000 70.99660  ? 153 ILE B CG1 1 
ATOM 1158 C CG2 . ILE B 2 15  ? -9.63890  5.92162   2.97815   1.000 66.89357  ? 153 ILE B CG2 1 
ATOM 1159 C CD1 . ILE B 2 15  ? -11.14717 8.19366   3.95292   1.000 90.71192  ? 153 ILE B CD1 1 
ATOM 1160 N N   . GLY B 2 16  ? -6.72764  5.09243   5.03212   1.000 63.03553  ? 154 GLY B N   1 
ATOM 1161 C CA  . GLY B 2 16  ? -6.19657  3.74570   5.16362   1.000 65.13936  ? 154 GLY B CA  1 
ATOM 1162 C C   . GLY B 2 16  ? -6.11840  3.27864   6.60457   1.000 63.80428  ? 154 GLY B C   1 
ATOM 1163 O O   . GLY B 2 16  ? -6.36506  2.10617   6.90004   1.000 62.36543  ? 154 GLY B O   1 
ATOM 1164 N N   . ASP B 2 17  ? -5.76855  4.18429   7.52016   1.000 66.31574  ? 155 ASP B N   1 
ATOM 1165 C CA  . ASP B 2 17  ? -5.72283  3.81510   8.93035   1.000 64.08455  ? 155 ASP B CA  1 
ATOM 1166 C C   . ASP B 2 17  ? -7.11869  3.57050   9.48467   1.000 60.04432  ? 155 ASP B C   1 
ATOM 1167 O O   . ASP B 2 17  ? -7.28279  2.78065   10.42080  1.000 75.80841  ? 155 ASP B O   1 
ATOM 1168 C CB  . ASP B 2 17  ? -5.01200  4.90064   9.73445   1.000 57.96001  ? 155 ASP B CB  1 
ATOM 1169 C CG  . ASP B 2 17  ? -3.50609  4.72349   9.74664   1.000 79.15146  ? 155 ASP B CG  1 
ATOM 1170 O OD1 . ASP B 2 17  ? -3.03721  3.56499   9.71892   1.000 73.89878  ? 155 ASP B OD1 1 
ATOM 1171 O OD2 . ASP B 2 17  ? -2.78993  5.74676   9.76332   1.000 88.55643  ? 155 ASP B OD2 1 
ATOM 1172 N N   . GLU B 2 18  ? -8.13197  4.23236   8.92256   1.000 69.23145  ? 156 GLU B N   1 
ATOM 1173 C CA  . GLU B 2 18  ? -9.50582  3.96722   9.33378   1.000 73.28248  ? 156 GLU B CA  1 
ATOM 1174 C C   . GLU B 2 18  ? -9.98611  2.61080   8.83389   1.000 71.50364  ? 156 GLU B C   1 
ATOM 1175 O O   . GLU B 2 18  ? -10.81739 1.96974   9.48725   1.000 79.83029  ? 156 GLU B O   1 
ATOM 1176 C CB  . GLU B 2 18  ? -10.42723 5.07722   8.82871   1.000 61.61083  ? 156 GLU B CB  1 
ATOM 1177 C CG  . GLU B 2 18  ? -10.22316 6.41330   9.52030   1.000 66.62945  ? 156 GLU B CG  1 
ATOM 1178 C CD  . GLU B 2 18  ? -11.08022 7.51225   8.92487   1.000 80.94001  ? 156 GLU B CD  1 
ATOM 1179 O OE1 . GLU B 2 18  ? -12.09910 7.18818   8.27854   1.000 83.01640  ? 156 GLU B OE1 1 
ATOM 1180 O OE2 . GLU B 2 18  ? -10.72991 8.69950   9.09476   1.000 73.35702  ? 156 GLU B OE2 1 
ATOM 1181 N N   . PHE B 2 19  ? -9.47921  2.16231   7.68202   1.000 70.46329  ? 157 PHE B N   1 
ATOM 1182 C CA  . PHE B 2 19  ? -9.85040  0.84889   7.16453   1.000 78.53215  ? 157 PHE B CA  1 
ATOM 1183 C C   . PHE B 2 19  ? -9.36107  -0.26320  8.08303   1.000 76.62762  ? 157 PHE B C   1 
ATOM 1184 O O   . PHE B 2 19  ? -10.09628 -1.21775  8.36127   1.000 79.02519  ? 157 PHE B O   1 
ATOM 1185 C CB  . PHE B 2 19  ? -9.28856  0.66674   5.75221   1.000 75.68476  ? 157 PHE B CB  1 
ATOM 1186 C CG  . PHE B 2 19  ? -9.06914  -0.77054  5.36326   1.000 75.96452  ? 157 PHE B CG  1 
ATOM 1187 C CD1 . PHE B 2 19  ? -10.12077 -1.54473  4.90270   1.000 73.38256  ? 157 PHE B CD1 1 
ATOM 1188 C CD2 . PHE B 2 19  ? -7.81024  -1.34720  5.45977   1.000 77.76277  ? 157 PHE B CD2 1 
ATOM 1189 C CE1 . PHE B 2 19  ? -9.92371  -2.86490  4.54469   1.000 84.31943  ? 157 PHE B CE1 1 
ATOM 1190 C CE2 . PHE B 2 19  ? -7.60712  -2.66895  5.10716   1.000 78.65877  ? 157 PHE B CE2 1 
ATOM 1191 C CZ  . PHE B 2 19  ? -8.66434  -3.42844  4.64823   1.000 87.54499  ? 157 PHE B CZ  1 
ATOM 1192 N N   . ASN B 2 20  ? -8.11706  -0.15932  8.55811   1.000 76.32540  ? 158 ASN B N   1 
ATOM 1193 C CA  . ASN B 2 20  ? -7.56795  -1.18571  9.43803   1.000 77.09546  ? 158 ASN B CA  1 
ATOM 1194 C C   . ASN B 2 20  ? -8.27639  -1.19406  10.78582  1.000 72.71945  ? 158 ASN B C   1 
ATOM 1195 O O   . ASN B 2 20  ? -8.42443  -2.25122  11.40999  1.000 71.11860  ? 158 ASN B O   1 
ATOM 1196 C CB  . ASN B 2 20  ? -6.06750  -0.96557  9.62214   1.000 76.60035  ? 158 ASN B CB  1 
ATOM 1197 C CG  . ASN B 2 20  ? -5.25836  -1.47049  8.44615   1.000 79.44990  ? 158 ASN B CG  1 
ATOM 1198 O OD1 . ASN B 2 20  ? -4.33951  -0.79944  7.97617   1.000 79.68323  ? 158 ASN B OD1 1 
ATOM 1199 N ND2 . ASN B 2 20  ? -5.59910  -2.65797  7.95994   1.000 79.79334  ? 158 ASN B ND2 1 
ATOM 1200 N N   . ALA B 2 21  ? -8.71863  -0.02751  11.25055  1.000 68.45943  ? 159 ALA B N   1 
ATOM 1201 C CA  . ALA B 2 21  ? -9.43924  0.05936   12.51232  1.000 77.39714  ? 159 ALA B CA  1 
ATOM 1202 C C   . ALA B 2 21  ? -10.73806 -0.73259  12.44049  1.000 81.70910  ? 159 ALA B C   1 
ATOM 1203 O O   . ALA B 2 21  ? -10.88634 -1.75651  13.11552  1.000 93.27666  ? 159 ALA B O   1 
ATOM 1204 C CB  . ALA B 2 21  ? -9.72004  1.51950   12.87207  1.000 76.34577  ? 159 ALA B CB  1 
ATOM 1205 N N   . TYR B 2 22  ? -11.67762 -0.27777  11.61574  1.000 78.61018  ? 160 TYR B N   1 
ATOM 1206 C CA  . TYR B 2 22  ? -12.99110 -0.91090  11.52373  1.000 75.87051  ? 160 TYR B CA  1 
ATOM 1207 C C   . TYR B 2 22  ? -13.06636 -1.78867  10.27497  1.000 85.22100  ? 160 TYR B C   1 
ATOM 1208 O O   . TYR B 2 22  ? -13.81057 -1.52944  9.32899   1.000 95.04772  ? 160 TYR B O   1 
ATOM 1209 C CB  . TYR B 2 22  ? -14.09001 0.14672   11.53915  1.000 85.46447  ? 160 TYR B CB  1 
ATOM 1210 C CG  . TYR B 2 22  ? -15.26050 -0.22317  12.41967  1.000 100.29324 ? 160 TYR B CG  1 
ATOM 1211 C CD1 . TYR B 2 22  ? -15.12548 -0.27767  13.80136  1.000 87.70139  ? 160 TYR B CD1 1 
ATOM 1212 C CD2 . TYR B 2 22  ? -16.49895 -0.52605  11.86931  1.000 93.86207  ? 160 TYR B CD2 1 
ATOM 1213 C CE1 . TYR B 2 22  ? -16.19118 -0.62046  14.60942  1.000 83.29533  ? 160 TYR B CE1 1 
ATOM 1214 C CE2 . TYR B 2 22  ? -17.57132 -0.86910  12.66987  1.000 89.54571  ? 160 TYR B CE2 1 
ATOM 1215 C CZ  . TYR B 2 22  ? -17.41170 -0.91451  14.03923  1.000 90.07184  ? 160 TYR B CZ  1 
ATOM 1216 O OH  . TYR B 2 22  ? -18.47576 -1.25481  14.84280  1.000 87.50165  ? 160 TYR B OH  1 
ATOM 1217 N N   . TYR B 2 23  ? -12.26936 -2.85727  10.29528  1.000 92.66118  ? 161 TYR B N   1 
ATOM 1218 C CA  . TYR B 2 23  ? -12.32072 -3.86017  9.23813   1.000 87.29946  ? 161 TYR B CA  1 
ATOM 1219 C C   . TYR B 2 23  ? -13.20102 -5.02548  9.67479   1.000 96.07705  ? 161 TYR B C   1 
ATOM 1220 O O   . TYR B 2 23  ? -14.41680 -4.86526  9.82647   1.000 101.67381 ? 161 TYR B O   1 
ATOM 1221 C CB  . TYR B 2 23  ? -10.91484 -4.34811  8.87774   1.000 89.58836  ? 161 TYR B CB  1 
ATOM 1222 C CG  . TYR B 2 23  ? -10.84918 -5.13578  7.58469   1.000 91.60674  ? 161 TYR B CG  1 
ATOM 1223 C CD1 . TYR B 2 23  ? -11.79979 -4.95669  6.58854   1.000 82.84450  ? 161 TYR B CD1 1 
ATOM 1224 C CD2 . TYR B 2 23  ? -9.84857  -6.07545  7.37194   1.000 79.59616  ? 161 TYR B CD2 1 
ATOM 1225 C CE1 . TYR B 2 23  ? -11.74397 -5.67895  5.41157   1.000 76.35915  ? 161 TYR B CE1 1 
ATOM 1226 C CE2 . TYR B 2 23  ? -9.78652  -6.80299  6.20116   1.000 70.65945  ? 161 TYR B CE2 1 
ATOM 1227 C CZ  . TYR B 2 23  ? -10.73670 -6.60297  5.22563   1.000 72.41613  ? 161 TYR B CZ  1 
ATOM 1228 O OH  . TYR B 2 23  ? -10.67566 -7.32815  4.05953   1.000 74.95128  ? 161 TYR B OH  1 
ATOM 1229 N N   . ALA B 2 24  ? -12.59976 -6.19894  9.88361   1.000 97.21476  ? 162 ALA B N   1 
ATOM 1230 C CA  . ALA B 2 24  ? -13.36419 -7.35399  10.34329  1.000 99.36099  ? 162 ALA B CA  1 
ATOM 1231 C C   . ALA B 2 24  ? -13.96636 -7.09098  11.71762  1.000 100.25378 ? 162 ALA B C   1 
ATOM 1232 O O   . ALA B 2 24  ? -15.19094 -7.08135  11.88385  1.000 102.86310 ? 162 ALA B O   1 
ATOM 1233 C CB  . ALA B 2 24  ? -12.47444 -8.59782  10.36734  1.000 98.55207  ? 162 ALA B CB  1 
ATOM 1234 N N   . ARG B 2 25  ? -13.11332 -6.86716  12.71295  1.000 103.66443 ? 163 ARG B N   1 
ATOM 1235 C CA  . ARG B 2 25  ? -13.54392 -6.51384  14.06201  1.000 114.55208 ? 163 ARG B CA  1 
ATOM 1236 C C   . ARG B 2 25  ? -12.39924 -5.87334  14.84068  1.000 116.74312 ? 163 ARG B C   1 
ATOM 1237 O O   . ARG B 2 25  ? -11.62395 -5.08945  14.29080  1.000 112.84451 ? 163 ARG B O   1 
ATOM 1238 C CB  . ARG B 2 25  ? -14.06719 -7.74365  14.80666  1.000 116.33912 ? 163 ARG B CB  1 
ATOM 1239 C CG  . ARG B 2 25  ? -15.58387 -7.83363  14.85833  1.000 115.08254 ? 163 ARG B CG  1 
ATOM 1240 C CD  . ARG B 2 25  ? -16.05283 -9.27447  14.90414  1.000 127.19677 ? 163 ARG B CD  1 
ATOM 1241 N NE  . ARG B 2 25  ? -15.23116 -10.09460 15.78536  1.000 123.03279 ? 163 ARG B NE  1 
ATOM 1242 C CZ  . ARG B 2 25  ? -15.36677 -11.40602 15.92402  1.000 119.92646 ? 163 ARG B CZ  1 
ATOM 1243 N NH1 . ARG B 2 25  ? -16.28291 -12.08068 15.24887  1.000 118.87995 ? 163 ARG B NH1 1 
ATOM 1244 N NH2 . ARG B 2 25  ? -14.56402 -12.05682 16.76132  1.000 127.40180 ? 163 ARG B NH2 1 
# 
